data_3EUI
# 
_entry.id   3EUI 
# 
_audit_conform.dict_name       mmcif_pdbx.dic 
_audit_conform.dict_version    5.378 
_audit_conform.dict_location   http://mmcif.pdb.org/dictionaries/ascii/mmcif_pdbx.dic 
# 
loop_
_database_2.database_id 
_database_2.database_code 
_database_2.pdbx_database_accession 
_database_2.pdbx_DOI 
PDB   3EUI         pdb_00003eui 10.2210/pdb3eui/pdb 
NDB   DD0100       ?            ?                   
RCSB  RCSB049782   ?            ?                   
WWPDB D_1000049782 ?            ?                   
# 
loop_
_pdbx_database_related.db_name 
_pdbx_database_related.db_id 
_pdbx_database_related.details 
_pdbx_database_related.content_type 
PDB 1L1H 'Same quadruplex structure bound with a different ligand BSU-6039' unspecified 
PDB 1JPQ 'Same quadruplex structure in its native form (ligand-free)' unspecified 
PDB 1JRN 'Same quadruplex structure in its native form (ligand-free)' unspecified 
PDB 3CE5 
'A bimolecular parallel-stranded human telomeric quadruplex in complex with a 3,6,9-trisubstituted acridine molecular BRACO19' 
unspecified 
PDB 3EM2 
'A bimolecular anti-parallel-stranded Oxytricha nova telomeric quadruplex in complex with a 3,6-disubstituted acridine BSU-6038' 
unspecified 
PDB 3EQW 
;A bimolecular anti-parallel-stranded Oxytricha nova telomeric quadruplex in complex with a 3,6-disubstituted acridine BSU-6042 in small unit cell
;
unspecified 
PDB 3ERU 
'A bimolecular anti-parallel-stranded Oxytricha nova telomeric quadruplex in complex with a 3,6-disubstituted acridine BSU-6045' 
unspecified 
PDB 3ES0 
'A bimolecular anti-parallel-stranded Oxytricha nova telomeric quadruplex in complex with a 3,6-disubstituted acridine BSU-6048' 
unspecified 
PDB 3ET8 
'A bimolecular anti-parallel-stranded Oxytricha nova telomeric quadruplex in complex with a 3,6-disubstituted acridine BSU-6054' 
unspecified 
PDB 3EUM 
'A bimolecular anti-parallel-stranded Oxytricha nova telomeric quadruplex in complex with a 3,6-disubstituted acridine BSU-6066' 
unspecified 
# 
_pdbx_database_status.status_code                     REL 
_pdbx_database_status.entry_id                        3EUI 
_pdbx_database_status.recvd_initial_deposition_date   2008-10-10 
_pdbx_database_status.deposit_site                    RCSB 
_pdbx_database_status.process_site                    RCSB 
_pdbx_database_status.status_code_sf                  REL 
_pdbx_database_status.status_code_mr                  ? 
_pdbx_database_status.SG_entry                        ? 
_pdbx_database_status.pdb_format_compatible           Y 
_pdbx_database_status.status_code_cs                  ? 
_pdbx_database_status.methods_development_category    ? 
_pdbx_database_status.status_code_nmr_data            ? 
# 
loop_
_audit_author.name 
_audit_author.pdbx_ordinal 
'Campbell, N.H.' 1 
'Parkinson, G.'  2 
'Neidle, S.'     3 
# 
_citation.id                        primary 
_citation.title                     'Selectivity in Ligand Recognition of G-Quadruplex Loops.' 
_citation.journal_abbrev            Biochemistry 
_citation.journal_volume            48 
_citation.page_first                1675 
_citation.page_last                 1680 
_citation.year                      2009 
_citation.journal_id_ASTM           BICHAW 
_citation.country                   US 
_citation.journal_id_ISSN           0006-2960 
_citation.journal_id_CSD            0033 
_citation.book_publisher            ? 
_citation.pdbx_database_id_PubMed   19173611 
_citation.pdbx_database_id_DOI      10.1021/bi802233v 
# 
loop_
_citation_author.citation_id 
_citation_author.name 
_citation_author.ordinal 
_citation_author.identifier_ORCID 
primary 'Campbell, N.H.'  1 ? 
primary 'Patel, M.'       2 ? 
primary 'Tofa, A.B.'      3 ? 
primary 'Ghosh, R.'       4 ? 
primary 'Parkinson, G.N.' 5 ? 
primary 'Neidle, S.'      6 ? 
# 
_cell.entry_id           3EUI 
_cell.length_a           55.356 
_cell.length_b           42.542 
_cell.length_c           48.636 
_cell.angle_alpha        90.00 
_cell.angle_beta         90.00 
_cell.angle_gamma        90.00 
_cell.Z_PDB              16 
_cell.pdbx_unique_axis   ? 
_cell.length_a_esd       ? 
_cell.length_b_esd       ? 
_cell.length_c_esd       ? 
_cell.angle_alpha_esd    ? 
_cell.angle_beta_esd     ? 
_cell.angle_gamma_esd    ? 
# 
_symmetry.entry_id                         3EUI 
_symmetry.space_group_name_H-M             'P 21 21 21' 
_symmetry.pdbx_full_space_group_name_H-M   ? 
_symmetry.cell_setting                     ? 
_symmetry.Int_Tables_number                19 
_symmetry.space_group_name_Hall            ? 
# 
loop_
_entity.id 
_entity.type 
_entity.src_method 
_entity.pdbx_description 
_entity.formula_weight 
_entity.pdbx_number_of_molecules 
_entity.pdbx_ec 
_entity.pdbx_mutation 
_entity.pdbx_fragment 
_entity.details 
1 polymer     syn "5'-D(*DGP*DGP*DGP*DGP*DTP*DTP*DTP*DTP*DGP*DGP*DGP*DG)-3'"                                                     
3805.460 4   ? ? ? 'Bimolecular anti-parallel-stranded DNA quadruplex' 
2 non-polymer syn 'POTASSIUM ION'                                                                                                
39.098   8   ? ? ? ?                                                   
3 non-polymer syn '3-[(2R)-2-ethylpiperidin-1-yl]-N-[6-({3-[(2S)-2-ethylpiperidin-1-yl]propanoyl}amino)acridin-3-yl]propanamide' 
543.743  1   ? ? ? ?                                                   
4 non-polymer syn SPERMINE                                                                                                       
202.340  1   ? ? ? ?                                                   
5 non-polymer syn '3,6-Bis{3-[(2R)-(2-ethylpiperidino)]propionamido}acridine'                                                    
543.743  1   ? ? ? ?                                                   
6 water       nat water                                                                                                          
18.015   162 ? ? ? ?                                                   
# 
_entity_poly.entity_id                      1 
_entity_poly.type                           polydeoxyribonucleotide 
_entity_poly.nstd_linkage                   no 
_entity_poly.nstd_monomer                   no 
_entity_poly.pdbx_seq_one_letter_code       '(DG)(DG)(DG)(DG)(DT)(DT)(DT)(DT)(DG)(DG)(DG)(DG)' 
_entity_poly.pdbx_seq_one_letter_code_can   GGGGTTTTGGGG 
_entity_poly.pdbx_strand_id                 A,B,C,D 
_entity_poly.pdbx_target_identifier         ? 
# 
loop_
_entity_poly_seq.entity_id 
_entity_poly_seq.num 
_entity_poly_seq.mon_id 
_entity_poly_seq.hetero 
1 1  DG n 
1 2  DG n 
1 3  DG n 
1 4  DG n 
1 5  DT n 
1 6  DT n 
1 7  DT n 
1 8  DT n 
1 9  DG n 
1 10 DG n 
1 11 DG n 
1 12 DG n 
# 
_pdbx_entity_src_syn.entity_id              1 
_pdbx_entity_src_syn.pdbx_src_id            1 
_pdbx_entity_src_syn.pdbx_alt_source_flag   sample 
_pdbx_entity_src_syn.pdbx_beg_seq_num       ? 
_pdbx_entity_src_syn.pdbx_end_seq_num       ? 
_pdbx_entity_src_syn.organism_scientific    ? 
_pdbx_entity_src_syn.organism_common_name   ? 
_pdbx_entity_src_syn.ncbi_taxonomy_id       ? 
_pdbx_entity_src_syn.details                'This sequence occurs naturally in Oxytricha nova' 
# 
_struct_ref.id                         1 
_struct_ref.db_name                    PDB 
_struct_ref.db_code                    3EUI 
_struct_ref.pdbx_db_accession          3EUI 
_struct_ref.entity_id                  1 
_struct_ref.pdbx_align_begin           1 
_struct_ref.pdbx_seq_one_letter_code   GGGGTTTTGGGG 
_struct_ref.pdbx_db_isoform            ? 
# 
loop_
_struct_ref_seq.align_id 
_struct_ref_seq.ref_id 
_struct_ref_seq.pdbx_PDB_id_code 
_struct_ref_seq.pdbx_strand_id 
_struct_ref_seq.seq_align_beg 
_struct_ref_seq.pdbx_seq_align_beg_ins_code 
_struct_ref_seq.seq_align_end 
_struct_ref_seq.pdbx_seq_align_end_ins_code 
_struct_ref_seq.pdbx_db_accession 
_struct_ref_seq.db_align_beg 
_struct_ref_seq.pdbx_db_align_beg_ins_code 
_struct_ref_seq.db_align_end 
_struct_ref_seq.pdbx_db_align_end_ins_code 
_struct_ref_seq.pdbx_auth_seq_align_beg 
_struct_ref_seq.pdbx_auth_seq_align_end 
1 1 3EUI A 1 ? 12 ? 3EUI 1  ? 12 ? 1  12 
2 1 3EUI B 1 ? 12 ? 3EUI 13 ? 24 ? 13 24 
3 1 3EUI C 1 ? 12 ? 3EUI 25 ? 36 ? 25 36 
4 1 3EUI D 1 ? 12 ? 3EUI 37 ? 48 ? 37 48 
# 
loop_
_chem_comp.id 
_chem_comp.type 
_chem_comp.mon_nstd_flag 
_chem_comp.name 
_chem_comp.pdbx_synonyms 
_chem_comp.formula 
_chem_comp.formula_weight 
DG  'DNA linking' y "2'-DEOXYGUANOSINE-5'-MONOPHOSPHATE"                                                                           
?                                                                      'C10 H14 N5 O7 P' 347.221 
DT  'DNA linking' y "THYMIDINE-5'-MONOPHOSPHATE"                                                                                   
?                                                                      'C10 H15 N2 O8 P' 322.208 
HOH non-polymer   . WATER                                                                                                          
?                                                                      'H2 O'            18.015  
K   non-polymer   . 'POTASSIUM ION'                                                                                                
?                                                                      'K 1'             39.098  
NC5 non-polymer   . '3-[(2R)-2-ethylpiperidin-1-yl]-N-[6-({3-[(2S)-2-ethylpiperidin-1-yl]propanoyl}amino)acridin-3-yl]propanamide' 
?                                                                      'C33 H45 N5 O2'   543.743 
NCI non-polymer   . '3,6-Bis{3-[(2R)-(2-ethylpiperidino)]propionamido}acridine'                                                    
"N,N'-acridine-3,6-diylbis{3-[(2R)-2-ethylpiperidin-1-yl]propanamide}" 'C33 H45 N5 O2'   543.743 
SPM non-polymer   . SPERMINE                                                                                                       
?                                                                      'C10 H26 N4'      202.340 
# 
_exptl.entry_id          3EUI 
_exptl.method            'X-RAY DIFFRACTION' 
_exptl.crystals_number   1 
# 
_exptl_crystal.id                    1 
_exptl_crystal.density_meas          ? 
_exptl_crystal.density_Matthews      1.88 
_exptl_crystal.density_percent_sol   34.61 
_exptl_crystal.description           ? 
_exptl_crystal.F_000                 ? 
_exptl_crystal.preparation           ? 
# 
_exptl_crystal_grow.crystal_id      1 
_exptl_crystal_grow.method          'VAPOR DIFFUSION, HANGING DROP' 
_exptl_crystal_grow.temp            285.15 
_exptl_crystal_grow.temp_details    ? 
_exptl_crystal_grow.pH              7.0 
_exptl_crystal_grow.pdbx_details    
;2 microliter drops containing 5% v/v MPD, 0.50 mM DNA, 0.25 mM Ligand, 40 mM Potassium chloride, 5 mM Magnesium chloride, 4.1 Spermine equilibrated against 35% v/v MPD, pH 7.0, VAPOR DIFFUSION, HANGING DROP, temperature 285.15K
;
_exptl_crystal_grow.pdbx_pH_range   ? 
# 
loop_
_exptl_crystal_grow_comp.crystal_id 
_exptl_crystal_grow_comp.id 
_exptl_crystal_grow_comp.sol_id 
_exptl_crystal_grow_comp.name 
_exptl_crystal_grow_comp.volume 
_exptl_crystal_grow_comp.conc 
_exptl_crystal_grow_comp.details 
1 1 1 MPD                  ? ? ? 
1 2 1 'Potassium chloride' ? ? ? 
1 3 1 'Magnesium chloride' ? ? ? 
1 4 1 Spermine             ? ? ? 
1 5 2 MPD                  ? ? ? 
# 
_diffrn.id                     1 
_diffrn.ambient_temp           105 
_diffrn.ambient_temp_details   ? 
_diffrn.crystal_id             1 
# 
_diffrn_detector.diffrn_id              1 
_diffrn_detector.detector               'IMAGE PLATE' 
_diffrn_detector.type                   'RIGAKU RAXIS IV' 
_diffrn_detector.pdbx_collection_date   2006-06-20 
_diffrn_detector.details                mirrors 
# 
_diffrn_radiation.diffrn_id                        1 
_diffrn_radiation.wavelength_id                    1 
_diffrn_radiation.pdbx_monochromatic_or_laue_m_l   M 
_diffrn_radiation.monochromator                    'Osmic mirrors' 
_diffrn_radiation.pdbx_diffrn_protocol             'SINGLE WAVELENGTH' 
_diffrn_radiation.pdbx_scattering_type             x-ray 
# 
_diffrn_radiation_wavelength.id           1 
_diffrn_radiation_wavelength.wavelength   1.5418 
_diffrn_radiation_wavelength.wt           1.0 
# 
_diffrn_source.diffrn_id                   1 
_diffrn_source.source                      'ROTATING ANODE' 
_diffrn_source.type                        'RIGAKU RU200' 
_diffrn_source.pdbx_synchrotron_site       ? 
_diffrn_source.pdbx_synchrotron_beamline   ? 
_diffrn_source.pdbx_wavelength             ? 
_diffrn_source.pdbx_wavelength_list        1.5418 
# 
_reflns.entry_id                     3EUI 
_reflns.observed_criterion_sigma_I   3.00 
_reflns.observed_criterion_sigma_F   ? 
_reflns.d_resolution_low             27.72 
_reflns.d_resolution_high            2.20 
_reflns.number_obs                   5854 
_reflns.number_all                   6193 
_reflns.percent_possible_obs         94.5 
_reflns.pdbx_Rmerge_I_obs            0.087 
_reflns.pdbx_Rsym_value              ? 
_reflns.pdbx_netI_over_sigmaI        8.3 
_reflns.B_iso_Wilson_estimate        34.254 
_reflns.pdbx_redundancy              3.61 
_reflns.R_free_details               ? 
_reflns.pdbx_chi_squared             ? 
_reflns.pdbx_scaling_rejects         ? 
_reflns.pdbx_diffrn_id               1 
_reflns.pdbx_ordinal                 1 
# 
_reflns_shell.d_res_high             2.20 
_reflns_shell.d_res_low              2.28 
_reflns_shell.percent_possible_all   92.1 
_reflns_shell.Rmerge_I_obs           0.181 
_reflns_shell.pdbx_Rsym_value        ? 
_reflns_shell.meanI_over_sigI_obs    5.2 
_reflns_shell.pdbx_redundancy        3.59 
_reflns_shell.percent_possible_obs   ? 
_reflns_shell.number_unique_all      545 
_reflns_shell.number_measured_all    ? 
_reflns_shell.number_measured_obs    ? 
_reflns_shell.number_unique_obs      ? 
_reflns_shell.pdbx_chi_squared       ? 
_reflns_shell.pdbx_diffrn_id         ? 
_reflns_shell.pdbx_ordinal           1 
# 
_refine.entry_id                                 3EUI 
_refine.ls_number_reflns_obs                     5575 
_refine.ls_number_reflns_all                     5854 
_refine.pdbx_ls_sigma_I                          ? 
_refine.pdbx_ls_sigma_F                          ? 
_refine.pdbx_data_cutoff_high_absF               ? 
_refine.pdbx_data_cutoff_low_absF                ? 
_refine.pdbx_data_cutoff_high_rms_absF           ? 
_refine.ls_d_res_low                             27.68 
_refine.ls_d_res_high                            2.20 
_refine.ls_percent_reflns_obs                    94.51 
_refine.ls_R_factor_obs                          0.23691 
_refine.ls_R_factor_all                          ? 
_refine.ls_R_factor_R_work                       0.23422 
_refine.ls_R_factor_R_free                       0.28506 
_refine.ls_R_factor_R_free_error                 ? 
_refine.ls_R_factor_R_free_error_details         ? 
_refine.ls_percent_reflns_R_free                 4.7 
_refine.ls_number_reflns_R_free                  277 
_refine.ls_number_parameters                     ? 
_refine.ls_number_restraints                     ? 
_refine.occupancy_min                            ? 
_refine.occupancy_max                            ? 
_refine.correlation_coeff_Fo_to_Fc               0.946 
_refine.correlation_coeff_Fo_to_Fc_free          0.930 
_refine.B_iso_mean                               20.772 
_refine.aniso_B[1][1]                            -0.36 
_refine.aniso_B[2][2]                            -3.27 
_refine.aniso_B[3][3]                            3.63 
_refine.aniso_B[1][2]                            0.00 
_refine.aniso_B[1][3]                            0.00 
_refine.aniso_B[2][3]                            0.00 
_refine.solvent_model_details                    MASK 
_refine.solvent_model_param_ksol                 ? 
_refine.solvent_model_param_bsol                 ? 
_refine.pdbx_solvent_vdw_probe_radii             1.20 
_refine.pdbx_solvent_ion_probe_radii             0.80 
_refine.pdbx_solvent_shrinkage_radii             0.80 
_refine.pdbx_ls_cross_valid_method               THROUGHOUT 
_refine.details                                  ? 
_refine.pdbx_starting_model                      'PDB entry 1L1H' 
_refine.pdbx_method_to_determine_struct          'MOLECULAR REPLACEMENT' 
_refine.pdbx_isotropic_thermal_model             ? 
_refine.pdbx_stereochemistry_target_values       'MAXIMUM LIKELIHOOD' 
_refine.pdbx_stereochem_target_val_spec_case     ? 
_refine.pdbx_R_Free_selection_details            RANDOM 
_refine.pdbx_overall_ESU_R                       0.878 
_refine.pdbx_overall_ESU_R_Free                  0.311 
_refine.overall_SU_ML                            0.225 
_refine.overall_SU_B                             8.406 
_refine.ls_redundancy_reflns_obs                 ? 
_refine.overall_SU_R_Cruickshank_DPI             ? 
_refine.overall_SU_R_free                        ? 
_refine.ls_wR_factor_R_free                      ? 
_refine.ls_wR_factor_R_work                      ? 
_refine.overall_FOM_free_R_set                   ? 
_refine.overall_FOM_work_R_set                   ? 
_refine.pdbx_overall_phase_error                 ? 
_refine.pdbx_refine_id                           'X-RAY DIFFRACTION' 
_refine.pdbx_diffrn_id                           1 
_refine.pdbx_TLS_residual_ADP_flag               ? 
_refine.pdbx_overall_SU_R_free_Cruickshank_DPI   ? 
_refine.pdbx_overall_SU_R_Blow_DPI               ? 
_refine.pdbx_overall_SU_R_free_Blow_DPI          ? 
# 
_refine_hist.pdbx_refine_id                   'X-RAY DIFFRACTION' 
_refine_hist.cycle_id                         LAST 
_refine_hist.pdbx_number_atoms_protein        0 
_refine_hist.pdbx_number_atoms_nucleic_acid   1012 
_refine_hist.pdbx_number_atoms_ligand         102 
_refine_hist.number_atoms_solvent             162 
_refine_hist.number_atoms_total               1276 
_refine_hist.d_res_high                       2.20 
_refine_hist.d_res_low                        27.68 
# 
loop_
_refine_ls_restr.type 
_refine_ls_restr.dev_ideal 
_refine_ls_restr.dev_ideal_target 
_refine_ls_restr.weight 
_refine_ls_restr.number 
_refine_ls_restr.pdbx_refine_id 
_refine_ls_restr.pdbx_restraint_function 
r_bond_refined_d             0.010 0.021 ? 1237 'X-RAY DIFFRACTION' ? 
r_bond_other_d               ?     ?     ? ?    'X-RAY DIFFRACTION' ? 
r_angle_refined_deg          2.150 3.000 ? 1892 'X-RAY DIFFRACTION' ? 
r_angle_other_deg            ?     ?     ? ?    'X-RAY DIFFRACTION' ? 
r_dihedral_angle_1_deg       ?     ?     ? ?    'X-RAY DIFFRACTION' ? 
r_dihedral_angle_2_deg       ?     ?     ? ?    'X-RAY DIFFRACTION' ? 
r_dihedral_angle_3_deg       ?     ?     ? ?    'X-RAY DIFFRACTION' ? 
r_dihedral_angle_4_deg       ?     ?     ? ?    'X-RAY DIFFRACTION' ? 
r_chiral_restr               0.075 0.200 ? 188  'X-RAY DIFFRACTION' ? 
r_gen_planes_refined         0.009 0.020 ? 612  'X-RAY DIFFRACTION' ? 
r_gen_planes_other           ?     ?     ? ?    'X-RAY DIFFRACTION' ? 
r_nbd_refined                0.340 0.200 ? 506  'X-RAY DIFFRACTION' ? 
r_nbd_other                  ?     ?     ? ?    'X-RAY DIFFRACTION' ? 
r_nbtor_refined              0.311 0.200 ? 694  'X-RAY DIFFRACTION' ? 
r_nbtor_other                ?     ?     ? ?    'X-RAY DIFFRACTION' ? 
r_xyhbond_nbd_refined        0.204 0.200 ? 150  'X-RAY DIFFRACTION' ? 
r_xyhbond_nbd_other          ?     ?     ? ?    'X-RAY DIFFRACTION' ? 
r_metal_ion_refined          0.140 0.200 ? 30   'X-RAY DIFFRACTION' ? 
r_metal_ion_other            ?     ?     ? ?    'X-RAY DIFFRACTION' ? 
r_symmetry_vdw_refined       0.224 0.200 ? 53   'X-RAY DIFFRACTION' ? 
r_symmetry_vdw_other         ?     ?     ? ?    'X-RAY DIFFRACTION' ? 
r_symmetry_hbond_refined     0.210 0.200 ? 17   'X-RAY DIFFRACTION' ? 
r_symmetry_hbond_other       ?     ?     ? ?    'X-RAY DIFFRACTION' ? 
r_symmetry_metal_ion_refined ?     ?     ? ?    'X-RAY DIFFRACTION' ? 
r_symmetry_metal_ion_other   ?     ?     ? ?    'X-RAY DIFFRACTION' ? 
r_mcbond_it                  ?     ?     ? ?    'X-RAY DIFFRACTION' ? 
r_mcbond_other               ?     ?     ? ?    'X-RAY DIFFRACTION' ? 
r_mcangle_it                 ?     ?     ? ?    'X-RAY DIFFRACTION' ? 
r_scbond_it                  1.817 3.000 ? 1381 'X-RAY DIFFRACTION' ? 
r_scangle_it                 2.219 4.500 ? 1892 'X-RAY DIFFRACTION' ? 
r_rigid_bond_restr           ?     ?     ? ?    'X-RAY DIFFRACTION' ? 
r_sphericity_free            ?     ?     ? ?    'X-RAY DIFFRACTION' ? 
r_sphericity_bonded          ?     ?     ? ?    'X-RAY DIFFRACTION' ? 
# 
_refine_ls_shell.pdbx_total_number_of_bins_used   20 
_refine_ls_shell.d_res_high                       2.200 
_refine_ls_shell.d_res_low                        2.257 
_refine_ls_shell.number_reflns_R_work             389 
_refine_ls_shell.R_factor_R_work                  0.231 
_refine_ls_shell.percent_reflns_obs               91.74 
_refine_ls_shell.R_factor_R_free                  0.289 
_refine_ls_shell.R_factor_R_free_error            ? 
_refine_ls_shell.percent_reflns_R_free            ? 
_refine_ls_shell.number_reflns_R_free             22 
_refine_ls_shell.number_reflns_all                ? 
_refine_ls_shell.R_factor_all                     ? 
_refine_ls_shell.number_reflns_obs                ? 
_refine_ls_shell.redundancy_reflns_obs            ? 
_refine_ls_shell.pdbx_refine_id                   'X-RAY DIFFRACTION' 
# 
_struct.entry_id                  3EUI 
_struct.title                     
;A bimolecular anti-parallel-stranded Oxytricha nova telomeric quadruplex in complex with a 3,6-disubstituted acridine BSU-6042 in a large unit cell
;
_struct.pdbx_model_details        ? 
_struct.pdbx_CASP_flag            ? 
_struct.pdbx_model_type_details   ? 
# 
_struct_keywords.entry_id        3EUI 
_struct_keywords.pdbx_keywords   DNA 
_struct_keywords.text            
'quadruplex, Oxytricha nova, BSU-6042, BSU6042, anti-parallel, bimolecular, macromolecule, DNA, G-quadruplex' 
# 
loop_
_struct_asym.id 
_struct_asym.pdbx_blank_PDB_chainid_flag 
_struct_asym.pdbx_modified 
_struct_asym.entity_id 
_struct_asym.details 
A N N 1 ? 
B N N 1 ? 
C N N 1 ? 
D N N 1 ? 
E N N 2 ? 
F N N 2 ? 
G N N 2 ? 
H N N 3 ? 
I N N 2 ? 
J N N 4 ? 
K N N 2 ? 
L N N 2 ? 
M N N 2 ? 
N N N 5 ? 
O N N 2 ? 
P N N 6 ? 
Q N N 6 ? 
R N N 6 ? 
S N N 6 ? 
# 
_struct_biol.id        1 
_struct_biol.details   'The asymmetric unit contains two biological units.' 
# 
loop_
_struct_conn.id 
_struct_conn.conn_type_id 
_struct_conn.pdbx_leaving_atom_flag 
_struct_conn.pdbx_PDB_id 
_struct_conn.ptnr1_label_asym_id 
_struct_conn.ptnr1_label_comp_id 
_struct_conn.ptnr1_label_seq_id 
_struct_conn.ptnr1_label_atom_id 
_struct_conn.pdbx_ptnr1_label_alt_id 
_struct_conn.pdbx_ptnr1_PDB_ins_code 
_struct_conn.pdbx_ptnr1_standard_comp_id 
_struct_conn.ptnr1_symmetry 
_struct_conn.ptnr2_label_asym_id 
_struct_conn.ptnr2_label_comp_id 
_struct_conn.ptnr2_label_seq_id 
_struct_conn.ptnr2_label_atom_id 
_struct_conn.pdbx_ptnr2_label_alt_id 
_struct_conn.pdbx_ptnr2_PDB_ins_code 
_struct_conn.ptnr1_auth_asym_id 
_struct_conn.ptnr1_auth_comp_id 
_struct_conn.ptnr1_auth_seq_id 
_struct_conn.ptnr2_auth_asym_id 
_struct_conn.ptnr2_auth_comp_id 
_struct_conn.ptnr2_auth_seq_id 
_struct_conn.ptnr2_symmetry 
_struct_conn.pdbx_ptnr3_label_atom_id 
_struct_conn.pdbx_ptnr3_label_seq_id 
_struct_conn.pdbx_ptnr3_label_comp_id 
_struct_conn.pdbx_ptnr3_label_asym_id 
_struct_conn.pdbx_ptnr3_label_alt_id 
_struct_conn.pdbx_ptnr3_PDB_ins_code 
_struct_conn.details 
_struct_conn.pdbx_dist_value 
_struct_conn.pdbx_value_order 
_struct_conn.pdbx_role 
metalc1  metalc ? ? A DG 1  O6 ? ? ? 1_555 E K   .  K  ? ? A DG 1  A K   50  1_555 ? ? ? ? ? ? ?               2.770 ? ? 
metalc2  metalc ? ? A DG 2  O6 ? ? ? 1_555 E K   .  K  ? ? A DG 2  A K   50  1_555 ? ? ? ? ? ? ?               2.850 ? ? 
metalc3  metalc ? ? A DG 2  O6 ? ? ? 1_555 F K   .  K  ? ? A DG 2  A K   51  1_555 ? ? ? ? ? ? ?               2.591 ? ? 
metalc4  metalc ? ? A DG 3  O6 ? ? ? 1_555 F K   .  K  ? ? A DG 3  A K   51  1_555 ? ? ? ? ? ? ?               2.995 ? ? 
metalc5  metalc ? ? A DG 3  O6 ? ? ? 1_555 G K   .  K  ? ? A DG 3  A K   52  1_555 ? ? ? ? ? ? ?               2.775 ? ? 
metalc6  metalc ? ? A DG 4  O6 ? ? ? 1_555 G K   .  K  ? ? A DG 4  A K   52  1_555 ? ? ? ? ? ? ?               2.681 ? ? 
metalc7  metalc ? ? A DG 9  O6 ? ? ? 1_555 G K   .  K  ? ? A DG 9  A K   52  1_555 ? ? ? ? ? ? ?               2.689 ? ? 
metalc8  metalc ? ? A DG 10 O6 ? ? ? 1_555 F K   .  K  ? ? A DG 10 A K   51  1_555 ? ? ? ? ? ? ?               2.592 ? ? 
metalc9  metalc ? ? A DG 10 O6 ? ? ? 1_555 G K   .  K  ? ? A DG 10 A K   52  1_555 ? ? ? ? ? ? ?               2.997 ? ? 
metalc10 metalc ? ? A DG 11 O6 ? ? ? 1_555 E K   .  K  ? ? A DG 11 A K   50  1_555 ? ? ? ? ? ? ?               2.835 ? ? 
metalc11 metalc ? ? A DG 11 O6 ? ? ? 1_555 F K   .  K  ? ? A DG 11 A K   51  1_555 ? ? ? ? ? ? ?               2.904 ? ? 
metalc12 metalc ? ? A DG 12 O6 ? ? ? 1_555 E K   .  K  ? ? A DG 12 A K   50  1_555 ? ? ? ? ? ? ?               2.741 ? ? 
metalc13 metalc ? ? A DG 12 O6 ? ? ? 1_555 I K   .  K  ? ? A DG 12 B K   49  1_555 ? ? ? ? ? ? ?               2.599 ? ? 
metalc14 metalc ? ? E K  .  K  ? ? ? 1_555 B DG  3  O6 ? ? A K  50 B DG  15  1_555 ? ? ? ? ? ? ?               2.974 ? ? 
metalc15 metalc ? ? E K  .  K  ? ? ? 1_555 B DG  4  O6 ? ? A K  50 B DG  16  1_555 ? ? ? ? ? ? ?               2.683 ? ? 
metalc16 metalc ? ? E K  .  K  ? ? ? 1_555 B DG  9  O6 ? ? A K  50 B DG  21  1_555 ? ? ? ? ? ? ?               2.838 ? ? 
metalc17 metalc ? ? E K  .  K  ? ? ? 1_555 B DG  10 O6 ? ? A K  50 B DG  22  1_555 ? ? ? ? ? ? ?               2.903 ? ? 
metalc18 metalc ? ? F K  .  K  ? ? ? 1_555 B DG  2  O6 ? ? A K  51 B DG  14  1_555 ? ? ? ? ? ? ?               2.781 ? ? 
metalc19 metalc ? ? F K  .  K  ? ? ? 1_555 B DG  10 O6 ? ? A K  51 B DG  22  1_555 ? ? ? ? ? ? ?               2.763 ? ? 
metalc20 metalc ? ? F K  .  K  ? ? ? 1_555 B DG  11 O6 ? ? A K  51 B DG  23  1_555 ? ? ? ? ? ? ?               2.754 ? ? 
metalc21 metalc ? ? G K  .  K  ? ? ? 1_555 B DG  1  O6 ? ? A K  52 B DG  13  1_555 ? ? ? ? ? ? ?               2.685 ? ? 
metalc22 metalc ? ? G K  .  K  ? ? ? 1_555 B DG  2  O6 ? ? A K  52 B DG  14  1_555 ? ? ? ? ? ? ?               2.768 ? ? 
metalc23 metalc ? ? B DG 4  O6 ? ? ? 1_555 I K   .  K  ? ? B DG 16 B K   49  1_555 ? ? ? ? ? ? ?               2.848 ? ? 
metalc24 metalc ? ? B DT 5  O2 ? ? ? 1_555 I K   .  K  ? ? B DT 17 B K   49  1_555 ? ? ? ? ? ? ?               2.660 ? ? 
metalc25 metalc ? ? B DT 7  O2 ? ? ? 1_555 I K   .  K  ? ? B DT 19 B K   49  1_555 ? ? ? ? ? ? ?               2.585 ? ? 
metalc26 metalc ? ? I K  .  K  ? ? ? 1_555 Q HOH .  O  ? ? B K  49 B HOH 66  1_555 ? ? ? ? ? ? ?               2.560 ? ? 
metalc27 metalc ? ? C DG 1  O6 ? ? ? 1_555 K K   .  K  ? ? C DG 25 C K   54  1_555 ? ? ? ? ? ? ?               2.626 ? ? 
metalc28 metalc ? ? C DG 2  O6 ? ? ? 1_555 K K   .  K  ? ? C DG 26 C K   54  1_555 ? ? ? ? ? ? ?               2.718 ? ? 
metalc29 metalc ? ? C DG 2  O6 ? ? ? 1_555 L K   .  K  ? ? C DG 26 C K   55  1_555 ? ? ? ? ? ? ?               2.601 ? ? 
metalc30 metalc ? ? C DG 3  O6 ? ? ? 1_555 L K   .  K  ? ? C DG 27 C K   55  1_555 ? ? ? ? ? ? ?               2.889 ? ? 
metalc31 metalc ? ? C DG 3  O6 ? ? ? 1_555 M K   .  K  ? ? C DG 27 C K   56  1_555 ? ? ? ? ? ? ?               2.956 ? ? 
metalc32 metalc ? ? C DG 4  O6 ? ? ? 1_555 M K   .  K  ? ? C DG 28 C K   56  1_555 ? ? ? ? ? ? ?               2.644 ? ? 
metalc33 metalc ? ? C DG 9  O6 ? ? ? 1_555 M K   .  K  ? ? C DG 33 C K   56  1_555 ? ? ? ? ? ? ?               2.586 ? ? 
metalc34 metalc ? ? C DG 10 O6 ? ? ? 1_555 L K   .  K  ? ? C DG 34 C K   55  1_555 ? ? ? ? ? ? ?               2.683 ? ? 
metalc35 metalc ? ? C DG 11 O6 ? ? ? 1_555 K K   .  K  ? ? C DG 35 C K   54  1_555 ? ? ? ? ? ? ?               2.870 ? ? 
metalc36 metalc ? ? C DG 11 O6 ? ? ? 1_555 L K   .  K  ? ? C DG 35 C K   55  1_555 ? ? ? ? ? ? ?               2.827 ? ? 
metalc37 metalc ? ? C DG 12 O6 ? ? ? 1_555 K K   .  K  ? ? C DG 36 C K   54  1_555 ? ? ? ? ? ? ?               2.756 ? ? 
metalc38 metalc ? ? C DG 12 O6 ? ? ? 1_555 O K   .  K  ? ? C DG 36 D K   53  1_555 ? ? ? ? ? ? ?               2.830 ? ? 
metalc39 metalc ? ? K K  .  K  ? ? ? 1_555 D DG  4  O6 ? ? C K  54 D DG  40  1_555 ? ? ? ? ? ? ?               2.872 ? ? 
metalc40 metalc ? ? K K  .  K  ? ? ? 1_555 D DG  9  O6 ? ? C K  54 D DG  45  1_555 ? ? ? ? ? ? ?               2.761 ? ? 
metalc41 metalc ? ? K K  .  K  ? ? ? 1_555 D DG  10 O6 ? ? C K  54 D DG  46  1_555 ? ? ? ? ? ? ?               2.978 ? ? 
metalc42 metalc ? ? L K  .  K  ? ? ? 1_555 D DG  2  O6 ? ? C K  55 D DG  38  1_555 ? ? ? ? ? ? ?               2.806 ? ? 
metalc43 metalc ? ? L K  .  K  ? ? ? 1_555 D DG  10 O6 ? ? C K  55 D DG  46  1_555 ? ? ? ? ? ? ?               2.834 ? ? 
metalc44 metalc ? ? L K  .  K  ? ? ? 1_555 D DG  11 O6 ? ? C K  55 D DG  47  1_555 ? ? ? ? ? ? ?               2.829 ? ? 
metalc45 metalc ? ? M K  .  K  ? ? ? 1_555 D DG  1  O6 ? ? C K  56 D DG  37  1_555 ? ? ? ? ? ? ?               2.700 ? ? 
metalc46 metalc ? ? M K  .  K  ? ? ? 1_555 D DG  2  O6 ? ? C K  56 D DG  38  1_555 ? ? ? ? ? ? ?               2.846 ? ? 
metalc47 metalc ? ? M K  .  K  ? ? ? 1_555 D DG  12 O6 ? ? C K  56 D DG  48  1_555 ? ? ? ? ? ? ?               2.750 ? ? 
metalc48 metalc ? ? D DT 5  O2 ? ? ? 1_555 O K   .  K  ? ? D DT 41 D K   53  1_555 ? ? ? ? ? ? ?               2.655 ? ? 
metalc49 metalc ? ? D DT 7  O2 ? ? ? 1_555 O K   .  K  ? ? D DT 43 D K   53  1_555 ? ? ? ? ? ? ?               2.439 ? ? 
metalc50 metalc ? ? O K  .  K  ? ? ? 1_555 S HOH .  O  ? ? D K  53 D HOH 130 1_555 ? ? ? ? ? ? ?               2.680 ? ? 
hydrog1  hydrog ? ? A DG 1  N7 ? ? ? 1_555 B DG  4  N2 ? ? A DG 1  B DG  16  1_555 ? ? ? ? ? ? TYPE_6_PAIR     ?     ? ? 
hydrog2  hydrog ? ? A DG 1  O6 ? ? ? 1_555 B DG  4  N1 ? ? A DG 1  B DG  16  1_555 ? ? ? ? ? ? TYPE_6_PAIR     ?     ? ? 
hydrog3  hydrog ? ? A DG 1  N1 ? ? ? 1_555 B DG  9  O6 ? ? A DG 1  B DG  21  1_555 ? ? ? ? ? ? TYPE_6_PAIR     ?     ? ? 
hydrog4  hydrog ? ? A DG 1  N2 ? ? ? 1_555 B DG  9  N7 ? ? A DG 1  B DG  21  1_555 ? ? ? ? ? ? TYPE_6_PAIR     ?     ? ? 
hydrog5  hydrog ? ? A DG 2  N1 ? ? ? 1_555 B DG  3  O6 ? ? A DG 2  B DG  15  1_555 ? ? ? ? ? ? TYPE_6_PAIR     ?     ? ? 
hydrog6  hydrog ? ? A DG 2  N2 ? ? ? 1_555 B DG  3  N7 ? ? A DG 2  B DG  15  1_555 ? ? ? ? ? ? TYPE_6_PAIR     ?     ? ? 
hydrog7  hydrog ? ? A DG 2  N7 ? ? ? 1_555 B DG  10 N2 ? ? A DG 2  B DG  22  1_555 ? ? ? ? ? ? TYPE_6_PAIR     ?     ? ? 
hydrog8  hydrog ? ? A DG 2  O6 ? ? ? 1_555 B DG  10 N1 ? ? A DG 2  B DG  22  1_555 ? ? ? ? ? ? TYPE_6_PAIR     ?     ? ? 
hydrog9  hydrog ? ? A DG 3  N7 ? ? ? 1_555 B DG  2  N2 ? ? A DG 3  B DG  14  1_555 ? ? ? ? ? ? TYPE_6_PAIR     ?     ? ? 
hydrog10 hydrog ? ? A DG 3  O6 ? ? ? 1_555 B DG  2  N1 ? ? A DG 3  B DG  14  1_555 ? ? ? ? ? ? TYPE_6_PAIR     ?     ? ? 
hydrog11 hydrog ? ? A DG 3  N1 ? ? ? 1_555 B DG  11 O6 ? ? A DG 3  B DG  23  1_555 ? ? ? ? ? ? TYPE_6_PAIR     ?     ? ? 
hydrog12 hydrog ? ? A DG 3  N2 ? ? ? 1_555 B DG  11 N7 ? ? A DG 3  B DG  23  1_555 ? ? ? ? ? ? TYPE_6_PAIR     ?     ? ? 
hydrog13 hydrog ? ? A DG 4  N1 ? ? ? 1_555 B DG  1  O6 ? ? A DG 4  B DG  13  1_555 ? ? ? ? ? ? TYPE_6_PAIR     ?     ? ? 
hydrog14 hydrog ? ? A DG 4  N2 ? ? ? 1_555 B DG  1  N7 ? ? A DG 4  B DG  13  1_555 ? ? ? ? ? ? TYPE_6_PAIR     ?     ? ? 
hydrog15 hydrog ? ? A DG 4  N7 ? ? ? 1_555 B DG  12 N2 ? ? A DG 4  B DG  24  1_555 ? ? ? ? ? ? TYPE_6_PAIR     ?     ? ? 
hydrog16 hydrog ? ? A DG 4  O6 ? ? ? 1_555 B DG  12 N1 ? ? A DG 4  B DG  24  1_555 ? ? ? ? ? ? TYPE_6_PAIR     ?     ? ? 
hydrog17 hydrog ? ? A DG 9  N7 ? ? ? 1_555 B DG  1  N2 ? ? A DG 9  B DG  13  1_555 ? ? ? ? ? ? TYPE_6_PAIR     ?     ? ? 
hydrog18 hydrog ? ? A DG 9  O6 ? ? ? 1_555 B DG  1  N1 ? ? A DG 9  B DG  13  1_555 ? ? ? ? ? ? TYPE_6_PAIR     ?     ? ? 
hydrog19 hydrog ? ? A DG 9  N1 ? ? ? 1_555 B DG  12 O6 ? ? A DG 9  B DG  24  1_555 ? ? ? ? ? ? TYPE_6_PAIR     ?     ? ? 
hydrog20 hydrog ? ? A DG 9  N2 ? ? ? 1_555 B DG  12 N7 ? ? A DG 9  B DG  24  1_555 ? ? ? ? ? ? TYPE_6_PAIR     ?     ? ? 
hydrog21 hydrog ? ? A DG 10 N1 ? ? ? 1_555 B DG  2  O6 ? ? A DG 10 B DG  14  1_555 ? ? ? ? ? ? TYPE_6_PAIR     ?     ? ? 
hydrog22 hydrog ? ? A DG 10 N2 ? ? ? 1_555 B DG  2  N7 ? ? A DG 10 B DG  14  1_555 ? ? ? ? ? ? TYPE_6_PAIR     ?     ? ? 
hydrog23 hydrog ? ? A DG 10 N7 ? ? ? 1_555 B DG  11 N2 ? ? A DG 10 B DG  23  1_555 ? ? ? ? ? ? TYPE_6_PAIR     ?     ? ? 
hydrog24 hydrog ? ? A DG 10 O6 ? ? ? 1_555 B DG  11 N1 ? ? A DG 10 B DG  23  1_555 ? ? ? ? ? ? TYPE_6_PAIR     ?     ? ? 
hydrog25 hydrog ? ? A DG 11 N7 ? ? ? 1_555 B DG  3  N2 ? ? A DG 11 B DG  15  1_555 ? ? ? ? ? ? TYPE_6_PAIR     ?     ? ? 
hydrog26 hydrog ? ? A DG 11 O6 ? ? ? 1_555 B DG  3  N1 ? ? A DG 11 B DG  15  1_555 ? ? ? ? ? ? TYPE_6_PAIR     ?     ? ? 
hydrog27 hydrog ? ? A DG 11 N1 ? ? ? 1_555 B DG  10 O6 ? ? A DG 11 B DG  22  1_555 ? ? ? ? ? ? TYPE_6_PAIR     ?     ? ? 
hydrog28 hydrog ? ? A DG 11 N2 ? ? ? 1_555 B DG  10 N7 ? ? A DG 11 B DG  22  1_555 ? ? ? ? ? ? TYPE_6_PAIR     ?     ? ? 
hydrog29 hydrog ? ? A DG 12 N1 ? ? ? 1_555 B DG  4  O6 ? ? A DG 12 B DG  16  1_555 ? ? ? ? ? ? TYPE_6_PAIR     ?     ? ? 
hydrog30 hydrog ? ? A DG 12 N2 ? ? ? 1_555 B DG  4  N7 ? ? A DG 12 B DG  16  1_555 ? ? ? ? ? ? TYPE_6_PAIR     ?     ? ? 
hydrog31 hydrog ? ? A DG 12 N7 ? ? ? 1_555 B DG  9  N2 ? ? A DG 12 B DG  21  1_555 ? ? ? ? ? ? TYPE_6_PAIR     ?     ? ? 
hydrog32 hydrog ? ? A DG 12 O6 ? ? ? 1_555 B DG  9  N1 ? ? A DG 12 B DG  21  1_555 ? ? ? ? ? ? TYPE_6_PAIR     ?     ? ? 
hydrog33 hydrog ? ? B DT 5  O2 ? ? ? 1_555 B DT  7  N3 ? ? B DT 17 B DT  19  1_555 ? ? ? ? ? ? 'DT-DT MISPAIR' ?     ? ? 
hydrog34 hydrog ? ? B DT 6  O4 ? ? ? 1_555 D DT  8  N3 ? ? B DT 18 D DT  44  1_555 ? ? ? ? ? ? 'DT-DT MISPAIR' ?     ? ? 
hydrog35 hydrog ? ? B DT 8  N3 ? ? ? 1_555 D DT  6  O4 ? ? B DT 20 D DT  42  1_555 ? ? ? ? ? ? 'DT-DT MISPAIR' ?     ? ? 
hydrog36 hydrog ? ? C DG 1  N7 ? ? ? 1_555 D DG  4  N2 ? ? C DG 25 D DG  40  1_555 ? ? ? ? ? ? TYPE_6_PAIR     ?     ? ? 
hydrog37 hydrog ? ? C DG 1  O6 ? ? ? 1_555 D DG  4  N1 ? ? C DG 25 D DG  40  1_555 ? ? ? ? ? ? TYPE_6_PAIR     ?     ? ? 
hydrog38 hydrog ? ? C DG 1  N1 ? ? ? 1_555 D DG  9  O6 ? ? C DG 25 D DG  45  1_555 ? ? ? ? ? ? TYPE_6_PAIR     ?     ? ? 
hydrog39 hydrog ? ? C DG 1  N2 ? ? ? 1_555 D DG  9  N7 ? ? C DG 25 D DG  45  1_555 ? ? ? ? ? ? TYPE_6_PAIR     ?     ? ? 
hydrog40 hydrog ? ? C DG 2  N1 ? ? ? 1_555 D DG  3  O6 ? ? C DG 26 D DG  39  1_555 ? ? ? ? ? ? TYPE_6_PAIR     ?     ? ? 
hydrog41 hydrog ? ? C DG 2  N2 ? ? ? 1_555 D DG  3  N7 ? ? C DG 26 D DG  39  1_555 ? ? ? ? ? ? TYPE_6_PAIR     ?     ? ? 
hydrog42 hydrog ? ? C DG 2  N7 ? ? ? 1_555 D DG  10 N2 ? ? C DG 26 D DG  46  1_555 ? ? ? ? ? ? TYPE_6_PAIR     ?     ? ? 
hydrog43 hydrog ? ? C DG 2  O6 ? ? ? 1_555 D DG  10 N1 ? ? C DG 26 D DG  46  1_555 ? ? ? ? ? ? TYPE_6_PAIR     ?     ? ? 
hydrog44 hydrog ? ? C DG 3  N7 ? ? ? 1_555 D DG  2  N2 ? ? C DG 27 D DG  38  1_555 ? ? ? ? ? ? TYPE_6_PAIR     ?     ? ? 
hydrog45 hydrog ? ? C DG 3  O6 ? ? ? 1_555 D DG  2  N1 ? ? C DG 27 D DG  38  1_555 ? ? ? ? ? ? TYPE_6_PAIR     ?     ? ? 
hydrog46 hydrog ? ? C DG 3  N1 ? ? ? 1_555 D DG  11 O6 ? ? C DG 27 D DG  47  1_555 ? ? ? ? ? ? TYPE_6_PAIR     ?     ? ? 
hydrog47 hydrog ? ? C DG 3  N2 ? ? ? 1_555 D DG  11 N7 ? ? C DG 27 D DG  47  1_555 ? ? ? ? ? ? TYPE_6_PAIR     ?     ? ? 
hydrog48 hydrog ? ? C DG 4  N1 ? ? ? 1_555 D DG  1  O6 ? ? C DG 28 D DG  37  1_555 ? ? ? ? ? ? TYPE_6_PAIR     ?     ? ? 
hydrog49 hydrog ? ? C DG 4  N2 ? ? ? 1_555 D DG  1  N7 ? ? C DG 28 D DG  37  1_555 ? ? ? ? ? ? TYPE_6_PAIR     ?     ? ? 
hydrog50 hydrog ? ? C DG 4  N7 ? ? ? 1_555 D DG  12 N2 ? ? C DG 28 D DG  48  1_555 ? ? ? ? ? ? TYPE_6_PAIR     ?     ? ? 
hydrog51 hydrog ? ? C DG 4  O6 ? ? ? 1_555 D DG  12 N1 ? ? C DG 28 D DG  48  1_555 ? ? ? ? ? ? TYPE_6_PAIR     ?     ? ? 
hydrog52 hydrog ? ? C DG 9  N7 ? ? ? 1_555 D DG  1  N2 ? ? C DG 33 D DG  37  1_555 ? ? ? ? ? ? TYPE_6_PAIR     ?     ? ? 
hydrog53 hydrog ? ? C DG 9  O6 ? ? ? 1_555 D DG  1  N1 ? ? C DG 33 D DG  37  1_555 ? ? ? ? ? ? TYPE_6_PAIR     ?     ? ? 
hydrog54 hydrog ? ? C DG 9  N1 ? ? ? 1_555 D DG  12 O6 ? ? C DG 33 D DG  48  1_555 ? ? ? ? ? ? TYPE_6_PAIR     ?     ? ? 
hydrog55 hydrog ? ? C DG 9  N2 ? ? ? 1_555 D DG  12 N7 ? ? C DG 33 D DG  48  1_555 ? ? ? ? ? ? TYPE_6_PAIR     ?     ? ? 
hydrog56 hydrog ? ? C DG 10 N1 ? ? ? 1_555 D DG  2  O6 ? ? C DG 34 D DG  38  1_555 ? ? ? ? ? ? TYPE_6_PAIR     ?     ? ? 
hydrog57 hydrog ? ? C DG 10 N2 ? ? ? 1_555 D DG  2  N7 ? ? C DG 34 D DG  38  1_555 ? ? ? ? ? ? TYPE_6_PAIR     ?     ? ? 
hydrog58 hydrog ? ? C DG 10 N7 ? ? ? 1_555 D DG  11 N2 ? ? C DG 34 D DG  47  1_555 ? ? ? ? ? ? TYPE_6_PAIR     ?     ? ? 
hydrog59 hydrog ? ? C DG 10 O6 ? ? ? 1_555 D DG  11 N1 ? ? C DG 34 D DG  47  1_555 ? ? ? ? ? ? TYPE_6_PAIR     ?     ? ? 
hydrog60 hydrog ? ? C DG 11 N7 ? ? ? 1_555 D DG  3  N2 ? ? C DG 35 D DG  39  1_555 ? ? ? ? ? ? TYPE_6_PAIR     ?     ? ? 
hydrog61 hydrog ? ? C DG 11 O6 ? ? ? 1_555 D DG  3  N1 ? ? C DG 35 D DG  39  1_555 ? ? ? ? ? ? TYPE_6_PAIR     ?     ? ? 
hydrog62 hydrog ? ? C DG 11 N1 ? ? ? 1_555 D DG  10 O6 ? ? C DG 35 D DG  46  1_555 ? ? ? ? ? ? TYPE_6_PAIR     ?     ? ? 
hydrog63 hydrog ? ? C DG 11 N2 ? ? ? 1_555 D DG  10 N7 ? ? C DG 35 D DG  46  1_555 ? ? ? ? ? ? TYPE_6_PAIR     ?     ? ? 
hydrog64 hydrog ? ? C DG 12 N1 ? ? ? 1_555 D DG  4  O6 ? ? C DG 36 D DG  40  1_555 ? ? ? ? ? ? TYPE_6_PAIR     ?     ? ? 
hydrog65 hydrog ? ? C DG 12 N2 ? ? ? 1_555 D DG  4  N7 ? ? C DG 36 D DG  40  1_555 ? ? ? ? ? ? TYPE_6_PAIR     ?     ? ? 
hydrog66 hydrog ? ? C DG 12 N7 ? ? ? 1_555 D DG  9  N2 ? ? C DG 36 D DG  45  1_555 ? ? ? ? ? ? TYPE_6_PAIR     ?     ? ? 
hydrog67 hydrog ? ? C DG 12 O6 ? ? ? 1_555 D DG  9  N1 ? ? C DG 36 D DG  45  1_555 ? ? ? ? ? ? TYPE_6_PAIR     ?     ? ? 
hydrog68 hydrog ? ? D DT 5  O2 ? ? ? 1_555 D DT  7  N3 ? ? D DT 41 D DT  43  1_555 ? ? ? ? ? ? 'DT-DT MISPAIR' ?     ? ? 
# 
loop_
_struct_conn_type.id 
_struct_conn_type.criteria 
_struct_conn_type.reference 
metalc ? ? 
hydrog ? ? 
# 
loop_
_struct_site.id 
_struct_site.pdbx_evidence_code 
_struct_site.pdbx_auth_asym_id 
_struct_site.pdbx_auth_comp_id 
_struct_site.pdbx_auth_seq_id 
_struct_site.pdbx_auth_ins_code 
_struct_site.pdbx_num_residues 
_struct_site.details 
AC1 Software A K   50 ? 10 'BINDING SITE FOR RESIDUE K A 50'   
AC2 Software A K   51 ? 10 'BINDING SITE FOR RESIDUE K A 51'   
AC3 Software A K   52 ? 9  'BINDING SITE FOR RESIDUE K A 52'   
AC4 Software A NC5 57 ? 10 'BINDING SITE FOR RESIDUE NC5 A 57' 
AC5 Software B K   49 ? 8  'BINDING SITE FOR RESIDUE K B 49'   
AC6 Software B SPM 59 ? 5  'BINDING SITE FOR RESIDUE SPM B 59' 
AC7 Software C K   54 ? 10 'BINDING SITE FOR RESIDUE K C 54'   
AC8 Software C K   55 ? 10 'BINDING SITE FOR RESIDUE K C 55'   
AC9 Software C K   56 ? 9  'BINDING SITE FOR RESIDUE K C 56'   
BC1 Software C NCI 58 ? 10 'BINDING SITE FOR RESIDUE NCI C 58' 
BC2 Software D K   53 ? 8  'BINDING SITE FOR RESIDUE K D 53'   
# 
loop_
_struct_site_gen.id 
_struct_site_gen.site_id 
_struct_site_gen.pdbx_num_res 
_struct_site_gen.label_comp_id 
_struct_site_gen.label_asym_id 
_struct_site_gen.label_seq_id 
_struct_site_gen.pdbx_auth_ins_code 
_struct_site_gen.auth_comp_id 
_struct_site_gen.auth_asym_id 
_struct_site_gen.auth_seq_id 
_struct_site_gen.label_atom_id 
_struct_site_gen.label_alt_id 
_struct_site_gen.symmetry 
_struct_site_gen.details 
1  AC1 10 DG  A 1  ? DG  A 1   . ? 1_555 ? 
2  AC1 10 DG  A 2  ? DG  A 2   . ? 1_555 ? 
3  AC1 10 DG  A 11 ? DG  A 11  . ? 1_555 ? 
4  AC1 10 DG  A 12 ? DG  A 12  . ? 1_555 ? 
5  AC1 10 K   F .  ? K   A 51  . ? 1_555 ? 
6  AC1 10 DG  B 3  ? DG  B 15  . ? 1_555 ? 
7  AC1 10 DG  B 4  ? DG  B 16  . ? 1_555 ? 
8  AC1 10 DG  B 9  ? DG  B 21  . ? 1_555 ? 
9  AC1 10 DG  B 10 ? DG  B 22  . ? 1_555 ? 
10 AC1 10 K   I .  ? K   B 49  . ? 1_555 ? 
11 AC2 10 DG  A 2  ? DG  A 2   . ? 1_555 ? 
12 AC2 10 DG  A 3  ? DG  A 3   . ? 1_555 ? 
13 AC2 10 DG  A 10 ? DG  A 10  . ? 1_555 ? 
14 AC2 10 DG  A 11 ? DG  A 11  . ? 1_555 ? 
15 AC2 10 K   E .  ? K   A 50  . ? 1_555 ? 
16 AC2 10 K   G .  ? K   A 52  . ? 1_555 ? 
17 AC2 10 DG  B 2  ? DG  B 14  . ? 1_555 ? 
18 AC2 10 DG  B 3  ? DG  B 15  . ? 1_555 ? 
19 AC2 10 DG  B 10 ? DG  B 22  . ? 1_555 ? 
20 AC2 10 DG  B 11 ? DG  B 23  . ? 1_555 ? 
21 AC3 9  DG  A 3  ? DG  A 3   . ? 1_555 ? 
22 AC3 9  DG  A 4  ? DG  A 4   . ? 1_555 ? 
23 AC3 9  DG  A 9  ? DG  A 9   . ? 1_555 ? 
24 AC3 9  DG  A 10 ? DG  A 10  . ? 1_555 ? 
25 AC3 9  K   F .  ? K   A 51  . ? 1_555 ? 
26 AC3 9  DG  B 1  ? DG  B 13  . ? 1_555 ? 
27 AC3 9  DG  B 2  ? DG  B 14  . ? 1_555 ? 
28 AC3 9  DG  B 11 ? DG  B 23  . ? 1_555 ? 
29 AC3 9  DG  B 12 ? DG  B 24  . ? 1_555 ? 
30 AC4 10 DT  A 6  ? DT  A 6   . ? 1_555 ? 
31 AC4 10 DT  A 7  ? DT  A 7   . ? 1_555 ? 
32 AC4 10 DT  A 8  ? DT  A 8   . ? 1_555 ? 
33 AC4 10 DG  A 9  ? DG  A 9   . ? 1_555 ? 
34 AC4 10 HOH P .  ? HOH A 63  . ? 1_555 ? 
35 AC4 10 HOH P .  ? HOH A 97  . ? 1_555 ? 
36 AC4 10 DG  B 1  ? DG  B 13  . ? 1_555 ? 
37 AC4 10 DG  B 12 ? DG  B 24  . ? 1_555 ? 
38 AC4 10 DT  D 8  ? DT  D 44  . ? 4_545 ? 
39 AC4 10 DG  D 10 ? DG  D 46  . ? 4_545 ? 
40 AC5 8  DG  A 1  ? DG  A 1   . ? 1_555 ? 
41 AC5 8  DG  A 12 ? DG  A 12  . ? 1_555 ? 
42 AC5 8  K   E .  ? K   A 50  . ? 1_555 ? 
43 AC5 8  DG  B 4  ? DG  B 16  . ? 1_555 ? 
44 AC5 8  DT  B 5  ? DT  B 17  . ? 1_555 ? 
45 AC5 8  DT  B 7  ? DT  B 19  . ? 1_555 ? 
46 AC5 8  DG  B 9  ? DG  B 21  . ? 1_555 ? 
47 AC5 8  HOH Q .  ? HOH B 66  . ? 1_555 ? 
48 AC6 5  DT  B 5  ? DT  B 17  . ? 1_555 ? 
49 AC6 5  DT  B 6  ? DT  B 18  . ? 1_555 ? 
50 AC6 5  DT  B 7  ? DT  B 19  . ? 1_555 ? 
51 AC6 5  DG  C 11 ? DG  C 35  . ? 2_444 ? 
52 AC6 5  DG  C 12 ? DG  C 36  . ? 2_444 ? 
53 AC7 10 DG  C 1  ? DG  C 25  . ? 1_555 ? 
54 AC7 10 DG  C 2  ? DG  C 26  . ? 1_555 ? 
55 AC7 10 DG  C 11 ? DG  C 35  . ? 1_555 ? 
56 AC7 10 DG  C 12 ? DG  C 36  . ? 1_555 ? 
57 AC7 10 K   L .  ? K   C 55  . ? 1_555 ? 
58 AC7 10 DG  D 3  ? DG  D 39  . ? 1_555 ? 
59 AC7 10 DG  D 4  ? DG  D 40  . ? 1_555 ? 
60 AC7 10 DG  D 9  ? DG  D 45  . ? 1_555 ? 
61 AC7 10 DG  D 10 ? DG  D 46  . ? 1_555 ? 
62 AC7 10 K   O .  ? K   D 53  . ? 1_555 ? 
63 AC8 10 DG  C 2  ? DG  C 26  . ? 1_555 ? 
64 AC8 10 DG  C 3  ? DG  C 27  . ? 1_555 ? 
65 AC8 10 DG  C 10 ? DG  C 34  . ? 1_555 ? 
66 AC8 10 DG  C 11 ? DG  C 35  . ? 1_555 ? 
67 AC8 10 K   K .  ? K   C 54  . ? 1_555 ? 
68 AC8 10 K   M .  ? K   C 56  . ? 1_555 ? 
69 AC8 10 DG  D 2  ? DG  D 38  . ? 1_555 ? 
70 AC8 10 DG  D 3  ? DG  D 39  . ? 1_555 ? 
71 AC8 10 DG  D 10 ? DG  D 46  . ? 1_555 ? 
72 AC8 10 DG  D 11 ? DG  D 47  . ? 1_555 ? 
73 AC9 9  DG  C 3  ? DG  C 27  . ? 1_555 ? 
74 AC9 9  DG  C 4  ? DG  C 28  . ? 1_555 ? 
75 AC9 9  DG  C 9  ? DG  C 33  . ? 1_555 ? 
76 AC9 9  DG  C 10 ? DG  C 34  . ? 1_555 ? 
77 AC9 9  K   L .  ? K   C 55  . ? 1_555 ? 
78 AC9 9  DG  D 1  ? DG  D 37  . ? 1_555 ? 
79 AC9 9  DG  D 2  ? DG  D 38  . ? 1_555 ? 
80 AC9 9  DG  D 11 ? DG  D 47  . ? 1_555 ? 
81 AC9 9  DG  D 12 ? DG  D 48  . ? 1_555 ? 
82 BC1 10 DT  B 8  ? DT  B 20  . ? 4_435 ? 
83 BC1 10 DG  B 9  ? DG  B 21  . ? 4_435 ? 
84 BC1 10 DG  B 10 ? DG  B 22  . ? 4_435 ? 
85 BC1 10 DT  C 6  ? DT  C 30  . ? 1_555 ? 
86 BC1 10 DT  C 7  ? DT  C 31  . ? 1_555 ? 
87 BC1 10 DT  C 8  ? DT  C 32  . ? 1_555 ? 
88 BC1 10 DG  C 9  ? DG  C 33  . ? 1_555 ? 
89 BC1 10 HOH R .  ? HOH C 105 . ? 1_555 ? 
90 BC1 10 DG  D 1  ? DG  D 37  . ? 1_555 ? 
91 BC1 10 DG  D 12 ? DG  D 48  . ? 1_555 ? 
92 BC2 8  DG  C 1  ? DG  C 25  . ? 1_555 ? 
93 BC2 8  DG  C 12 ? DG  C 36  . ? 1_555 ? 
94 BC2 8  K   K .  ? K   C 54  . ? 1_555 ? 
95 BC2 8  DG  D 4  ? DG  D 40  . ? 1_555 ? 
96 BC2 8  DT  D 5  ? DT  D 41  . ? 1_555 ? 
97 BC2 8  DT  D 7  ? DT  D 43  . ? 1_555 ? 
98 BC2 8  DG  D 9  ? DG  D 45  . ? 1_555 ? 
99 BC2 8  HOH S .  ? HOH D 130 . ? 1_555 ? 
# 
_atom_sites.entry_id                    3EUI 
_atom_sites.fract_transf_matrix[1][1]   0.00845541 
_atom_sites.fract_transf_matrix[1][2]   -0.01177793 
_atom_sites.fract_transf_matrix[1][3]   -0.01077639 
_atom_sites.fract_transf_matrix[2][1]   -0.00952643 
_atom_sites.fract_transf_matrix[2][2]   0.01037784 
_atom_sites.fract_transf_matrix[2][3]   -0.01881700 
_atom_sites.fract_transf_matrix[3][1]   0.01614628 
_atom_sites.fract_transf_matrix[3][2]   0.01267479 
_atom_sites.fract_transf_matrix[3][3]   -0.00118401 
_atom_sites.fract_transf_vector[1]      -0.309780 
_atom_sites.fract_transf_vector[2]      -0.497710 
_atom_sites.fract_transf_vector[3]      0.029862 
# 
loop_
_atom_type.symbol 
C 
K 
N 
O 
P 
# 
loop_
_atom_site.group_PDB 
_atom_site.id 
_atom_site.type_symbol 
_atom_site.label_atom_id 
_atom_site.label_alt_id 
_atom_site.label_comp_id 
_atom_site.label_asym_id 
_atom_site.label_entity_id 
_atom_site.label_seq_id 
_atom_site.pdbx_PDB_ins_code 
_atom_site.Cartn_x 
_atom_site.Cartn_y 
_atom_site.Cartn_z 
_atom_site.occupancy 
_atom_site.B_iso_or_equiv 
_atom_site.pdbx_formal_charge 
_atom_site.auth_seq_id 
_atom_site.auth_comp_id 
_atom_site.auth_asym_id 
_atom_site.auth_atom_id 
_atom_site.pdbx_PDB_model_num 
ATOM   1    O "O5'" . DG  A 1 1  ? -0.064  -9.811  -11.042 1.00 27.68 ? 1   DG  A "O5'" 1 
ATOM   2    C "C5'" . DG  A 1 1  ? -1.124  -10.711 -10.632 1.00 21.19 ? 1   DG  A "C5'" 1 
ATOM   3    C "C4'" . DG  A 1 1  ? -2.368  -10.594 -11.520 1.00 21.66 ? 1   DG  A "C4'" 1 
ATOM   4    O "O4'" . DG  A 1 1  ? -3.239  -9.531  -11.048 1.00 18.74 ? 1   DG  A "O4'" 1 
ATOM   5    C "C3'" . DG  A 1 1  ? -2.195  -10.305 -13.018 1.00 19.87 ? 1   DG  A "C3'" 1 
ATOM   6    O "O3'" . DG  A 1 1  ? -3.247  -10.949 -13.774 1.00 19.52 ? 1   DG  A "O3'" 1 
ATOM   7    C "C2'" . DG  A 1 1  ? -2.413  -8.803  -13.076 1.00 18.71 ? 1   DG  A "C2'" 1 
ATOM   8    C "C1'" . DG  A 1 1  ? -3.594  -8.692  -12.123 1.00 17.55 ? 1   DG  A "C1'" 1 
ATOM   9    N N9    . DG  A 1 1  ? -3.776  -7.383  -11.540 1.00 13.89 ? 1   DG  A N9    1 
ATOM   10   C C8    . DG  A 1 1  ? -4.928  -6.648  -11.488 1.00 14.44 ? 1   DG  A C8    1 
ATOM   11   N N7    . DG  A 1 1  ? -4.786  -5.498  -10.881 1.00 14.99 ? 1   DG  A N7    1 
ATOM   12   C C5    . DG  A 1 1  ? -3.439  -5.481  -10.524 1.00 14.06 ? 1   DG  A C5    1 
ATOM   13   C C6    . DG  A 1 1  ? -2.678  -4.497  -9.850  1.00 12.06 ? 1   DG  A C6    1 
ATOM   14   O O6    . DG  A 1 1  ? -3.057  -3.404  -9.382  1.00 12.22 ? 1   DG  A O6    1 
ATOM   15   N N1    . DG  A 1 1  ? -1.344  -4.866  -9.700  1.00 9.95  ? 1   DG  A N1    1 
ATOM   16   C C2    . DG  A 1 1  ? -0.806  -6.045  -10.143 1.00 11.19 ? 1   DG  A C2    1 
ATOM   17   N N2    . DG  A 1 1  ? 0.492   -6.233  -9.893  1.00 12.13 ? 1   DG  A N2    1 
ATOM   18   N N3    . DG  A 1 1  ? -1.501  -6.985  -10.768 1.00 13.99 ? 1   DG  A N3    1 
ATOM   19   C C4    . DG  A 1 1  ? -2.809  -6.640  -10.921 1.00 14.40 ? 1   DG  A C4    1 
ATOM   20   P P     . DG  A 1 2  ? -3.356  -10.865 -15.378 1.00 18.45 ? 2   DG  A P     1 
ATOM   21   O OP1   . DG  A 1 2  ? -4.192  -12.015 -15.780 1.00 18.34 ? 2   DG  A OP1   1 
ATOM   22   O OP2   . DG  A 1 2  ? -2.007  -10.656 -15.937 1.00 21.69 ? 2   DG  A OP2   1 
ATOM   23   O "O5'" . DG  A 1 2  ? -4.181  -9.534  -15.686 1.00 17.87 ? 2   DG  A "O5'" 1 
ATOM   24   C "C5'" . DG  A 1 2  ? -5.547  -9.559  -15.234 1.00 16.92 ? 2   DG  A "C5'" 1 
ATOM   25   C "C4'" . DG  A 1 2  ? -6.241  -8.231  -15.415 1.00 18.20 ? 2   DG  A "C4'" 1 
ATOM   26   O "O4'" . DG  A 1 2  ? -5.722  -7.235  -14.482 1.00 18.63 ? 2   DG  A "O4'" 1 
ATOM   27   C "C3'" . DG  A 1 2  ? -6.097  -7.630  -16.807 1.00 17.88 ? 2   DG  A "C3'" 1 
ATOM   28   O "O3'" . DG  A 1 2  ? -7.252  -6.875  -17.044 1.00 21.81 ? 2   DG  A "O3'" 1 
ATOM   29   C "C2'" . DG  A 1 2  ? -4.940  -6.677  -16.568 1.00 17.41 ? 2   DG  A "C2'" 1 
ATOM   30   C "C1'" . DG  A 1 2  ? -5.418  -6.082  -15.248 1.00 16.50 ? 2   DG  A "C1'" 1 
ATOM   31   N N9    . DG  A 1 2  ? -4.432  -5.252  -14.575 1.00 16.27 ? 2   DG  A N9    1 
ATOM   32   C C8    . DG  A 1 2  ? -3.095  -5.538  -14.427 1.00 13.75 ? 2   DG  A C8    1 
ATOM   33   N N7    . DG  A 1 2  ? -2.435  -4.611  -13.787 1.00 15.39 ? 2   DG  A N7    1 
ATOM   34   C C5    . DG  A 1 2  ? -3.403  -3.661  -13.483 1.00 14.42 ? 2   DG  A C5    1 
ATOM   35   C C6    . DG  A 1 2  ? -3.274  -2.441  -12.801 1.00 14.79 ? 2   DG  A C6    1 
ATOM   36   O O6    . DG  A 1 2  ? -2.242  -1.957  -12.311 1.00 13.48 ? 2   DG  A O6    1 
ATOM   37   N N1    . DG  A 1 2  ? -4.473  -1.733  -12.712 1.00 15.57 ? 2   DG  A N1    1 
ATOM   38   C C2    . DG  A 1 2  ? -5.667  -2.177  -13.217 1.00 13.84 ? 2   DG  A C2    1 
ATOM   39   N N2    . DG  A 1 2  ? -6.719  -1.359  -13.029 1.00 10.61 ? 2   DG  A N2    1 
ATOM   40   N N3    . DG  A 1 2  ? -5.800  -3.340  -13.857 1.00 13.92 ? 2   DG  A N3    1 
ATOM   41   C C4    . DG  A 1 2  ? -4.640  -4.028  -13.958 1.00 14.63 ? 2   DG  A C4    1 
ATOM   42   P P     . DG  A 1 3  ? -7.911  -6.656  -18.478 1.00 25.03 ? 3   DG  A P     1 
ATOM   43   O OP1   . DG  A 1 3  ? -9.279  -7.217  -18.360 1.00 27.22 ? 3   DG  A OP1   1 
ATOM   44   O OP2   . DG  A 1 3  ? -6.999  -7.008  -19.585 1.00 25.74 ? 3   DG  A OP2   1 
ATOM   45   O "O5'" . DG  A 1 3  ? -8.037  -5.093  -18.682 1.00 26.84 ? 3   DG  A "O5'" 1 
ATOM   46   C "C5'" . DG  A 1 3  ? -7.789  -4.171  -17.676 1.00 26.28 ? 3   DG  A "C5'" 1 
ATOM   47   C "C4'" . DG  A 1 3  ? -8.811  -3.093  -17.936 1.00 25.45 ? 3   DG  A "C4'" 1 
ATOM   48   O "O4'" . DG  A 1 3  ? -8.604  -2.041  -16.976 1.00 23.43 ? 3   DG  A "O4'" 1 
ATOM   49   C "C3'" . DG  A 1 3  ? -8.768  -2.465  -19.328 1.00 24.66 ? 3   DG  A "C3'" 1 
ATOM   50   O "O3'" . DG  A 1 3  ? -10.117 -2.167  -19.680 1.00 25.11 ? 3   DG  A "O3'" 1 
ATOM   51   C "C2'" . DG  A 1 3  ? -7.938  -1.208  -19.095 1.00 24.63 ? 3   DG  A "C2'" 1 
ATOM   52   C "C1'" . DG  A 1 3  ? -8.282  -0.859  -17.646 1.00 22.46 ? 3   DG  A "C1'" 1 
ATOM   53   N N9    . DG  A 1 3  ? -7.170  -0.259  -16.925 1.00 19.91 ? 3   DG  A N9    1 
ATOM   54   C C8    . DG  A 1 3  ? -7.217  0.932   -16.248 1.00 19.01 ? 3   DG  A C8    1 
ATOM   55   N N7    . DG  A 1 3  ? -6.095  1.266   -15.692 1.00 19.32 ? 3   DG  A N7    1 
ATOM   56   C C5    . DG  A 1 3  ? -5.261  0.195   -16.022 1.00 19.20 ? 3   DG  A C5    1 
ATOM   57   C C6    . DG  A 1 3  ? -3.918  -0.011  -15.691 1.00 19.11 ? 3   DG  A C6    1 
ATOM   58   O O6    . DG  A 1 3  ? -3.161  0.748   -15.042 1.00 20.13 ? 3   DG  A O6    1 
ATOM   59   N N1    . DG  A 1 3  ? -3.430  -1.203  -16.216 1.00 18.41 ? 3   DG  A N1    1 
ATOM   60   C C2    . DG  A 1 3  ? -4.140  -2.109  -16.968 1.00 18.76 ? 3   DG  A C2    1 
ATOM   61   N N2    . DG  A 1 3  ? -3.454  -3.200  -17.366 1.00 16.22 ? 3   DG  A N2    1 
ATOM   62   N N3    . DG  A 1 3  ? -5.419  -1.933  -17.285 1.00 17.90 ? 3   DG  A N3    1 
ATOM   63   C C4    . DG  A 1 3  ? -5.903  -0.760  -16.781 1.00 19.22 ? 3   DG  A C4    1 
ATOM   64   P P     . DG  A 1 4  ? -10.558 -1.506  -21.064 1.00 25.17 ? 4   DG  A P     1 
ATOM   65   O OP1   . DG  A 1 4  ? -12.003 -1.795  -21.047 1.00 24.99 ? 4   DG  A OP1   1 
ATOM   66   O OP2   . DG  A 1 4  ? -9.703  -2.001  -22.165 1.00 26.28 ? 4   DG  A OP2   1 
ATOM   67   O "O5'" . DG  A 1 4  ? -10.315 0.078   -20.953 1.00 22.19 ? 4   DG  A "O5'" 1 
ATOM   68   C "C5'" . DG  A 1 4  ? -11.020 0.856   -19.953 1.00 19.86 ? 4   DG  A "C5'" 1 
ATOM   69   C "C4'" . DG  A 1 4  ? -10.471 2.266   -19.785 1.00 19.40 ? 4   DG  A "C4'" 1 
ATOM   70   O "O4'" . DG  A 1 4  ? -9.172  2.261   -19.128 1.00 19.33 ? 4   DG  A "O4'" 1 
ATOM   71   C "C3'" . DG  A 1 4  ? -10.286 3.092   -21.057 1.00 19.44 ? 4   DG  A "C3'" 1 
ATOM   72   O "O3'" . DG  A 1 4  ? -10.986 4.318   -20.809 1.00 19.49 ? 4   DG  A "O3'" 1 
ATOM   73   C "C2'" . DG  A 1 4  ? -8.758  3.248   -21.195 1.00 18.35 ? 4   DG  A "C2'" 1 
ATOM   74   C "C1'" . DG  A 1 4  ? -8.312  3.190   -19.739 1.00 16.95 ? 4   DG  A "C1'" 1 
ATOM   75   N N9    . DG  A 1 4  ? -6.985  2.664   -19.458 1.00 15.74 ? 4   DG  A N9    1 
ATOM   76   C C8    . DG  A 1 4  ? -6.463  1.478   -19.925 1.00 16.33 ? 4   DG  A C8    1 
ATOM   77   N N7    . DG  A 1 4  ? -5.272  1.221   -19.466 1.00 14.78 ? 4   DG  A N7    1 
ATOM   78   C C5    . DG  A 1 4  ? -4.967  2.320   -18.664 1.00 14.11 ? 4   DG  A C5    1 
ATOM   79   C C6    . DG  A 1 4  ? -3.789  2.617   -17.920 1.00 15.48 ? 4   DG  A C6    1 
ATOM   80   O O6    . DG  A 1 4  ? -2.728  1.957   -17.812 1.00 13.70 ? 4   DG  A O6    1 
ATOM   81   N N1    . DG  A 1 4  ? -3.895  3.827   -17.235 1.00 15.13 ? 4   DG  A N1    1 
ATOM   82   C C2    . DG  A 1 4  ? -4.988  4.659   -17.258 1.00 14.80 ? 4   DG  A C2    1 
ATOM   83   N N2    . DG  A 1 4  ? -4.887  5.786   -16.528 1.00 14.21 ? 4   DG  A N2    1 
ATOM   84   N N3    . DG  A 1 4  ? -6.088  4.395   -17.941 1.00 12.93 ? 4   DG  A N3    1 
ATOM   85   C C4    . DG  A 1 4  ? -6.015  3.215   -18.630 1.00 15.13 ? 4   DG  A C4    1 
ATOM   86   P P     . DT  A 1 5  ? -11.200 5.431   -21.923 1.00 18.54 ? 5   DT  A P     1 
ATOM   87   O OP1   . DT  A 1 5  ? -12.476 6.137   -21.631 1.00 19.66 ? 5   DT  A OP1   1 
ATOM   88   O OP2   . DT  A 1 5  ? -11.022 4.737   -23.219 1.00 19.31 ? 5   DT  A OP2   1 
ATOM   89   O "O5'" . DT  A 1 5  ? -9.964  6.415   -21.644 1.00 15.16 ? 5   DT  A "O5'" 1 
ATOM   90   C "C5'" . DT  A 1 5  ? -10.073 7.811   -21.891 1.00 15.75 ? 5   DT  A "C5'" 1 
ATOM   91   C "C4'" . DT  A 1 5  ? -8.929  8.630   -21.271 1.00 15.53 ? 5   DT  A "C4'" 1 
ATOM   92   O "O4'" . DT  A 1 5  ? -9.127  8.657   -19.835 1.00 17.72 ? 5   DT  A "O4'" 1 
ATOM   93   C "C3'" . DT  A 1 5  ? -7.500  8.109   -21.435 1.00 16.26 ? 5   DT  A "C3'" 1 
ATOM   94   O "O3'" . DT  A 1 5  ? -6.487  9.181   -21.506 1.00 16.86 ? 5   DT  A "O3'" 1 
ATOM   95   C "C2'" . DT  A 1 5  ? -7.312  7.208   -20.219 1.00 16.53 ? 5   DT  A "C2'" 1 
ATOM   96   C "C1'" . DT  A 1 5  ? -8.033  8.037   -19.167 1.00 16.42 ? 5   DT  A "C1'" 1 
ATOM   97   N N1    . DT  A 1 5  ? -8.545  7.262   -18.003 1.00 17.04 ? 5   DT  A N1    1 
ATOM   98   C C2    . DT  A 1 5  ? -7.913  7.346   -16.761 1.00 17.12 ? 5   DT  A C2    1 
ATOM   99   O O2    . DT  A 1 5  ? -6.907  8.015   -16.548 1.00 15.97 ? 5   DT  A O2    1 
ATOM   100  N N3    . DT  A 1 5  ? -8.500  6.585   -15.773 1.00 15.53 ? 5   DT  A N3    1 
ATOM   101  C C4    . DT  A 1 5  ? -9.631  5.790   -15.920 1.00 17.54 ? 5   DT  A C4    1 
ATOM   102  O O4    . DT  A 1 5  ? -10.111 5.150   -15.002 1.00 16.04 ? 5   DT  A O4    1 
ATOM   103  C C5    . DT  A 1 5  ? -10.230 5.759   -17.233 1.00 17.35 ? 5   DT  A C5    1 
ATOM   104  C C7    . DT  A 1 5  ? -11.454 4.938   -17.499 1.00 17.58 ? 5   DT  A C7    1 
ATOM   105  C C6    . DT  A 1 5  ? -9.671  6.486   -18.196 1.00 16.93 ? 5   DT  A C6    1 
ATOM   106  P P     . DT  A 1 6  ? -5.053  8.791   -22.104 1.00 16.89 ? 6   DT  A P     1 
ATOM   107  O OP1   . DT  A 1 6  ? -4.190  10.003  -22.167 1.00 18.66 ? 6   DT  A OP1   1 
ATOM   108  O OP2   . DT  A 1 6  ? -5.222  7.975   -23.319 1.00 18.84 ? 6   DT  A OP2   1 
ATOM   109  O "O5'" . DT  A 1 6  ? -4.473  7.808   -20.993 1.00 17.87 ? 6   DT  A "O5'" 1 
ATOM   110  C "C5'" . DT  A 1 6  ? -3.915  8.332   -19.758 1.00 19.10 ? 6   DT  A "C5'" 1 
ATOM   111  C "C4'" . DT  A 1 6  ? -2.619  7.631   -19.403 1.00 18.24 ? 6   DT  A "C4'" 1 
ATOM   112  O "O4'" . DT  A 1 6  ? -2.897  6.221   -19.263 1.00 20.58 ? 6   DT  A "O4'" 1 
ATOM   113  C "C3'" . DT  A 1 6  ? -1.582  7.691   -20.513 1.00 19.78 ? 6   DT  A "C3'" 1 
ATOM   114  O "O3'" . DT  A 1 6  ? -0.766  8.853   -20.375 1.00 19.51 ? 6   DT  A "O3'" 1 
ATOM   115  C "C2'" . DT  A 1 6  ? -0.777  6.395   -20.353 1.00 18.67 ? 6   DT  A "C2'" 1 
ATOM   116  C "C1'" . DT  A 1 6  ? -1.826  5.451   -19.789 1.00 17.16 ? 6   DT  A "C1'" 1 
ATOM   117  N N1    . DT  A 1 6  ? -2.424  4.435   -20.675 1.00 15.32 ? 6   DT  A N1    1 
ATOM   118  C C2    . DT  A 1 6  ? -1.756  3.229   -20.819 1.00 13.66 ? 6   DT  A C2    1 
ATOM   119  O O2    . DT  A 1 6  ? -0.678  2.990   -20.312 1.00 8.96  ? 6   DT  A O2    1 
ATOM   120  N N3    . DT  A 1 6  ? -2.402  2.311   -21.606 1.00 13.01 ? 6   DT  A N3    1 
ATOM   121  C C4    . DT  A 1 6  ? -3.613  2.466   -22.247 1.00 13.49 ? 6   DT  A C4    1 
ATOM   122  O O4    . DT  A 1 6  ? -4.068  1.574   -22.939 1.00 13.60 ? 6   DT  A O4    1 
ATOM   123  C C5    . DT  A 1 6  ? -4.272  3.737   -22.071 1.00 13.85 ? 6   DT  A C5    1 
ATOM   124  C C7    . DT  A 1 6  ? -5.601  4.001   -22.733 1.00 13.35 ? 6   DT  A C7    1 
ATOM   125  C C6    . DT  A 1 6  ? -3.655  4.655   -21.291 1.00 14.64 ? 6   DT  A C6    1 
ATOM   126  P P     . DT  A 1 7  ? 0.168   9.240   -21.588 1.00 21.90 ? 7   DT  A P     1 
ATOM   127  O OP1   . DT  A 1 7  ? 0.611   10.617  -21.345 1.00 24.35 ? 7   DT  A OP1   1 
ATOM   128  O OP2   . DT  A 1 7  ? -0.489  8.856   -22.855 1.00 20.72 ? 7   DT  A OP2   1 
ATOM   129  O "O5'" . DT  A 1 7  ? 1.405   8.232   -21.412 1.00 23.86 ? 7   DT  A "O5'" 1 
ATOM   130  C "C5'" . DT  A 1 7  ? 2.377   8.096   -22.418 1.00 24.76 ? 7   DT  A "C5'" 1 
ATOM   131  C "C4'" . DT  A 1 7  ? 3.439   7.132   -21.914 1.00 26.34 ? 7   DT  A "C4'" 1 
ATOM   132  O "O4'" . DT  A 1 7  ? 2.905   5.788   -21.973 1.00 24.03 ? 7   DT  A "O4'" 1 
ATOM   133  C "C3'" . DT  A 1 7  ? 4.730   7.054   -22.718 1.00 27.90 ? 7   DT  A "C3'" 1 
ATOM   134  O "O3'" . DT  A 1 7  ? 5.753   6.622   -21.853 1.00 32.15 ? 7   DT  A "O3'" 1 
ATOM   135  C "C2'" . DT  A 1 7  ? 4.430   5.959   -23.732 1.00 25.39 ? 7   DT  A "C2'" 1 
ATOM   136  C "C1'" . DT  A 1 7  ? 3.696   4.987   -22.828 1.00 23.22 ? 7   DT  A "C1'" 1 
ATOM   137  N N1    . DT  A 1 7  ? 2.865   4.003   -23.571 1.00 20.14 ? 7   DT  A N1    1 
ATOM   138  C C2    . DT  A 1 7  ? 3.489   2.856   -24.033 1.00 20.11 ? 7   DT  A C2    1 
ATOM   139  O O2    . DT  A 1 7  ? 4.671   2.615   -23.856 1.00 18.97 ? 7   DT  A O2    1 
ATOM   140  N N3    . DT  A 1 7  ? 2.669   1.979   -24.708 1.00 18.86 ? 7   DT  A N3    1 
ATOM   141  C C4    . DT  A 1 7  ? 1.314   2.158   -24.969 1.00 18.40 ? 7   DT  A C4    1 
ATOM   142  O O4    . DT  A 1 7  ? 0.672   1.330   -25.599 1.00 18.86 ? 7   DT  A O4    1 
ATOM   143  C C5    . DT  A 1 7  ? 0.718   3.369   -24.465 1.00 17.93 ? 7   DT  A C5    1 
ATOM   144  C C7    . DT  A 1 7  ? -0.734  3.634   -24.703 1.00 19.44 ? 7   DT  A C7    1 
ATOM   145  C C6    . DT  A 1 7  ? 1.510   4.227   -23.792 1.00 20.33 ? 7   DT  A C6    1 
ATOM   146  P P     . DT  A 1 8  ? 7.191   7.315   -21.827 1.00 35.81 ? 8   DT  A P     1 
ATOM   147  O OP1   . DT  A 1 8  ? 7.293   8.144   -20.606 1.00 35.89 ? 8   DT  A OP1   1 
ATOM   148  O OP2   . DT  A 1 8  ? 7.470   7.915   -23.152 1.00 36.24 ? 8   DT  A OP2   1 
ATOM   149  O "O5'" . DT  A 1 8  ? 8.104   6.022   -21.609 1.00 35.84 ? 8   DT  A "O5'" 1 
ATOM   150  C "C5'" . DT  A 1 8  ? 8.522   5.220   -22.718 1.00 36.68 ? 8   DT  A "C5'" 1 
ATOM   151  C "C4'" . DT  A 1 8  ? 9.351   4.069   -22.192 1.00 36.29 ? 8   DT  A "C4'" 1 
ATOM   152  O "O4'" . DT  A 1 8  ? 10.745  4.441   -22.061 1.00 36.76 ? 8   DT  A "O4'" 1 
ATOM   153  C "C3'" . DT  A 1 8  ? 8.857   3.680   -20.818 1.00 36.23 ? 8   DT  A "C3'" 1 
ATOM   154  O "O3'" . DT  A 1 8  ? 8.208   2.407   -20.980 1.00 36.69 ? 8   DT  A "O3'" 1 
ATOM   155  C "C2'" . DT  A 1 8  ? 10.042  3.850   -19.852 1.00 35.54 ? 8   DT  A "C2'" 1 
ATOM   156  C "C1'" . DT  A 1 8  ? 11.181  4.417   -20.707 1.00 36.10 ? 8   DT  A "C1'" 1 
ATOM   157  N N1    . DT  A 1 8  ? 11.731  5.811   -20.420 1.00 35.22 ? 8   DT  A N1    1 
ATOM   158  C C2    . DT  A 1 8  ? 13.043  5.958   -19.979 1.00 35.47 ? 8   DT  A C2    1 
ATOM   159  O O2    . DT  A 1 8  ? 13.786  5.020   -19.764 1.00 36.59 ? 8   DT  A O2    1 
ATOM   160  N N3    . DT  A 1 8  ? 13.474  7.255   -19.777 1.00 34.52 ? 8   DT  A N3    1 
ATOM   161  C C4    . DT  A 1 8  ? 12.721  8.399   -19.977 1.00 33.95 ? 8   DT  A C4    1 
ATOM   162  O O4    . DT  A 1 8  ? 13.197  9.502   -19.768 1.00 33.55 ? 8   DT  A O4    1 
ATOM   163  C C5    . DT  A 1 8  ? 11.362  8.201   -20.456 1.00 34.29 ? 8   DT  A C5    1 
ATOM   164  C C7    . DT  A 1 8  ? 10.450  9.375   -20.723 1.00 32.14 ? 8   DT  A C7    1 
ATOM   165  C C6    . DT  A 1 8  ? 10.945  6.934   -20.653 1.00 34.72 ? 8   DT  A C6    1 
ATOM   166  P P     . DG  A 1 9  ? 8.769   0.985   -20.548 1.00 36.58 ? 9   DG  A P     1 
ATOM   167  O OP1   . DG  A 1 9  ? 10.235  1.128   -20.363 1.00 38.28 ? 9   DG  A OP1   1 
ATOM   168  O OP2   . DG  A 1 9  ? 8.243   -0.048  -21.465 1.00 36.94 ? 9   DG  A OP2   1 
ATOM   169  O "O5'" . DG  A 1 9  ? 8.030   0.797   -19.148 1.00 33.47 ? 9   DG  A "O5'" 1 
ATOM   170  C "C5'" . DG  A 1 9  ? 8.738   0.385   -18.016 1.00 27.83 ? 9   DG  A "C5'" 1 
ATOM   171  C "C4'" . DG  A 1 9  ? 9.152   1.543   -17.123 1.00 24.38 ? 9   DG  A "C4'" 1 
ATOM   172  O "O4'" . DG  A 1 9  ? 8.193   2.644   -17.090 1.00 21.91 ? 9   DG  A "O4'" 1 
ATOM   173  C "C3'" . DG  A 1 9  ? 9.247   1.073   -15.691 1.00 21.70 ? 9   DG  A "C3'" 1 
ATOM   174  O "O3'" . DG  A 1 9  ? 10.103  1.924   -14.978 1.00 23.52 ? 9   DG  A "O3'" 1 
ATOM   175  C "C2'" . DG  A 1 9  ? 7.826   1.304   -15.212 1.00 21.61 ? 9   DG  A "C2'" 1 
ATOM   176  C "C1'" . DG  A 1 9  ? 7.559   2.674   -15.825 1.00 18.66 ? 9   DG  A "C1'" 1 
ATOM   177  N N9    . DG  A 1 9  ? 6.136   2.978   -15.888 1.00 17.06 ? 9   DG  A N9    1 
ATOM   178  C C8    . DG  A 1 9  ? 5.533   4.110   -15.368 1.00 15.63 ? 9   DG  A C8    1 
ATOM   179  N N7    . DG  A 1 9  ? 4.238   4.117   -15.541 1.00 15.90 ? 9   DG  A N7    1 
ATOM   180  C C5    . DG  A 1 9  ? 3.981   2.922   -16.206 1.00 13.86 ? 9   DG  A C5    1 
ATOM   181  C C6    . DG  A 1 9  ? 2.741   2.393   -16.651 1.00 12.98 ? 9   DG  A C6    1 
ATOM   182  O O6    . DG  A 1 9  ? 1.617   2.898   -16.530 1.00 12.66 ? 9   DG  A O6    1 
ATOM   183  N N1    . DG  A 1 9  ? 2.884   1.166   -17.285 1.00 12.67 ? 9   DG  A N1    1 
ATOM   184  C C2    . DG  A 1 9  ? 4.089   0.522   -17.446 1.00 14.12 ? 9   DG  A C2    1 
ATOM   185  N N2    . DG  A 1 9  ? 4.028   -0.649  -18.085 1.00 15.94 ? 9   DG  A N2    1 
ATOM   186  N N3    . DG  A 1 9  ? 5.266   1.005   -17.031 1.00 13.23 ? 9   DG  A N3    1 
ATOM   187  C C4    . DG  A 1 9  ? 5.130   2.206   -16.418 1.00 12.95 ? 9   DG  A C4    1 
ATOM   188  P P     . DG  A 1 10 ? 10.624  1.415   -13.566 1.00 24.12 ? 10  DG  A P     1 
ATOM   189  O OP1   . DG  A 1 10 ? 12.027  1.865   -13.516 1.00 21.72 ? 10  DG  A OP1   1 
ATOM   190  O OP2   . DG  A 1 10 ? 10.249  -0.013  -13.429 1.00 21.30 ? 10  DG  A OP2   1 
ATOM   191  O "O5'" . DG  A 1 10 ? 9.728   2.187   -12.480 1.00 22.73 ? 10  DG  A "O5'" 1 
ATOM   192  C "C5'" . DG  A 1 10 ? 9.597   3.603   -12.505 1.00 21.28 ? 10  DG  A "C5'" 1 
ATOM   193  C "C4'" . DG  A 1 10 ? 8.371   4.090   -11.736 1.00 19.64 ? 10  DG  A "C4'" 1 
ATOM   194  O "O4'" . DG  A 1 10 ? 7.195   3.662   -12.447 1.00 20.76 ? 10  DG  A "O4'" 1 
ATOM   195  C "C3'" . DG  A 1 10 ? 8.182   3.606   -10.297 1.00 19.65 ? 10  DG  A "C3'" 1 
ATOM   196  O "O3'" . DG  A 1 10 ? 8.012   4.763   -9.515  1.00 20.59 ? 10  DG  A "O3'" 1 
ATOM   197  C "C2'" . DG  A 1 10 ? 6.886   2.804   -10.347 1.00 19.32 ? 10  DG  A "C2'" 1 
ATOM   198  C "C1'" . DG  A 1 10 ? 6.181   3.483   -11.513 1.00 17.97 ? 10  DG  A "C1'" 1 
ATOM   199  N N9    . DG  A 1 10 ? 5.145   2.678   -12.137 1.00 16.79 ? 10  DG  A N9    1 
ATOM   200  C C8    . DG  A 1 10 ? 5.265   1.429   -12.685 1.00 15.73 ? 10  DG  A C8    1 
ATOM   201  N N7    . DG  A 1 10 ? 4.142   0.979   -13.159 1.00 16.24 ? 10  DG  A N7    1 
ATOM   202  C C5    . DG  A 1 10 ? 3.213   1.992   -12.906 1.00 15.15 ? 10  DG  A C5    1 
ATOM   203  C C6    . DG  A 1 10 ? 1.824   2.096   -13.177 1.00 15.99 ? 10  DG  A C6    1 
ATOM   204  O O6    . DG  A 1 10 ? 1.076   1.257   -13.726 1.00 18.65 ? 10  DG  A O6    1 
ATOM   205  N N1    . DG  A 1 10 ? 1.261   3.308   -12.761 1.00 14.87 ? 10  DG  A N1    1 
ATOM   206  C C2    . DG  A 1 10 ? 1.979   4.308   -12.121 1.00 16.80 ? 10  DG  A C2    1 
ATOM   207  N N2    . DG  A 1 10 ? 1.320   5.430   -11.767 1.00 16.39 ? 10  DG  A N2    1 
ATOM   208  N N3    . DG  A 1 10 ? 3.276   4.224   -11.863 1.00 14.20 ? 10  DG  A N3    1 
ATOM   209  C C4    . DG  A 1 10 ? 3.826   3.049   -12.273 1.00 16.14 ? 10  DG  A C4    1 
ATOM   210  P P     . DG  A 1 11 ? 7.884   4.790   -7.914  1.00 23.32 ? 11  DG  A P     1 
ATOM   211  O OP1   . DG  A 1 11 ? 9.077   5.498   -7.448  1.00 23.44 ? 11  DG  A OP1   1 
ATOM   212  O OP2   . DG  A 1 11 ? 7.540   3.463   -7.335  1.00 23.30 ? 11  DG  A OP2   1 
ATOM   213  O "O5'" . DG  A 1 11 ? 6.623   5.744   -7.758  1.00 22.69 ? 11  DG  A "O5'" 1 
ATOM   214  C "C5'" . DG  A 1 11 ? 5.343   5.279   -8.089  1.00 22.48 ? 11  DG  A "C5'" 1 
ATOM   215  C "C4'" . DG  A 1 11 ? 4.370   6.041   -7.230  1.00 20.81 ? 11  DG  A "C4'" 1 
ATOM   216  O "O4'" . DG  A 1 11 ? 3.064   5.917   -7.816  1.00 21.48 ? 11  DG  A "O4'" 1 
ATOM   217  C "C3'" . DG  A 1 11 ? 4.250   5.507   -5.817  1.00 19.70 ? 11  DG  A "C3'" 1 
ATOM   218  O "O3'" . DG  A 1 11 ? 4.129   6.642   -4.982  1.00 20.24 ? 11  DG  A "O3'" 1 
ATOM   219  C "C2'" . DG  A 1 11 ? 2.984   4.665   -5.879  1.00 19.10 ? 11  DG  A "C2'" 1 
ATOM   220  C "C1'" . DG  A 1 11 ? 2.146   5.488   -6.847  1.00 16.35 ? 11  DG  A "C1'" 1 
ATOM   221  N N9    . DG  A 1 11 ? 1.168   4.739   -7.612  1.00 12.63 ? 11  DG  A N9    1 
ATOM   222  C C8    . DG  A 1 11 ? -0.154  5.077   -7.817  1.00 9.20  ? 11  DG  A C8    1 
ATOM   223  N N7    . DG  A 1 11 ? -0.786  4.218   -8.564  1.00 7.55  ? 11  DG  A N7    1 
ATOM   224  C C5    . DG  A 1 11 ? 0.182   3.258   -8.872  1.00 7.49  ? 11  DG  A C5    1 
ATOM   225  C C6    . DG  A 1 11 ? 0.105   2.096   -9.659  1.00 8.29  ? 11  DG  A C6    1 
ATOM   226  O O6    . DG  A 1 11 ? -0.893  1.656   -10.254 1.00 7.04  ? 11  DG  A O6    1 
ATOM   227  N N1    . DG  A 1 11 ? 1.307   1.388   -9.740  1.00 6.53  ? 11  DG  A N1    1 
ATOM   228  C C2    . DG  A 1 11 ? 2.473   1.790   -9.142  1.00 8.02  ? 11  DG  A C2    1 
ATOM   229  N N2    . DG  A 1 11 ? 3.558   1.005   -9.308  1.00 8.70  ? 11  DG  A N2    1 
ATOM   230  N N3    . DG  A 1 11 ? 2.565   2.888   -8.406  1.00 10.58 ? 11  DG  A N3    1 
ATOM   231  C C4    . DG  A 1 11 ? 1.388   3.563   -8.303  1.00 10.40 ? 11  DG  A C4    1 
ATOM   232  P P     . DG  A 1 12 ? 4.067   6.523   -3.383  1.00 21.91 ? 12  DG  A P     1 
ATOM   233  O OP1   . DG  A 1 12 ? 4.329   7.877   -2.844  1.00 24.33 ? 12  DG  A OP1   1 
ATOM   234  O OP2   . DG  A 1 12 ? 4.844   5.350   -2.932  1.00 19.60 ? 12  DG  A OP2   1 
ATOM   235  O "O5'" . DG  A 1 12 ? 2.511   6.254   -3.121  1.00 23.35 ? 12  DG  A "O5'" 1 
ATOM   236  C "C5'" . DG  A 1 12 ? 1.605   7.343   -3.368  1.00 21.81 ? 12  DG  A "C5'" 1 
ATOM   237  C "C4'" . DG  A 1 12 ? 0.221   6.796   -3.149  1.00 21.10 ? 12  DG  A "C4'" 1 
ATOM   238  O "O4'" . DG  A 1 12 ? 0.055   5.733   -4.114  1.00 20.84 ? 12  DG  A "O4'" 1 
ATOM   239  C "C3'" . DG  A 1 12 ? 0.070   6.148   -1.776  1.00 21.63 ? 12  DG  A "C3'" 1 
ATOM   240  O "O3'" . DG  A 1 12 ? -0.900  6.869   -1.012  1.00 21.61 ? 12  DG  A "O3'" 1 
ATOM   241  C "C2'" . DG  A 1 12 ? -0.309  4.687   -2.056  1.00 19.37 ? 12  DG  A "C2'" 1 
ATOM   242  C "C1'" . DG  A 1 12 ? -0.717  4.713   -3.532  1.00 18.12 ? 12  DG  A "C1'" 1 
ATOM   243  N N9    . DG  A 1 12 ? -0.509  3.494   -4.314  1.00 16.56 ? 12  DG  A N9    1 
ATOM   244  C C8    . DG  A 1 12 ? 0.641   2.734   -4.465  1.00 16.19 ? 12  DG  A C8    1 
ATOM   245  N N7    . DG  A 1 12 ? 0.492   1.693   -5.261  1.00 14.46 ? 12  DG  A N7    1 
ATOM   246  C C5    . DG  A 1 12 ? -0.844  1.773   -5.663  1.00 14.38 ? 12  DG  A C5    1 
ATOM   247  C C6    . DG  A 1 12 ? -1.629  0.926   -6.516  1.00 13.51 ? 12  DG  A C6    1 
ATOM   248  O O6    . DG  A 1 12 ? -1.269  -0.092  -7.131  1.00 13.05 ? 12  DG  A O6    1 
ATOM   249  N N1    . DG  A 1 12 ? -2.951  1.348   -6.663  1.00 9.55  ? 12  DG  A N1    1 
ATOM   250  C C2    . DG  A 1 12 ? -3.466  2.464   -6.033  1.00 11.78 ? 12  DG  A C2    1 
ATOM   251  N N2    . DG  A 1 12 ? -4.752  2.772   -6.261  1.00 11.80 ? 12  DG  A N2    1 
ATOM   252  N N3    . DG  A 1 12 ? -2.756  3.258   -5.235  1.00 13.36 ? 12  DG  A N3    1 
ATOM   253  C C4    . DG  A 1 12 ? -1.465  2.865   -5.086  1.00 14.17 ? 12  DG  A C4    1 
ATOM   254  O "O5'" . DG  B 1 1  ? 2.252   9.568   -12.990 1.00 24.04 ? 13  DG  B "O5'" 1 
ATOM   255  C "C5'" . DG  B 1 1  ? 2.019   10.889  -13.445 1.00 22.62 ? 13  DG  B "C5'" 1 
ATOM   256  C "C4'" . DG  B 1 1  ? 0.559   11.282  -13.242 1.00 21.74 ? 13  DG  B "C4'" 1 
ATOM   257  O "O4'" . DG  B 1 1  ? -0.263  10.617  -14.230 1.00 20.89 ? 13  DG  B "O4'" 1 
ATOM   258  C "C3'" . DG  B 1 1  ? -0.037  10.905  -11.887 1.00 22.80 ? 13  DG  B "C3'" 1 
ATOM   259  O "O3'" . DG  B 1 1  ? -0.942  11.909  -11.443 1.00 21.60 ? 13  DG  B "O3'" 1 
ATOM   260  C "C2'" . DG  B 1 1  ? -0.806  9.624   -12.189 1.00 21.50 ? 13  DG  B "C2'" 1 
ATOM   261  C "C1'" . DG  B 1 1  ? -1.302  9.923   -13.595 1.00 19.03 ? 13  DG  B "C1'" 1 
ATOM   262  N N9    . DG  B 1 1  ? -1.577  8.695   -14.304 1.00 17.96 ? 13  DG  B N9    1 
ATOM   263  C C8    . DG  B 1 1  ? -2.806  8.294   -14.772 1.00 16.56 ? 13  DG  B C8    1 
ATOM   264  N N7    . DG  B 1 1  ? -2.770  7.128   -15.357 1.00 17.19 ? 13  DG  B N7    1 
ATOM   265  C C5    . DG  B 1 1  ? -1.438  6.737   -15.252 1.00 16.39 ? 13  DG  B C5    1 
ATOM   266  C C6    . DG  B 1 1  ? -0.801  5.566   -15.706 1.00 16.12 ? 13  DG  B C6    1 
ATOM   267  O O6    . DG  B 1 1  ? -1.310  4.609   -16.297 1.00 16.79 ? 13  DG  B O6    1 
ATOM   268  N N1    . DG  B 1 1  ? 0.559   5.528   -15.407 1.00 15.58 ? 13  DG  B N1    1 
ATOM   269  C C2    . DG  B 1 1  ? 1.237   6.517   -14.752 1.00 14.80 ? 13  DG  B C2    1 
ATOM   270  N N2    . DG  B 1 1  ? 2.544   6.286   -14.571 1.00 15.22 ? 13  DG  B N2    1 
ATOM   271  N N3    . DG  B 1 1  ? 0.664   7.632   -14.308 1.00 16.53 ? 13  DG  B N3    1 
ATOM   272  C C4    . DG  B 1 1  ? -0.676  7.682   -14.604 1.00 17.68 ? 13  DG  B C4    1 
ATOM   273  P P     . DG  B 1 2  ? -1.583  11.909  -9.977  1.00 21.52 ? 14  DG  B P     1 
ATOM   274  O OP1   . DG  B 1 2  ? -2.117  13.289  -9.822  1.00 22.09 ? 14  DG  B OP1   1 
ATOM   275  O OP2   . DG  B 1 2  ? -0.623  11.326  -9.032  1.00 21.12 ? 14  DG  B OP2   1 
ATOM   276  O "O5'" . DG  B 1 2  ? -2.853  10.928  -9.983  1.00 20.02 ? 14  DG  B "O5'" 1 
ATOM   277  C "C5'" . DG  B 1 2  ? -3.917  11.170  -10.901 1.00 19.25 ? 14  DG  B "C5'" 1 
ATOM   278  C "C4'" . DG  B 1 2  ? -4.822  9.950   -11.022 1.00 17.76 ? 14  DG  B "C4'" 1 
ATOM   279  O "O4'" . DG  B 1 2  ? -4.129  8.894   -11.737 1.00 19.67 ? 14  DG  B "O4'" 1 
ATOM   280  C "C3'" . DG  B 1 2  ? -5.266  9.312   -9.708  1.00 17.86 ? 14  DG  B "C3'" 1 
ATOM   281  O "O3'" . DG  B 1 2  ? -6.690  8.979   -9.699  1.00 17.77 ? 14  DG  B "O3'" 1 
ATOM   282  C "C2'" . DG  B 1 2  ? -4.395  8.047   -9.628  1.00 16.62 ? 14  DG  B "C2'" 1 
ATOM   283  C "C1'" . DG  B 1 2  ? -4.428  7.663   -11.104 1.00 16.46 ? 14  DG  B "C1'" 1 
ATOM   284  N N9    . DG  B 1 2  ? -3.443  6.678   -11.530 1.00 15.41 ? 14  DG  B N9    1 
ATOM   285  C C8    . DG  B 1 2  ? -2.094  6.679   -11.269 1.00 12.91 ? 14  DG  B C8    1 
ATOM   286  N N7    . DG  B 1 2  ? -1.473  5.660   -11.775 1.00 13.77 ? 14  DG  B N7    1 
ATOM   287  C C5    . DG  B 1 2  ? -2.482  4.934   -12.424 1.00 11.78 ? 14  DG  B C5    1 
ATOM   288  C C6    . DG  B 1 2  ? -2.435  3.738   -13.176 1.00 10.81 ? 14  DG  B C6    1 
ATOM   289  O O6    . DG  B 1 2  ? -1.434  3.054   -13.423 1.00 8.95  ? 14  DG  B O6    1 
ATOM   290  N N1    . DG  B 1 2  ? -3.704  3.304   -13.644 1.00 10.01 ? 14  DG  B N1    1 
ATOM   291  C C2    . DG  B 1 2  ? -4.859  4.021   -13.434 1.00 9.70  ? 14  DG  B C2    1 
ATOM   292  N N2    . DG  B 1 2  ? -5.990  3.537   -13.930 1.00 9.35  ? 14  DG  B N2    1 
ATOM   293  N N3    . DG  B 1 2  ? -4.910  5.145   -12.742 1.00 12.05 ? 14  DG  B N3    1 
ATOM   294  C C4    . DG  B 1 2  ? -3.702  5.537   -12.263 1.00 12.81 ? 14  DG  B C4    1 
ATOM   295  P P     . DG  B 1 3  ? -7.461  8.766   -8.306  1.00 18.41 ? 15  DG  B P     1 
ATOM   296  O OP1   . DG  B 1 3  ? -8.324  9.974   -8.113  1.00 17.00 ? 15  DG  B OP1   1 
ATOM   297  O OP2   . DG  B 1 3  ? -6.467  8.365   -7.280  1.00 17.75 ? 15  DG  B OP2   1 
ATOM   298  O "O5'" . DG  B 1 3  ? -8.440  7.535   -8.543  1.00 16.43 ? 15  DG  B "O5'" 1 
ATOM   299  C "C5'" . DG  B 1 3  ? -8.282  6.734   -9.695  1.00 17.86 ? 15  DG  B "C5'" 1 
ATOM   300  C "C4'" . DG  B 1 3  ? -9.288  5.607   -9.744  1.00 15.49 ? 15  DG  B "C4'" 1 
ATOM   301  O "O4'" . DG  B 1 3  ? -8.676  4.505   -10.454 1.00 13.11 ? 15  DG  B "O4'" 1 
ATOM   302  C "C3'" . DG  B 1 3  ? -9.690  5.045   -8.400  1.00 15.62 ? 15  DG  B "C3'" 1 
ATOM   303  O "O3'" . DG  B 1 3  ? -11.054 4.702   -8.492  1.00 19.42 ? 15  DG  B "O3'" 1 
ATOM   304  C "C2'" . DG  B 1 3  ? -8.797  3.803   -8.264  1.00 15.30 ? 15  DG  B "C2'" 1 
ATOM   305  C "C1'" . DG  B 1 3  ? -8.812  3.315   -9.715  1.00 13.17 ? 15  DG  B "C1'" 1 
ATOM   306  N N9    . DG  B 1 3  ? -7.741  2.438   -10.186 1.00 12.48 ? 15  DG  B N9    1 
ATOM   307  C C8    . DG  B 1 3  ? -7.908  1.293   -10.935 1.00 11.35 ? 15  DG  B C8    1 
ATOM   308  N N7    . DG  B 1 3  ? -6.775  0.727   -11.257 1.00 11.98 ? 15  DG  B N7    1 
ATOM   309  C C5    . DG  B 1 3  ? -5.805  1.545   -10.709 1.00 11.12 ? 15  DG  B C5    1 
ATOM   310  C C6    . DG  B 1 3  ? -4.402  1.429   -10.738 1.00 11.39 ? 15  DG  B C6    1 
ATOM   311  O O6    . DG  B 1 3  ? -3.739  0.508   -11.274 1.00 9.56  ? 15  DG  B O6    1 
ATOM   312  N N1    . DG  B 1 3  ? -3.757  2.491   -10.054 1.00 11.78 ? 15  DG  B N1    1 
ATOM   313  C C2    . DG  B 1 3  ? -4.416  3.522   -9.408  1.00 11.61 ? 15  DG  B C2    1 
ATOM   314  N N2    . DG  B 1 3  ? -3.673  4.481   -8.820  1.00 12.83 ? 15  DG  B N2    1 
ATOM   315  N N3    . DG  B 1 3  ? -5.734  3.623   -9.384  1.00 11.57 ? 15  DG  B N3    1 
ATOM   316  C C4    . DG  B 1 3  ? -6.374  2.612   -10.047 1.00 12.28 ? 15  DG  B C4    1 
ATOM   317  P P     . DG  B 1 4  ? -11.824 4.103   -7.229  1.00 20.50 ? 16  DG  B P     1 
ATOM   318  O OP1   . DG  B 1 4  ? -13.270 4.329   -7.422  1.00 21.90 ? 16  DG  B OP1   1 
ATOM   319  O OP2   . DG  B 1 4  ? -11.117 4.534   -5.999  1.00 17.79 ? 16  DG  B OP2   1 
ATOM   320  O "O5'" . DG  B 1 4  ? -11.640 2.538   -7.346  1.00 20.11 ? 16  DG  B "O5'" 1 
ATOM   321  C "C5'" . DG  B 1 4  ? -12.402 1.828   -8.298  1.00 20.00 ? 16  DG  B "C5'" 1 
ATOM   322  C "C4'" . DG  B 1 4  ? -11.887 0.413   -8.280  1.00 18.93 ? 16  DG  B "C4'" 1 
ATOM   323  O "O4'" . DG  B 1 4  ? -10.476 0.445   -8.588  1.00 17.34 ? 16  DG  B "O4'" 1 
ATOM   324  C "C3'" . DG  B 1 4  ? -12.027 -0.286  -6.919  1.00 20.14 ? 16  DG  B "C3'" 1 
ATOM   325  O "O3'" . DG  B 1 4  ? -12.501 -1.610  -7.136  1.00 20.87 ? 16  DG  B "O3'" 1 
ATOM   326  C "C2'" . DG  B 1 4  ? -10.615 -0.290  -6.371  1.00 18.64 ? 16  DG  B "C2'" 1 
ATOM   327  C "C1'" . DG  B 1 4  ? -9.853  -0.433  -7.674  1.00 19.66 ? 16  DG  B "C1'" 1 
ATOM   328  N N9    . DG  B 1 4  ? -8.427  -0.131  -7.560  1.00 19.95 ? 16  DG  B N9    1 
ATOM   329  C C8    . DG  B 1 4  ? -7.763  0.867   -6.861  1.00 18.76 ? 16  DG  B C8    1 
ATOM   330  N N7    . DG  B 1 4  ? -6.461  0.815   -7.003  1.00 18.35 ? 16  DG  B N7    1 
ATOM   331  C C5    . DG  B 1 4  ? -6.271  -0.303  -7.828  1.00 19.17 ? 16  DG  B C5    1 
ATOM   332  C C6    . DG  B 1 4  ? -5.099  -0.897  -8.352  1.00 20.33 ? 16  DG  B C6    1 
ATOM   333  O O6    . DG  B 1 4  ? -3.904  -0.563  -8.173  1.00 22.36 ? 16  DG  B O6    1 
ATOM   334  N N1    . DG  B 1 4  ? -5.367  -2.012  -9.152  1.00 17.72 ? 16  DG  B N1    1 
ATOM   335  C C2    . DG  B 1 4  ? -6.620  -2.506  -9.426  1.00 17.74 ? 16  DG  B C2    1 
ATOM   336  N N2    . DG  B 1 4  ? -6.680  -3.577  -10.235 1.00 17.09 ? 16  DG  B N2    1 
ATOM   337  N N3    . DG  B 1 4  ? -7.734  -1.957  -8.971  1.00 16.81 ? 16  DG  B N3    1 
ATOM   338  C C4    . DG  B 1 4  ? -7.473  -0.885  -8.178  1.00 18.77 ? 16  DG  B C4    1 
ATOM   339  P P     . DT  B 1 5  ? -13.033 -2.608  -6.015  1.00 23.32 ? 17  DT  B P     1 
ATOM   340  O OP1   . DT  B 1 5  ? -14.104 -3.359  -6.690  1.00 24.05 ? 17  DT  B OP1   1 
ATOM   341  O OP2   . DT  B 1 5  ? -13.268 -1.957  -4.710  1.00 23.89 ? 17  DT  B OP2   1 
ATOM   342  O "O5'" . DT  B 1 5  ? -11.768 -3.539  -5.730  1.00 24.45 ? 17  DT  B "O5'" 1 
ATOM   343  C "C5'" . DT  B 1 5  ? -10.985 -4.150  -6.746  1.00 21.35 ? 17  DT  B "C5'" 1 
ATOM   344  C "C4'" . DT  B 1 5  ? -9.570  -4.402  -6.245  1.00 19.74 ? 17  DT  B "C4'" 1 
ATOM   345  O "O4'" . DT  B 1 5  ? -8.866  -3.147  -6.159  1.00 19.11 ? 17  DT  B "O4'" 1 
ATOM   346  C "C3'" . DT  B 1 5  ? -9.330  -4.980  -4.846  1.00 20.25 ? 17  DT  B "C3'" 1 
ATOM   347  O "O3'" . DT  B 1 5  ? -9.575  -6.371  -4.861  1.00 22.17 ? 17  DT  B "O3'" 1 
ATOM   348  C "C2'" . DT  B 1 5  ? -7.852  -4.655  -4.684  1.00 20.24 ? 17  DT  B "C2'" 1 
ATOM   349  C "C1'" . DT  B 1 5  ? -7.601  -3.502  -5.658  1.00 18.38 ? 17  DT  B "C1'" 1 
ATOM   350  N N1    . DT  B 1 5  ? -6.921  -2.335  -4.999  1.00 17.99 ? 17  DT  B N1    1 
ATOM   351  C C2    . DT  B 1 5  ? -5.556  -2.215  -5.125  1.00 17.36 ? 17  DT  B C2    1 
ATOM   352  O O2    . DT  B 1 5  ? -4.876  -3.014  -5.770  1.00 14.73 ? 17  DT  B O2    1 
ATOM   353  N N3    . DT  B 1 5  ? -5.013  -1.120  -4.483  1.00 17.17 ? 17  DT  B N3    1 
ATOM   354  C C4    . DT  B 1 5  ? -5.692  -0.160  -3.732  1.00 17.86 ? 17  DT  B C4    1 
ATOM   355  O O4    . DT  B 1 5  ? -5.127  0.787   -3.173  1.00 18.20 ? 17  DT  B O4    1 
ATOM   356  C C5    . DT  B 1 5  ? -7.119  -0.357  -3.645  1.00 18.21 ? 17  DT  B C5    1 
ATOM   357  C C7    . DT  B 1 5  ? -7.990  0.581   -2.859  1.00 15.24 ? 17  DT  B C7    1 
ATOM   358  C C6    . DT  B 1 5  ? -7.652  -1.428  -4.261  1.00 18.55 ? 17  DT  B C6    1 
ATOM   359  P P     . DT  B 1 6  ? -9.068  -7.488  -3.820  1.00 23.58 ? 18  DT  B P     1 
ATOM   360  O OP1   . DT  B 1 6  ? -9.487  -8.763  -4.423  1.00 22.90 ? 18  DT  B OP1   1 
ATOM   361  O OP2   . DT  B 1 6  ? -9.474  -7.139  -2.458  1.00 22.28 ? 18  DT  B OP2   1 
ATOM   362  O "O5'" . DT  B 1 6  ? -7.458  -7.405  -3.890  1.00 21.44 ? 18  DT  B "O5'" 1 
ATOM   363  C "C5'" . DT  B 1 6  ? -6.688  -8.300  -4.692  1.00 17.77 ? 18  DT  B "C5'" 1 
ATOM   364  C "C4'" . DT  B 1 6  ? -5.206  -8.185  -4.354  1.00 16.02 ? 18  DT  B "C4'" 1 
ATOM   365  O "O4'" . DT  B 1 6  ? -4.849  -6.813  -4.083  1.00 15.75 ? 18  DT  B "O4'" 1 
ATOM   366  C "C3'" . DT  B 1 6  ? -4.715  -8.936  -3.129  1.00 16.32 ? 18  DT  B "C3'" 1 
ATOM   367  O "O3'" . DT  B 1 6  ? -3.380  -9.385  -3.397  1.00 17.68 ? 18  DT  B "O3'" 1 
ATOM   368  C "C2'" . DT  B 1 6  ? -4.719  -7.878  -2.042  1.00 14.72 ? 18  DT  B "C2'" 1 
ATOM   369  C "C1'" . DT  B 1 6  ? -4.182  -6.713  -2.853  1.00 14.77 ? 18  DT  B "C1'" 1 
ATOM   370  N N1    . DT  B 1 6  ? -4.395  -5.315  -2.353  1.00 15.11 ? 18  DT  B N1    1 
ATOM   371  C C2    . DT  B 1 6  ? -3.362  -4.408  -2.498  1.00 17.44 ? 18  DT  B C2    1 
ATOM   372  O O2    . DT  B 1 6  ? -2.269  -4.663  -2.997  1.00 18.42 ? 18  DT  B O2    1 
ATOM   373  N N3    . DT  B 1 6  ? -3.639  -3.156  -2.030  1.00 16.51 ? 18  DT  B N3    1 
ATOM   374  C C4    . DT  B 1 6  ? -4.802  -2.708  -1.450  1.00 18.91 ? 18  DT  B C4    1 
ATOM   375  O O4    . DT  B 1 6  ? -4.894  -1.534  -1.084  1.00 22.72 ? 18  DT  B O4    1 
ATOM   376  C C5    . DT  B 1 6  ? -5.852  -3.695  -1.323  1.00 17.17 ? 18  DT  B C5    1 
ATOM   377  C C7    . DT  B 1 6  ? -7.184  -3.358  -0.722  1.00 15.81 ? 18  DT  B C7    1 
ATOM   378  C C6    . DT  B 1 6  ? -5.596  -4.935  -1.783  1.00 17.17 ? 18  DT  B C6    1 
ATOM   379  P P     . DT  B 1 7  ? -3.112  -10.720 -4.234  1.00 18.38 ? 19  DT  B P     1 
ATOM   380  O OP1   . DT  B 1 7  ? -4.472  -11.257 -4.547  1.00 17.71 ? 19  DT  B OP1   1 
ATOM   381  O OP2   . DT  B 1 7  ? -2.135  -11.459 -3.401  1.00 17.24 ? 19  DT  B OP2   1 
ATOM   382  O "O5'" . DT  B 1 7  ? -2.522  -10.288 -5.652  1.00 17.44 ? 19  DT  B "O5'" 1 
ATOM   383  C "C5'" . DT  B 1 7  ? -1.329  -10.783 -6.223  1.00 17.73 ? 19  DT  B "C5'" 1 
ATOM   384  C "C4'" . DT  B 1 7  ? -0.486  -9.620  -6.745  1.00 18.65 ? 19  DT  B "C4'" 1 
ATOM   385  O "O4'" . DT  B 1 7  ? -1.306  -8.778  -7.593  1.00 18.85 ? 19  DT  B "O4'" 1 
ATOM   386  C "C3'" . DT  B 1 7  ? 0.083   -8.653  -5.716  1.00 17.99 ? 19  DT  B "C3'" 1 
ATOM   387  O "O3'" . DT  B 1 7  ? 1.285   -8.092  -6.211  1.00 18.93 ? 19  DT  B "O3'" 1 
ATOM   388  C "C2'" . DT  B 1 7  ? -1.000  -7.581  -5.618  1.00 15.83 ? 19  DT  B "C2'" 1 
ATOM   389  C "C1'" . DT  B 1 7  ? -1.418  -7.467  -7.061  1.00 17.01 ? 19  DT  B "C1'" 1 
ATOM   390  N N1    . DT  B 1 7  ? -2.825  -7.020  -7.250  1.00 18.36 ? 19  DT  B N1    1 
ATOM   391  C C2    . DT  B 1 7  ? -3.166  -5.744  -6.904  1.00 17.66 ? 19  DT  B C2    1 
ATOM   392  O O2    . DT  B 1 7  ? -2.381  -4.928  -6.449  1.00 20.23 ? 19  DT  B O2    1 
ATOM   393  N N3    . DT  B 1 7  ? -4.480  -5.427  -7.118  1.00 18.41 ? 19  DT  B N3    1 
ATOM   394  C C4    . DT  B 1 7  ? -5.464  -6.244  -7.613  1.00 17.15 ? 19  DT  B C4    1 
ATOM   395  O O4    . DT  B 1 7  ? -6.609  -5.826  -7.749  1.00 15.53 ? 19  DT  B O4    1 
ATOM   396  C C5    . DT  B 1 7  ? -5.042  -7.584  -7.960  1.00 17.76 ? 19  DT  B C5    1 
ATOM   397  C C7    . DT  B 1 7  ? -5.998  -8.579  -8.541  1.00 18.76 ? 19  DT  B C7    1 
ATOM   398  C C6    . DT  B 1 7  ? -3.768  -7.910  -7.759  1.00 17.29 ? 19  DT  B C6    1 
ATOM   399  P P     . DT  B 1 8  ? 2.614   -8.102  -5.342  1.00 21.67 ? 20  DT  B P     1 
ATOM   400  O OP1   . DT  B 1 8  ? 3.710   -8.160  -6.324  1.00 18.76 ? 20  DT  B OP1   1 
ATOM   401  O OP2   . DT  B 1 8  ? 2.492   -9.063  -4.215  1.00 21.53 ? 20  DT  B OP2   1 
ATOM   402  O "O5'" . DT  B 1 8  ? 2.567   -6.665  -4.668  1.00 20.30 ? 20  DT  B "O5'" 1 
ATOM   403  C "C5'" . DT  B 1 8  ? 2.959   -5.518  -5.422  1.00 20.27 ? 20  DT  B "C5'" 1 
ATOM   404  C "C4'" . DT  B 1 8  ? 2.730   -4.283  -4.585  1.00 16.92 ? 20  DT  B "C4'" 1 
ATOM   405  O "O4'" . DT  B 1 8  ? 1.390   -4.357  -4.055  1.00 18.13 ? 20  DT  B "O4'" 1 
ATOM   406  C "C3'" . DT  B 1 8  ? 3.686   -4.219  -3.400  1.00 17.12 ? 20  DT  B "C3'" 1 
ATOM   407  O "O3'" . DT  B 1 8  ? 4.017   -2.889  -3.122  1.00 18.01 ? 20  DT  B "O3'" 1 
ATOM   408  C "C2'" . DT  B 1 8  ? 2.868   -4.802  -2.255  1.00 15.40 ? 20  DT  B "C2'" 1 
ATOM   409  C "C1'" . DT  B 1 8  ? 1.470   -4.334  -2.639  1.00 16.44 ? 20  DT  B "C1'" 1 
ATOM   410  N N1    . DT  B 1 8  ? 0.521   -5.212  -1.937  1.00 19.27 ? 20  DT  B N1    1 
ATOM   411  C C2    . DT  B 1 8  ? -0.236  -4.595  -0.964  1.00 18.55 ? 20  DT  B C2    1 
ATOM   412  O O2    . DT  B 1 8  ? -0.211  -3.401  -0.718  1.00 21.58 ? 20  DT  B O2    1 
ATOM   413  N N3    . DT  B 1 8  ? -1.052  -5.445  -0.300  1.00 17.81 ? 20  DT  B N3    1 
ATOM   414  C C4    . DT  B 1 8  ? -1.199  -6.809  -0.476  1.00 15.51 ? 20  DT  B C4    1 
ATOM   415  O O4    . DT  B 1 8  ? -1.982  -7.434  0.209   1.00 13.83 ? 20  DT  B O4    1 
ATOM   416  C C5    . DT  B 1 8  ? -0.382  -7.416  -1.490  1.00 15.15 ? 20  DT  B C5    1 
ATOM   417  C C7    . DT  B 1 8  ? -0.471  -8.904  -1.726  1.00 10.11 ? 20  DT  B C7    1 
ATOM   418  C C6    . DT  B 1 8  ? 0.450   -6.594  -2.168  1.00 15.83 ? 20  DT  B C6    1 
ATOM   419  P P     . DG  B 1 9  ? 5.456   -2.469  -2.559  1.00 19.23 ? 21  DG  B P     1 
ATOM   420  O OP1   . DG  B 1 9  ? 5.789   -3.313  -1.386  1.00 17.03 ? 21  DG  B OP1   1 
ATOM   421  O OP2   . DG  B 1 9  ? 5.429   -0.985  -2.536  1.00 19.27 ? 21  DG  B OP2   1 
ATOM   422  O "O5'" . DG  B 1 9  ? 6.491   -2.939  -3.671  1.00 20.69 ? 21  DG  B "O5'" 1 
ATOM   423  C "C5'" . DG  B 1 9  ? 6.819   -2.135  -4.783  1.00 21.36 ? 21  DG  B "C5'" 1 
ATOM   424  C "C4'" . DG  B 1 9  ? 7.224   -3.091  -5.884  1.00 20.99 ? 21  DG  B "C4'" 1 
ATOM   425  O "O4'" . DG  B 1 9  ? 6.034   -3.828  -6.240  1.00 20.56 ? 21  DG  B "O4'" 1 
ATOM   426  C "C3'" . DG  B 1 9  ? 7.760   -2.476  -7.173  1.00 21.35 ? 21  DG  B "C3'" 1 
ATOM   427  O "O3'" . DG  B 1 9  ? 8.813   -3.309  -7.691  1.00 23.42 ? 21  DG  B "O3'" 1 
ATOM   428  C "C2'" . DG  B 1 9  ? 6.529   -2.517  -8.062  1.00 19.76 ? 21  DG  B "C2'" 1 
ATOM   429  C "C1'" . DG  B 1 9  ? 5.920   -3.845  -7.640  1.00 18.83 ? 21  DG  B "C1'" 1 
ATOM   430  N N9    . DG  B 1 9  ? 4.514   -3.847  -7.983  1.00 18.28 ? 21  DG  B N9    1 
ATOM   431  C C8    . DG  B 1 9  ? 3.807   -4.766  -8.729  1.00 17.92 ? 21  DG  B C8    1 
ATOM   432  N N7    . DG  B 1 9  ? 2.543   -4.463  -8.863  1.00 14.93 ? 21  DG  B N7    1 
ATOM   433  C C5    . DG  B 1 9  ? 2.444   -3.256  -8.171  1.00 13.44 ? 21  DG  B C5    1 
ATOM   434  C C6    . DG  B 1 9  ? 1.337   -2.431  -7.982  1.00 11.04 ? 21  DG  B C6    1 
ATOM   435  O O6    . DG  B 1 9  ? 0.200   -2.647  -8.411  1.00 12.84 ? 21  DG  B O6    1 
ATOM   436  N N1    . DG  B 1 9  ? 1.611   -1.302  -7.208  1.00 10.91 ? 21  DG  B N1    1 
ATOM   437  C C2    . DG  B 1 9  ? 2.849   -0.993  -6.696  1.00 14.54 ? 21  DG  B C2    1 
ATOM   438  N N2    . DG  B 1 9  ? 2.953   0.145   -5.990  1.00 17.58 ? 21  DG  B N2    1 
ATOM   439  N N3    . DG  B 1 9  ? 3.920   -1.755  -6.876  1.00 13.91 ? 21  DG  B N3    1 
ATOM   440  C C4    . DG  B 1 9  ? 3.634   -2.858  -7.627  1.00 14.88 ? 21  DG  B C4    1 
ATOM   441  P P     . DG  B 1 10 ? 9.582   -3.012  -9.066  1.00 25.73 ? 22  DG  B P     1 
ATOM   442  O OP1   . DG  B 1 10 ? 10.787  -3.862  -9.050  1.00 25.98 ? 22  DG  B OP1   1 
ATOM   443  O OP2   . DG  B 1 10 ? 9.659   -1.538  -9.218  1.00 25.11 ? 22  DG  B OP2   1 
ATOM   444  O "O5'" . DG  B 1 10 ? 8.624   -3.572  -10.233 1.00 23.03 ? 22  DG  B "O5'" 1 
ATOM   445  C "C5'" . DG  B 1 10 ? 8.543   -4.993  -10.432 1.00 21.29 ? 22  DG  B "C5'" 1 
ATOM   446  C "C4'" . DG  B 1 10 ? 7.400   -5.390  -11.349 1.00 17.47 ? 22  DG  B "C4'" 1 
ATOM   447  O "O4'" . DG  B 1 10 ? 6.166   -4.706  -10.995 1.00 14.70 ? 22  DG  B "O4'" 1 
ATOM   448  C "C3'" . DG  B 1 10 ? 7.642   -5.075  -12.816 1.00 17.81 ? 22  DG  B "C3'" 1 
ATOM   449  O "O3'" . DG  B 1 10 ? 7.199   -6.209  -13.559 1.00 19.69 ? 22  DG  B "O3'" 1 
ATOM   450  C "C2'" . DG  B 1 10 ? 6.779   -3.837  -13.057 1.00 16.95 ? 22  DG  B "C2'" 1 
ATOM   451  C "C1'" . DG  B 1 10 ? 5.596   -4.272  -12.202 1.00 14.67 ? 22  DG  B "C1'" 1 
ATOM   452  N N9    . DG  B 1 10 ? 4.625   -3.259  -11.878 1.00 13.36 ? 22  DG  B N9    1 
ATOM   453  C C8    . DG  B 1 10 ? 4.855   -2.038  -11.274 1.00 13.98 ? 22  DG  B C8    1 
ATOM   454  N N7    . DG  B 1 10 ? 3.735   -1.379  -11.096 1.00 14.14 ? 22  DG  B N7    1 
ATOM   455  C C5    . DG  B 1 10 ? 2.744   -2.219  -11.598 1.00 11.58 ? 22  DG  B C5    1 
ATOM   456  C C6    . DG  B 1 10 ? 1.346   -2.055  -11.689 1.00 10.62 ? 22  DG  B C6    1 
ATOM   457  O O6    . DG  B 1 10 ? 0.652   -1.087  -11.341 1.00 14.51 ? 22  DG  B O6    1 
ATOM   458  N N1    . DG  B 1 10 ? 0.697   -3.141  -12.261 1.00 9.38  ? 22  DG  B N1    1 
ATOM   459  C C2    . DG  B 1 10 ? 1.318   -4.284  -12.723 1.00 9.85  ? 22  DG  B C2    1 
ATOM   460  N N2    . DG  B 1 10 ? 0.509   -5.231  -13.254 1.00 8.82  ? 22  DG  B N2    1 
ATOM   461  N N3    . DG  B 1 10 ? 2.623   -4.456  -12.645 1.00 10.47 ? 22  DG  B N3    1 
ATOM   462  C C4    . DG  B 1 10 ? 3.271   -3.389  -12.079 1.00 11.86 ? 22  DG  B C4    1 
ATOM   463  P P     . DG  B 1 11 ? 7.449   -6.398  -15.142 1.00 21.86 ? 23  DG  B P     1 
ATOM   464  O OP1   . DG  B 1 11 ? 7.090   -7.823  -15.357 1.00 24.61 ? 23  DG  B OP1   1 
ATOM   465  O OP2   . DG  B 1 11 ? 8.764   -5.855  -15.519 1.00 19.59 ? 23  DG  B OP2   1 
ATOM   466  O "O5'" . DG  B 1 11 ? 6.379   -5.492  -15.902 1.00 19.71 ? 23  DG  B "O5'" 1 
ATOM   467  C "C5'" . DG  B 1 11 ? 5.006   -5.631  -15.660 1.00 19.44 ? 23  DG  B "C5'" 1 
ATOM   468  C "C4'" . DG  B 1 11 ? 4.325   -6.627  -16.579 1.00 18.07 ? 23  DG  B "C4'" 1 
ATOM   469  O "O4'" . DG  B 1 11 ? 2.909   -6.468  -16.366 1.00 16.11 ? 23  DG  B "O4'" 1 
ATOM   470  C "C3'" . DG  B 1 11 ? 4.516   -6.404  -18.075 1.00 17.27 ? 23  DG  B "C3'" 1 
ATOM   471  O "O3'" . DG  B 1 11 ? 4.174   -7.610  -18.785 1.00 18.63 ? 23  DG  B "O3'" 1 
ATOM   472  C "C2'" . DG  B 1 11 ? 3.495   -5.291  -18.316 1.00 16.86 ? 23  DG  B "C2'" 1 
ATOM   473  C "C1'" . DG  B 1 11 ? 2.328   -5.767  -17.453 1.00 14.61 ? 23  DG  B "C1'" 1 
ATOM   474  N N9    . DG  B 1 11 ? 1.411   -4.711  -16.972 1.00 12.96 ? 23  DG  B N9    1 
ATOM   475  C C8    . DG  B 1 11 ? 0.037   -4.733  -17.131 1.00 14.84 ? 23  DG  B C8    1 
ATOM   476  N N7    . DG  B 1 11 ? -0.591  -3.689  -16.637 1.00 15.42 ? 23  DG  B N7    1 
ATOM   477  C C5    . DG  B 1 11 ? 0.443   -2.915  -16.112 1.00 14.39 ? 23  DG  B C5    1 
ATOM   478  C C6    . DG  B 1 11 ? 0.388   -1.661  -15.442 1.00 12.86 ? 23  DG  B C6    1 
ATOM   479  O O6    . DG  B 1 11 ? -0.623  -0.963  -15.189 1.00 10.82 ? 23  DG  B O6    1 
ATOM   480  N N1    . DG  B 1 11 ? 1.658   -1.192  -15.069 1.00 12.82 ? 23  DG  B N1    1 
ATOM   481  C C2    . DG  B 1 11 ? 2.847   -1.880  -15.310 1.00 13.40 ? 23  DG  B C2    1 
ATOM   482  N N2    . DG  B 1 11 ? 4.004   -1.310  -14.909 1.00 11.72 ? 23  DG  B N2    1 
ATOM   483  N N3    . DG  B 1 11 ? 2.902   -3.052  -15.930 1.00 12.64 ? 23  DG  B N3    1 
ATOM   484  C C4    . DG  B 1 11 ? 1.677   -3.525  -16.318 1.00 13.28 ? 23  DG  B C4    1 
ATOM   485  P P     . DG  B 1 12 ? 4.430   -7.747  -20.367 1.00 14.29 ? 24  DG  B P     1 
ATOM   486  O OP1   . DG  B 1 12 ? 4.590   -9.162  -20.710 1.00 19.75 ? 24  DG  B OP1   1 
ATOM   487  O OP2   . DG  B 1 12 ? 5.443   -6.725  -20.740 1.00 14.52 ? 24  DG  B OP2   1 
ATOM   488  O "O5'" . DG  B 1 12 ? 3.032   -7.315  -20.989 1.00 17.70 ? 24  DG  B "O5'" 1 
ATOM   489  C "C5'" . DG  B 1 12 ? 1.762   -7.796  -20.600 1.00 16.39 ? 24  DG  B "C5'" 1 
ATOM   490  C "C4'" . DG  B 1 12 ? 0.718   -6.896  -21.255 1.00 18.26 ? 24  DG  B "C4'" 1 
ATOM   491  O "O4'" . DG  B 1 12 ? 0.624   -5.647  -20.528 1.00 18.18 ? 24  DG  B "O4'" 1 
ATOM   492  C "C3'" . DG  B 1 12 ? 0.981   -6.453  -22.701 1.00 17.83 ? 24  DG  B "C3'" 1 
ATOM   493  O "O3'" . DG  B 1 12 ? -0.214  -6.648  -23.460 1.00 18.22 ? 24  DG  B "O3'" 1 
ATOM   494  C "C2'" . DG  B 1 12 ? 1.388   -4.976  -22.577 1.00 17.55 ? 24  DG  B "C2'" 1 
ATOM   495  C "C1'" . DG  B 1 12 ? 0.465   -4.571  -21.441 1.00 16.33 ? 24  DG  B "C1'" 1 
ATOM   496  N N9    . DG  B 1 12 ? 0.766   -3.363  -20.664 1.00 16.75 ? 24  DG  B N9    1 
ATOM   497  C C8    . DG  B 1 12 ? 1.991   -2.959  -20.180 1.00 15.11 ? 24  DG  B C8    1 
ATOM   498  N N7    . DG  B 1 12 ? 1.945   -1.857  -19.487 1.00 16.41 ? 24  DG  B N7    1 
ATOM   499  C C5    . DG  B 1 12 ? 0.600   -1.503  -19.502 1.00 14.35 ? 24  DG  B C5    1 
ATOM   500  C C6    . DG  B 1 12 ? -0.063  -0.394  -18.913 1.00 14.08 ? 24  DG  B C6    1 
ATOM   501  O O6    . DG  B 1 12 ? 0.425   0.529   -18.237 1.00 13.54 ? 24  DG  B O6    1 
ATOM   502  N N1    . DG  B 1 12 ? -1.433  -0.406  -19.168 1.00 11.71 ? 24  DG  B N1    1 
ATOM   503  C C2    . DG  B 1 12 ? -2.104  -1.372  -19.899 1.00 12.93 ? 24  DG  B C2    1 
ATOM   504  N N2    . DG  B 1 12 ? -3.442  -1.225  -20.049 1.00 8.71  ? 24  DG  B N2    1 
ATOM   505  N N3    . DG  B 1 12 ? -1.492  -2.416  -20.435 1.00 11.78 ? 24  DG  B N3    1 
ATOM   506  C C4    . DG  B 1 12 ? -0.146  -2.419  -20.212 1.00 15.11 ? 24  DG  B C4    1 
ATOM   507  O "O5'" . DG  C 1 1  ? -8.610  2.821   11.981  1.00 21.58 ? 25  DG  C "O5'" 1 
ATOM   508  C "C5'" . DG  C 1 1  ? -9.706  1.980   11.653  1.00 17.59 ? 25  DG  C "C5'" 1 
ATOM   509  C "C4'" . DG  C 1 1  ? -9.758  0.795   12.599  1.00 18.85 ? 25  DG  C "C4'" 1 
ATOM   510  O "O4'" . DG  C 1 1  ? -8.959  -0.277  12.048  1.00 17.97 ? 25  DG  C "O4'" 1 
ATOM   511  C "C3'" . DG  C 1 1  ? -9.220  1.011   14.016  1.00 18.67 ? 25  DG  C "C3'" 1 
ATOM   512  O "O3'" . DG  C 1 1  ? -9.995  0.247   14.920  1.00 20.58 ? 25  DG  C "O3'" 1 
ATOM   513  C "C2'" . DG  C 1 1  ? -7.812  0.439   13.970  1.00 18.65 ? 25  DG  C "C2'" 1 
ATOM   514  C "C1'" . DG  C 1 1  ? -8.046  -0.736  13.040  1.00 16.73 ? 25  DG  C "C1'" 1 
ATOM   515  N N9    . DG  C 1 1  ? -6.837  -1.182  12.393  1.00 13.33 ? 25  DG  C N9    1 
ATOM   516  C C8    . DG  C 1 1  ? -6.369  -2.474  12.398  1.00 14.47 ? 25  DG  C C8    1 
ATOM   517  N N7    . DG  C 1 1  ? -5.251  -2.617  11.727  1.00 12.37 ? 25  DG  C N7    1 
ATOM   518  C C5    . DG  C 1 1  ? -4.977  -1.332  11.270  1.00 11.74 ? 25  DG  C C5    1 
ATOM   519  C C6    . DG  C 1 1  ? -3.892  -0.887  10.491  1.00 11.75 ? 25  DG  C C6    1 
ATOM   520  O O6    . DG  C 1 1  ? -2.959  -1.603  10.065  1.00 12.63 ? 25  DG  C O6    1 
ATOM   521  N N1    . DG  C 1 1  ? -3.925  0.490   10.230  1.00 9.55  ? 25  DG  C N1    1 
ATOM   522  C C2    . DG  C 1 1  ? -4.922  1.332   10.671  1.00 8.59  ? 25  DG  C C2    1 
ATOM   523  N N2    . DG  C 1 1  ? -4.832  2.613   10.304  1.00 9.12  ? 25  DG  C N2    1 
ATOM   524  N N3    . DG  C 1 1  ? -5.959  0.924   11.384  1.00 10.68 ? 25  DG  C N3    1 
ATOM   525  C C4    . DG  C 1 1  ? -5.933  -0.427  11.654  1.00 13.54 ? 25  DG  C C4    1 
ATOM   526  P P     . DG  C 1 2  ? -9.835  0.341   16.513  1.00 18.21 ? 26  DG  C P     1 
ATOM   527  O OP1   . DG  C 1 2  ? -11.172 -0.014  17.024  1.00 20.23 ? 26  DG  C OP1   1 
ATOM   528  O OP2   . DG  C 1 2  ? -9.211  1.615   16.917  1.00 20.78 ? 26  DG  C OP2   1 
ATOM   529  O "O5'" . DG  C 1 2  ? -8.793  -0.812  16.861  1.00 17.78 ? 26  DG  C "O5'" 1 
ATOM   530  C "C5'" . DG  C 1 2  ? -9.075  -2.139  16.463  1.00 18.58 ? 26  DG  C "C5'" 1 
ATOM   531  C "C4'" . DG  C 1 2  ? -7.872  -3.046  16.673  1.00 20.16 ? 26  DG  C "C4'" 1 
ATOM   532  O "O4'" . DG  C 1 2  ? -6.855  -2.835  15.656  1.00 18.28 ? 26  DG  C "O4'" 1 
ATOM   533  C "C3'" . DG  C 1 2  ? -7.163  -2.906  18.014  1.00 19.35 ? 26  DG  C "C3'" 1 
ATOM   534  O "O3'" . DG  C 1 2  ? -6.876  -4.197  18.463  1.00 22.80 ? 26  DG  C "O3'" 1 
ATOM   535  C "C2'" . DG  C 1 2  ? -5.872  -2.166  17.660  1.00 19.64 ? 26  DG  C "C2'" 1 
ATOM   536  C "C1'" . DG  C 1 2  ? -5.588  -2.790  16.298  1.00 18.67 ? 26  DG  C "C1'" 1 
ATOM   537  N N9    . DG  C 1 2  ? -4.636  -2.063  15.463  1.00 17.36 ? 26  DG  C N9    1 
ATOM   538  C C8    . DG  C 1 2  ? -4.622  -0.715  15.187  1.00 16.67 ? 26  DG  C C8    1 
ATOM   539  N N7    . DG  C 1 2  ? -3.652  -0.340  14.400  1.00 16.26 ? 26  DG  C N7    1 
ATOM   540  C C5    . DG  C 1 2  ? -2.972  -1.523  14.125  1.00 17.04 ? 26  DG  C C5    1 
ATOM   541  C C6    . DG  C 1 2  ? -1.825  -1.759  13.319  1.00 17.81 ? 26  DG  C C6    1 
ATOM   542  O O6    . DG  C 1 2  ? -1.143  -0.945  12.645  1.00 16.46 ? 26  DG  C O6    1 
ATOM   543  N N1    . DG  C 1 2  ? -1.450  -3.104  13.324  1.00 17.89 ? 26  DG  C N1    1 
ATOM   544  C C2    . DG  C 1 2  ? -2.102  -4.098  14.006  1.00 16.14 ? 26  DG  C C2    1 
ATOM   545  N N2    . DG  C 1 2  ? -1.585  -5.326  13.877  1.00 15.08 ? 26  DG  C N2    1 
ATOM   546  N N3    . DG  C 1 2  ? -3.175  -3.894  14.755  1.00 17.18 ? 26  DG  C N3    1 
ATOM   547  C C4    . DG  C 1 2  ? -3.560  -2.593  14.776  1.00 17.92 ? 26  DG  C C4    1 
ATOM   548  P P     . DG  C 1 3  ? -6.479  -4.543  19.976  1.00 25.81 ? 27  DG  C P     1 
ATOM   549  O OP1   . DG  C 1 3  ? -7.649  -5.201  20.594  1.00 26.79 ? 27  DG  C OP1   1 
ATOM   550  O OP2   . DG  C 1 3  ? -5.829  -3.390  20.635  1.00 24.30 ? 27  DG  C OP2   1 
ATOM   551  O "O5'" . DG  C 1 3  ? -5.363  -5.649  19.758  1.00 26.59 ? 27  DG  C "O5'" 1 
ATOM   552  C "C5'" . DG  C 1 3  ? -4.102  -5.274  19.245  1.00 25.18 ? 27  DG  C "C5'" 1 
ATOM   553  C "C4'" . DG  C 1 3  ? -3.280  -6.541  19.271  1.00 25.01 ? 27  DG  C "C4'" 1 
ATOM   554  O "O4'" . DG  C 1 3  ? -2.382  -6.590  18.137  1.00 23.52 ? 27  DG  C "O4'" 1 
ATOM   555  C "C3'" . DG  C 1 3  ? -2.413  -6.675  20.499  1.00 24.92 ? 27  DG  C "C3'" 1 
ATOM   556  O "O3'" . DG  C 1 3  ? -2.352  -8.054  20.796  1.00 25.60 ? 27  DG  C "O3'" 1 
ATOM   557  C "C2'" . DG  C 1 3  ? -1.072  -6.141  20.020  1.00 23.58 ? 27  DG  C "C2'" 1 
ATOM   558  C "C1'" . DG  C 1 3  ? -1.054  -6.634  18.566  1.00 21.97 ? 27  DG  C "C1'" 1 
ATOM   559  N N9    . DG  C 1 3  ? -0.273  -5.803  17.653  1.00 19.83 ? 27  DG  C N9    1 
ATOM   560  C C8    . DG  C 1 3  ? 0.799   -6.202  16.883  1.00 18.94 ? 27  DG  C C8    1 
ATOM   561  N N7    . DG  C 1 3  ? 1.320   -5.246  16.162  1.00 18.32 ? 27  DG  C N7    1 
ATOM   562  C C5    . DG  C 1 3  ? 0.514   -4.147  16.467  1.00 18.78 ? 27  DG  C C5    1 
ATOM   563  C C6    . DG  C 1 3  ? 0.559   -2.821  16.010  1.00 17.73 ? 27  DG  C C6    1 
ATOM   564  O O6    . DG  C 1 3  ? 1.350   -2.299  15.222  1.00 20.59 ? 27  DG  C O6    1 
ATOM   565  N N1    . DG  C 1 3  ? -0.424  -2.014  16.560  1.00 19.05 ? 27  DG  C N1    1 
ATOM   566  C C2    . DG  C 1 3  ? -1.361  -2.415  17.468  1.00 19.52 ? 27  DG  C C2    1 
ATOM   567  N N2    . DG  C 1 3  ? -2.229  -1.473  17.870  1.00 19.55 ? 27  DG  C N2    1 
ATOM   568  N N3    . DG  C 1 3  ? -1.430  -3.663  17.917  1.00 19.66 ? 27  DG  C N3    1 
ATOM   569  C C4    . DG  C 1 3  ? -0.469  -4.471  17.381  1.00 19.50 ? 27  DG  C C4    1 
ATOM   570  P P     . DG  C 1 4  ? -1.668  -8.525  22.155  1.00 25.84 ? 28  DG  C P     1 
ATOM   571  O OP1   . DG  C 1 4  ? -2.270  -9.836  22.429  1.00 24.88 ? 28  DG  C OP1   1 
ATOM   572  O OP2   . DG  C 1 4  ? -1.764  -7.444  23.170  1.00 25.39 ? 28  DG  C OP2   1 
ATOM   573  O "O5'" . DG  C 1 4  ? -0.122  -8.677  21.796  1.00 22.16 ? 28  DG  C "O5'" 1 
ATOM   574  C "C5'" . DG  C 1 4  ? 0.273   -9.538  20.732  1.00 19.92 ? 28  DG  C "C5'" 1 
ATOM   575  C "C4'" . DG  C 1 4  ? 1.744   -9.384  20.455  1.00 17.37 ? 28  DG  C "C4'" 1 
ATOM   576  O "O4'" . DG  C 1 4  ? 1.958   -8.149  19.734  1.00 17.43 ? 28  DG  C "O4'" 1 
ATOM   577  C "C3'" . DG  C 1 4  ? 2.628   -9.320  21.687  1.00 17.48 ? 28  DG  C "C3'" 1 
ATOM   578  O "O3'" . DG  C 1 4  ? 3.596   -10.355 21.506  1.00 18.78 ? 28  DG  C "O3'" 1 
ATOM   579  C "C2'" . DG  C 1 4  ? 3.167   -7.873  21.707  1.00 16.02 ? 28  DG  C "C2'" 1 
ATOM   580  C "C1'" . DG  C 1 4  ? 3.099   -7.491  20.226  1.00 14.31 ? 28  DG  C "C1'" 1 
ATOM   581  N N9    . DG  C 1 4  ? 2.887   -6.081  19.876  1.00 13.47 ? 28  DG  C N9    1 
ATOM   582  C C8    . DG  C 1 4  ? 1.949   -5.230  20.417  1.00 11.59 ? 28  DG  C C8    1 
ATOM   583  N N7    . DG  C 1 4  ? 1.945   -4.041  19.903  1.00 12.53 ? 28  DG  C N7    1 
ATOM   584  C C5    . DG  C 1 4  ? 2.947   -4.094  18.938  1.00 13.84 ? 28  DG  C C5    1 
ATOM   585  C C6    . DG  C 1 4  ? 3.436   -3.089  18.059  1.00 15.47 ? 28  DG  C C6    1 
ATOM   586  O O6    . DG  C 1 4  ? 3.056   -1.904  17.929  1.00 15.92 ? 28  DG  C O6    1 
ATOM   587  N N1    . DG  C 1 4  ? 4.472   -3.559  17.250  1.00 14.87 ? 28  DG  C N1    1 
ATOM   588  C C2    . DG  C 1 4  ? 4.998   -4.827  17.286  1.00 15.09 ? 28  DG  C C2    1 
ATOM   589  N N2    . DG  C 1 4  ? 5.995   -5.102  16.421  1.00 15.54 ? 28  DG  C N2    1 
ATOM   590  N N3    . DG  C 1 4  ? 4.552   -5.762  18.101  1.00 13.16 ? 28  DG  C N3    1 
ATOM   591  C C4    . DG  C 1 4  ? 3.536   -5.339  18.903  1.00 13.83 ? 28  DG  C C4    1 
ATOM   592  P P     . DT  C 1 5  ? 4.783   -10.663 22.531  1.00 20.12 ? 29  DT  C P     1 
ATOM   593  O OP1   . DT  C 1 5  ? 5.081   -12.115 22.382  1.00 20.87 ? 29  DT  C OP1   1 
ATOM   594  O OP2   . DT  C 1 5  ? 4.478   -10.069 23.862  1.00 19.51 ? 29  DT  C OP2   1 
ATOM   595  O "O5'" . DT  C 1 5  ? 5.961   -9.800  21.902  1.00 17.01 ? 29  DT  C "O5'" 1 
ATOM   596  C "C5'" . DT  C 1 5  ? 7.276   -10.004 22.377  1.00 18.46 ? 29  DT  C "C5'" 1 
ATOM   597  C "C4'" . DT  C 1 5  ? 8.326   -9.234  21.584  1.00 17.25 ? 29  DT  C "C4'" 1 
ATOM   598  O "O4'" . DT  C 1 5  ? 8.218   -9.581  20.181  1.00 18.58 ? 29  DT  C "O4'" 1 
ATOM   599  C "C3'" . DT  C 1 5  ? 8.219   -7.719  21.603  1.00 18.03 ? 29  DT  C "C3'" 1 
ATOM   600  O "O3'" . DT  C 1 5  ? 9.513   -7.099  21.385  1.00 18.59 ? 29  DT  C "O3'" 1 
ATOM   601  C "C2'" . DT  C 1 5  ? 7.302   -7.486  20.408  1.00 17.13 ? 29  DT  C "C2'" 1 
ATOM   602  C "C1'" . DT  C 1 5  ? 7.925   -8.433  19.396  1.00 17.60 ? 29  DT  C "C1'" 1 
ATOM   603  N N1    . DT  C 1 5  ? 7.006   -8.839  18.296  1.00 17.03 ? 29  DT  C N1    1 
ATOM   604  C C2    . DT  C 1 5  ? 7.132   -8.375  16.997  1.00 15.38 ? 29  DT  C C2    1 
ATOM   605  O O2    . DT  C 1 5  ? 7.981   -7.578  16.619  1.00 14.72 ? 29  DT  C O2    1 
ATOM   606  N N3    . DT  C 1 5  ? 6.187   -8.883  16.135  1.00 11.97 ? 29  DT  C N3    1 
ATOM   607  C C4    . DT  C 1 5  ? 5.167   -9.769  16.439  1.00 14.96 ? 29  DT  C C4    1 
ATOM   608  O O4    . DT  C 1 5  ? 4.354   -10.203 15.620  1.00 14.26 ? 29  DT  C O4    1 
ATOM   609  C C5    . DT  C 1 5  ? 5.114   -10.204 17.799  1.00 14.47 ? 29  DT  C C5    1 
ATOM   610  C C7    . DT  C 1 5  ? 4.066   -11.177 18.252  1.00 12.71 ? 29  DT  C C7    1 
ATOM   611  C C6    . DT  C 1 5  ? 6.017   -9.729  18.640  1.00 15.46 ? 29  DT  C C6    1 
ATOM   612  P P     . DT  C 1 6  ? 9.634   -5.571  21.804  1.00 18.45 ? 30  DT  C P     1 
ATOM   613  O OP1   . DT  C 1 6  ? 11.027  -5.085  21.606  1.00 18.23 ? 30  DT  C OP1   1 
ATOM   614  O OP2   . DT  C 1 6  ? 9.044   -5.475  23.150  1.00 15.99 ? 30  DT  C OP2   1 
ATOM   615  O "O5'" . DT  C 1 6  ? 8.675   -4.833  20.749  1.00 17.51 ? 30  DT  C "O5'" 1 
ATOM   616  C "C5'" . DT  C 1 6  ? 9.209   -4.428  19.473  1.00 16.75 ? 30  DT  C "C5'" 1 
ATOM   617  C "C4'" . DT  C 1 6  ? 8.745   -3.040  19.065  1.00 16.58 ? 30  DT  C "C4'" 1 
ATOM   618  O "O4'" . DT  C 1 6  ? 7.305   -2.996  19.020  1.00 18.69 ? 30  DT  C "O4'" 1 
ATOM   619  C "C3'" . DT  C 1 6  ? 9.088   -1.961  20.077  1.00 17.82 ? 30  DT  C "C3'" 1 
ATOM   620  O "O3'" . DT  C 1 6  ? 10.368  -1.521  19.778  1.00 17.88 ? 30  DT  C "O3'" 1 
ATOM   621  C "C2'" . DT  C 1 6  ? 8.016   -0.894  19.838  1.00 17.91 ? 30  DT  C "C2'" 1 
ATOM   622  C "C1'" . DT  C 1 6  ? 6.813   -1.731  19.435  1.00 15.54 ? 30  DT  C "C1'" 1 
ATOM   623  N N1    . DT  C 1 6  ? 5.765   -1.991  20.463  1.00 14.80 ? 30  DT  C N1    1 
ATOM   624  C C2    . DT  C 1 6  ? 4.789   -1.030  20.650  1.00 14.66 ? 30  DT  C C2    1 
ATOM   625  O O2    . DT  C 1 6  ? 4.746   0.038   20.070  1.00 12.83 ? 30  DT  C O2    1 
ATOM   626  N N3    . DT  C 1 6  ? 3.841   -1.361  21.568  1.00 14.04 ? 30  DT  C N3    1 
ATOM   627  C C4    . DT  C 1 6  ? 3.741   -2.519  22.299  1.00 15.37 ? 30  DT  C C4    1 
ATOM   628  O O4    . DT  C 1 6  ? 2.846   -2.701  23.105  1.00 16.14 ? 30  DT  C O4    1 
ATOM   629  C C5    . DT  C 1 6  ? 4.763   -3.488  22.068  1.00 15.51 ? 30  DT  C C5    1 
ATOM   630  C C7    . DT  C 1 6  ? 4.686   -4.765  22.855  1.00 19.20 ? 30  DT  C C7    1 
ATOM   631  C C6    . DT  C 1 6  ? 5.717   -3.193  21.158  1.00 14.19 ? 30  DT  C C6    1 
ATOM   632  P P     . DT  C 1 7  ? 11.071  -0.583  20.832  1.00 24.36 ? 31  DT  C P     1 
ATOM   633  O OP1   . DT  C 1 7  ? 12.521  -0.545  20.514  1.00 25.69 ? 31  DT  C OP1   1 
ATOM   634  O OP2   . DT  C 1 7  ? 10.535  -0.896  22.173  1.00 22.01 ? 31  DT  C OP2   1 
ATOM   635  O "O5'" . DT  C 1 7  ? 10.498  0.846   20.423  1.00 23.49 ? 31  DT  C "O5'" 1 
ATOM   636  C "C5'" . DT  C 1 7  ? 10.133  1.638   21.484  1.00 24.39 ? 31  DT  C "C5'" 1 
ATOM   637  C "C4'" . DT  C 1 7  ? 9.763   2.994   20.967  1.00 25.90 ? 31  DT  C "C4'" 1 
ATOM   638  O "O4'" . DT  C 1 7  ? 8.339   3.028   21.147  1.00 24.39 ? 31  DT  C "O4'" 1 
ATOM   639  C "C3'" . DT  C 1 7  ? 10.304  4.150   21.785  1.00 26.43 ? 31  DT  C "C3'" 1 
ATOM   640  O "O3'" . DT  C 1 7  ? 10.229  5.319   20.989  1.00 30.99 ? 31  DT  C "O3'" 1 
ATOM   641  C "C2'" . DT  C 1 7  ? 9.310   4.197   22.941  1.00 24.46 ? 31  DT  C "C2'" 1 
ATOM   642  C "C1'" . DT  C 1 7  ? 8.008   3.872   22.227  1.00 22.59 ? 31  DT  C "C1'" 1 
ATOM   643  N N1    . DT  C 1 7  ? 6.926   3.232   23.055  1.00 21.36 ? 31  DT  C N1    1 
ATOM   644  C C2    . DT  C 1 7  ? 5.969   4.096   23.553  1.00 20.34 ? 31  DT  C C2    1 
ATOM   645  O O2    . DT  C 1 7  ? 5.983   5.310   23.354  1.00 19.68 ? 31  DT  C O2    1 
ATOM   646  N N3    . DT  C 1 7  ? 4.989   3.494   24.304  1.00 20.14 ? 31  DT  C N3    1 
ATOM   647  C C4    . DT  C 1 7  ? 4.866   2.150   24.601  1.00 21.27 ? 31  DT  C C4    1 
ATOM   648  O O4    . DT  C 1 7  ? 3.944   1.739   25.304  1.00 21.50 ? 31  DT  C O4    1 
ATOM   649  C C5    . DT  C 1 7  ? 5.895   1.292   24.045  1.00 20.95 ? 31  DT  C C5    1 
ATOM   650  C C7    . DT  C 1 7  ? 5.839   -0.178  24.325  1.00 21.86 ? 31  DT  C C7    1 
ATOM   651  C C6    . DT  C 1 7  ? 6.871   1.859   23.301  1.00 21.33 ? 31  DT  C C6    1 
ATOM   652  P P     . DT  C 1 8  ? 11.499  6.101   20.386  1.00 34.43 ? 32  DT  C P     1 
ATOM   653  O OP1   . DT  C 1 8  ? 11.787  5.567   19.029  1.00 32.60 ? 32  DT  C OP1   1 
ATOM   654  O OP2   . DT  C 1 8  ? 12.592  6.167   21.390  1.00 34.05 ? 32  DT  C OP2   1 
ATOM   655  O "O5'" . DT  C 1 8  ? 10.838  7.565   20.292  1.00 34.10 ? 32  DT  C "O5'" 1 
ATOM   656  C "C5'" . DT  C 1 8  ? 10.059  7.907   19.108  1.00 35.77 ? 32  DT  C "C5'" 1 
ATOM   657  C "C4'" . DT  C 1 8  ? 9.534   9.320   19.344  1.00 36.79 ? 32  DT  C "C4'" 1 
ATOM   658  O "O4'" . DT  C 1 8  ? 10.619  10.278  19.173  1.00 36.72 ? 32  DT  C "O4'" 1 
ATOM   659  C "C3'" . DT  C 1 8  ? 8.393   9.757   18.426  1.00 35.87 ? 32  DT  C "C3'" 1 
ATOM   660  O "O3'" . DT  C 1 8  ? 7.338   10.367  19.179  1.00 34.99 ? 32  DT  C "O3'" 1 
ATOM   661  C "C2'" . DT  C 1 8  ? 9.064   10.735  17.460  1.00 37.97 ? 32  DT  C "C2'" 1 
ATOM   662  C "C1'" . DT  C 1 8  ? 10.212  11.308  18.297  1.00 37.86 ? 32  DT  C "C1'" 1 
ATOM   663  N N1    . DT  C 1 8  ? 11.437  11.734  17.536  1.00 39.76 ? 32  DT  C N1    1 
ATOM   664  C C2    . DT  C 1 8  ? 11.982  12.979  17.814  1.00 39.85 ? 32  DT  C C2    1 
ATOM   665  O O2    . DT  C 1 8  ? 11.511  13.752  18.631  1.00 40.66 ? 32  DT  C O2    1 
ATOM   666  N N3    . DT  C 1 8  ? 13.109  13.300  17.088  1.00 40.19 ? 32  DT  C N3    1 
ATOM   667  C C4    . DT  C 1 8  ? 13.729  12.506  16.135  1.00 40.17 ? 32  DT  C C4    1 
ATOM   668  O O4    . DT  C 1 8  ? 14.729  12.905  15.550  1.00 39.52 ? 32  DT  C O4    1 
ATOM   669  C C5    . DT  C 1 8  ? 13.111  11.210  15.897  1.00 39.91 ? 32  DT  C C5    1 
ATOM   670  C C7    . DT  C 1 8  ? 13.680  10.253  14.895  1.00 41.06 ? 32  DT  C C7    1 
ATOM   671  C C6    . DT  C 1 8  ? 12.014  10.884  16.596  1.00 39.94 ? 32  DT  C C6    1 
ATOM   672  P P     . DG  C 1 9  ? 6.094   9.479   19.698  1.00 35.22 ? 33  DG  C P     1 
ATOM   673  O OP1   . DG  C 1 9  ? 5.004   10.364  20.141  1.00 36.80 ? 33  DG  C OP1   1 
ATOM   674  O OP2   . DG  C 1 9  ? 6.647   8.478   20.636  1.00 36.59 ? 33  DG  C OP2   1 
ATOM   675  O "O5'" . DG  C 1 9  ? 5.535   8.690   18.433  1.00 31.75 ? 33  DG  C "O5'" 1 
ATOM   676  C "C5'" . DG  C 1 9  ? 4.784   9.348   17.439  1.00 26.69 ? 33  DG  C "C5'" 1 
ATOM   677  C "C4'" . DG  C 1 9  ? 5.671   9.452   16.218  1.00 24.81 ? 33  DG  C "C4'" 1 
ATOM   678  O "O4'" . DG  C 1 9  ? 6.432   8.219   16.081  1.00 23.12 ? 33  DG  C "O4'" 1 
ATOM   679  C "C3'" . DG  C 1 9  ? 4.979   9.623   14.877  1.00 22.25 ? 33  DG  C "C3'" 1 
ATOM   680  O "O3'" . DG  C 1 9  ? 5.975   10.100  13.995  1.00 23.08 ? 33  DG  C "O3'" 1 
ATOM   681  C "C2'" . DG  C 1 9  ? 4.683   8.176   14.538  1.00 21.64 ? 33  DG  C "C2'" 1 
ATOM   682  C "C1'" . DG  C 1 9  ? 6.043   7.569   14.885  1.00 20.35 ? 33  DG  C "C1'" 1 
ATOM   683  N N9    . DG  C 1 9  ? 6.015   6.125   15.040  1.00 19.03 ? 33  DG  C N9    1 
ATOM   684  C C8    . DG  C 1 9  ? 6.878   5.227   14.461  1.00 18.31 ? 33  DG  C C8    1 
ATOM   685  N N7    . DG  C 1 9  ? 6.604   3.986   14.752  1.00 17.84 ? 33  DG  C N7    1 
ATOM   686  C C5    . DG  C 1 9  ? 5.479   4.062   15.554  1.00 17.92 ? 33  DG  C C5    1 
ATOM   687  C C6    . DG  C 1 9  ? 4.721   3.037   16.176  1.00 16.10 ? 33  DG  C C6    1 
ATOM   688  O O6    . DG  C 1 9  ? 4.912   1.817   16.132  1.00 16.33 ? 33  DG  C O6    1 
ATOM   689  N N1    . DG  C 1 9  ? 3.652   3.532   16.923  1.00 17.04 ? 33  DG  C N1    1 
ATOM   690  C C2    . DG  C 1 9  ? 3.349   4.877   17.049  1.00 17.45 ? 33  DG  C C2    1 
ATOM   691  N N2    . DG  C 1 9  ? 2.296   5.217   17.803  1.00 16.99 ? 33  DG  C N2    1 
ATOM   692  N N3    . DG  C 1 9  ? 4.056   5.839   16.467  1.00 18.67 ? 33  DG  C N3    1 
ATOM   693  C C4    . DG  C 1 9  ? 5.101   5.369   15.739  1.00 18.22 ? 33  DG  C C4    1 
ATOM   694  P P     . DG  C 1 10 ? 5.618   10.687  12.557  1.00 22.66 ? 34  DG  C P     1 
ATOM   695  O OP1   . DG  C 1 10 ? 6.530   11.849  12.415  1.00 22.97 ? 34  DG  C OP1   1 
ATOM   696  O OP2   . DG  C 1 10 ? 4.159   10.873  12.443  1.00 21.66 ? 34  DG  C OP2   1 
ATOM   697  O "O5'" . DG  C 1 10 ? 5.985   9.534   11.519  1.00 22.58 ? 34  DG  C "O5'" 1 
ATOM   698  C "C5'" . DG  C 1 10 ? 7.315   9.079   11.351  1.00 23.57 ? 34  DG  C "C5'" 1 
ATOM   699  C "C4'" . DG  C 1 10 ? 7.294   7.746   10.631  1.00 22.94 ? 34  DG  C "C4'" 1 
ATOM   700  O "O4'" . DG  C 1 10 ? 6.612   6.807   11.495  1.00 22.63 ? 34  DG  C "O4'" 1 
ATOM   701  C "C3'" . DG  C 1 10 ? 6.554   7.694   9.290   1.00 23.52 ? 34  DG  C "C3'" 1 
ATOM   702  O "O3'" . DG  C 1 10 ? 7.472   7.162   8.342   1.00 25.64 ? 34  DG  C "O3'" 1 
ATOM   703  C "C2'" . DG  C 1 10 ? 5.403   6.732   9.573   1.00 22.88 ? 34  DG  C "C2'" 1 
ATOM   704  C "C1'" . DG  C 1 10 ? 6.040   5.866   10.649  1.00 20.98 ? 34  DG  C "C1'" 1 
ATOM   705  N N9    . DG  C 1 10 ? 5.102   5.093   11.432  1.00 20.25 ? 34  DG  C N9    1 
ATOM   706  C C8    . DG  C 1 10 ? 4.042   5.555   12.173  1.00 19.63 ? 34  DG  C C8    1 
ATOM   707  N N7    . DG  C 1 10 ? 3.385   4.612   12.774  1.00 20.23 ? 34  DG  C N7    1 
ATOM   708  C C5    . DG  C 1 10 ? 4.062   3.450   12.416  1.00 19.56 ? 34  DG  C C5    1 
ATOM   709  C C6    . DG  C 1 10 ? 3.821   2.099   12.748  1.00 18.54 ? 34  DG  C C6    1 
ATOM   710  O O6    . DG  C 1 10 ? 2.930   1.619   13.459  1.00 20.66 ? 34  DG  C O6    1 
ATOM   711  N N1    . DG  C 1 10 ? 4.743   1.228   12.182  1.00 17.79 ? 34  DG  C N1    1 
ATOM   712  C C2    . DG  C 1 10 ? 5.776   1.607   11.374  1.00 16.83 ? 34  DG  C C2    1 
ATOM   713  N N2    . DG  C 1 10 ? 6.561   0.613   10.929  1.00 16.03 ? 34  DG  C N2    1 
ATOM   714  N N3    . DG  C 1 10 ? 6.018   2.876   11.049  1.00 16.91 ? 34  DG  C N3    1 
ATOM   715  C C4    . DG  C 1 10 ? 5.128   3.731   11.594  1.00 18.73 ? 34  DG  C C4    1 
ATOM   716  P P     . DG  C 1 11 ? 7.212   6.921   6.768   1.00 25.98 ? 35  DG  C P     1 
ATOM   717  O OP1   . DG  C 1 11 ? 8.007   7.940   6.062   1.00 28.15 ? 35  DG  C OP1   1 
ATOM   718  O OP2   . DG  C 1 11 ? 5.775   6.785   6.425   1.00 27.95 ? 35  DG  C OP2   1 
ATOM   719  O "O5'" . DG  C 1 11 ? 7.889   5.489   6.586   1.00 26.16 ? 35  DG  C "O5'" 1 
ATOM   720  C "C5'" . DG  C 1 11 ? 7.354   4.326   7.216   1.00 24.10 ? 35  DG  C "C5'" 1 
ATOM   721  C "C4'" . DG  C 1 11 ? 7.736   3.123   6.381   1.00 22.49 ? 35  DG  C "C4'" 1 
ATOM   722  O "O4'" . DG  C 1 11 ? 7.382   1.859   7.005   1.00 22.88 ? 35  DG  C "O4'" 1 
ATOM   723  C "C3'" . DG  C 1 11 ? 7.086   3.089   5.023   1.00 21.19 ? 35  DG  C "C3'" 1 
ATOM   724  O "O3'" . DG  C 1 11 ? 8.059   2.564   4.155   1.00 21.86 ? 35  DG  C "O3'" 1 
ATOM   725  C "C2'" . DG  C 1 11 ? 5.883   2.179   5.253   1.00 20.74 ? 35  DG  C "C2'" 1 
ATOM   726  C "C1'" . DG  C 1 11 ? 6.455   1.150   6.220   1.00 20.10 ? 35  DG  C "C1'" 1 
ATOM   727  N N9    . DG  C 1 11 ? 5.550   0.497   7.174   1.00 17.35 ? 35  DG  C N9    1 
ATOM   728  C C8    . DG  C 1 11 ? 5.609   -0.841  7.490   1.00 17.02 ? 35  DG  C C8    1 
ATOM   729  N N7    . DG  C 1 11 ? 4.718   -1.226  8.371   1.00 16.33 ? 35  DG  C N7    1 
ATOM   730  C C5    . DG  C 1 11 ? 4.032   -0.064  8.678   1.00 15.24 ? 35  DG  C C5    1 
ATOM   731  C C6    . DG  C 1 11 ? 2.981   0.126   9.599   1.00 15.43 ? 35  DG  C C6    1 
ATOM   732  O O6    . DG  C 1 11 ? 2.433   -0.750  10.314  1.00 14.21 ? 35  DG  C O6    1 
ATOM   733  N N1    . DG  C 1 11 ? 2.542   1.460   9.651   1.00 14.10 ? 35  DG  C N1    1 
ATOM   734  C C2    . DG  C 1 11 ? 3.096   2.487   8.900   1.00 15.87 ? 35  DG  C C2    1 
ATOM   735  N N2    . DG  C 1 11 ? 2.564   3.720   9.040   1.00 15.48 ? 35  DG  C N2    1 
ATOM   736  N N3    . DG  C 1 11 ? 4.089   2.307   8.029   1.00 16.12 ? 35  DG  C N3    1 
ATOM   737  C C4    . DG  C 1 11 ? 4.525   1.015   7.962   1.00 16.78 ? 35  DG  C C4    1 
ATOM   738  P P     . DG  C 1 12 ? 7.774   2.415   2.584   1.00 23.18 ? 36  DG  C P     1 
ATOM   739  O OP1   . DG  C 1 12 ? 9.090   2.424   1.912   1.00 24.53 ? 36  DG  C OP1   1 
ATOM   740  O OP2   . DG  C 1 12 ? 6.709   3.371   2.198   1.00 23.68 ? 36  DG  C OP2   1 
ATOM   741  O "O5'" . DG  C 1 12 ? 7.144   0.953   2.454   1.00 24.07 ? 36  DG  C "O5'" 1 
ATOM   742  C "C5'" . DG  C 1 12 ? 7.907   -0.192  2.840   1.00 23.29 ? 36  DG  C "C5'" 1 
ATOM   743  C "C4'" . DG  C 1 12 ? 7.056   -1.450  2.735   1.00 22.67 ? 36  DG  C "C4'" 1 
ATOM   744  O "O4'" . DG  C 1 12 ? 6.088   -1.482  3.815   1.00 23.28 ? 36  DG  C "O4'" 1 
ATOM   745  C "C3'" . DG  C 1 12 ? 6.262   -1.574  1.443   1.00 22.22 ? 36  DG  C "C3'" 1 
ATOM   746  O "O3'" . DG  C 1 12 ? 6.546   -2.838  0.902   1.00 22.63 ? 36  DG  C "O3'" 1 
ATOM   747  C "C2'" . DG  C 1 12 ? 4.800   -1.434  1.870   1.00 21.85 ? 36  DG  C "C2'" 1 
ATOM   748  C "C1'" . DG  C 1 12 ? 4.832   -1.876  3.330   1.00 20.78 ? 36  DG  C "C1'" 1 
ATOM   749  N N9    . DG  C 1 12 ? 3.832   -1.286  4.221   1.00 20.09 ? 36  DG  C N9    1 
ATOM   750  C C8    . DG  C 1 12 ? 3.472   0.045   4.393   1.00 18.27 ? 36  DG  C C8    1 
ATOM   751  N N7    . DG  C 1 12 ? 2.538   0.214   5.312   1.00 17.83 ? 36  DG  C N7    1 
ATOM   752  C C5    . DG  C 1 12 ? 2.251   -1.086  5.758   1.00 16.91 ? 36  DG  C C5    1 
ATOM   753  C C6    . DG  C 1 12 ? 1.331   -1.577  6.735   1.00 18.22 ? 36  DG  C C6    1 
ATOM   754  O O6    . DG  C 1 12 ? 0.529   -0.931  7.437   1.00 15.40 ? 36  DG  C O6    1 
ATOM   755  N N1    . DG  C 1 12 ? 1.368   -2.965  6.899   1.00 16.31 ? 36  DG  C N1    1 
ATOM   756  C C2    . DG  C 1 12 ? 2.207   -3.811  6.196   1.00 18.47 ? 36  DG  C C2    1 
ATOM   757  N N2    . DG  C 1 12 ? 2.116   -5.132  6.461   1.00 18.25 ? 36  DG  C N2    1 
ATOM   758  N N3    . DG  C 1 12 ? 3.066   -3.376  5.284   1.00 19.15 ? 36  DG  C N3    1 
ATOM   759  C C4    . DG  C 1 12 ? 3.044   -2.012  5.112   1.00 19.27 ? 36  DG  C C4    1 
ATOM   760  O "O5'" . DG  D 1 1  ? 11.053  0.630   12.096  1.00 19.90 ? 37  DG  D "O5'" 1 
ATOM   761  C "C5'" . DG  D 1 1  ? 12.387  0.099   12.100  1.00 20.44 ? 37  DG  D "C5'" 1 
ATOM   762  C "C4'" . DG  D 1 1  ? 12.378  -1.423  12.147  1.00 19.57 ? 37  DG  D "C4'" 1 
ATOM   763  O "O4'" . DG  D 1 1  ? 11.620  -1.873  13.299  1.00 20.72 ? 37  DG  D "O4'" 1 
ATOM   764  C "C3'" . DG  D 1 1  ? 11.734  -2.110  10.945  1.00 20.85 ? 37  DG  D "C3'" 1 
ATOM   765  O "O3'" . DG  D 1 1  ? 12.477  -3.255  10.570  1.00 19.77 ? 37  DG  D "O3'" 1 
ATOM   766  C "C2'" . DG  D 1 1  ? 10.376  -2.556  11.473  1.00 19.05 ? 37  DG  D "C2'" 1 
ATOM   767  C "C1'" . DG  D 1 1  ? 10.702  -2.870  12.917  1.00 17.35 ? 37  DG  D "C1'" 1 
ATOM   768  N N9    . DG  D 1 1  ? 9.497   -2.803  13.733  1.00 17.59 ? 37  DG  D N9    1 
ATOM   769  C C8    . DG  D 1 1  ? 8.864   -3.878  14.321  1.00 16.40 ? 37  DG  D C8    1 
ATOM   770  N N7    . DG  D 1 1  ? 7.786   -3.532  14.990  1.00 17.20 ? 37  DG  D N7    1 
ATOM   771  C C5    . DG  D 1 1  ? 7.699   -2.152  14.816  1.00 14.98 ? 37  DG  D C5    1 
ATOM   772  C C6    . DG  D 1 1  ? 6.733   -1.239  15.301  1.00 15.47 ? 37  DG  D C6    1 
ATOM   773  O O6    . DG  D 1 1  ? 5.735   -1.479  15.996  1.00 15.80 ? 37  DG  D O6    1 
ATOM   774  N N1    . DG  D 1 1  ? 6.972   0.075   14.895  1.00 14.09 ? 37  DG  D N1    1 
ATOM   775  C C2    . DG  D 1 1  ? 8.039   0.472   14.134  1.00 11.59 ? 37  DG  D C2    1 
ATOM   776  N N2    . DG  D 1 1  ? 8.076   1.775   13.885  1.00 9.48  ? 37  DG  D N2    1 
ATOM   777  N N3    . DG  D 1 1  ? 8.963   -0.361  13.660  1.00 13.17 ? 37  DG  D N3    1 
ATOM   778  C C4    . DG  D 1 1  ? 8.732   -1.669  14.038  1.00 15.61 ? 37  DG  D C4    1 
ATOM   779  P P     . DG  D 1 2  ? 12.198  -4.046  9.211   1.00 21.27 ? 38  DG  D P     1 
ATOM   780  O OP1   . DG  D 1 2  ? 13.435  -4.836  9.032   1.00 21.43 ? 38  DG  D OP1   1 
ATOM   781  O OP2   . DG  D 1 2  ? 11.728  -3.095  8.176   1.00 21.18 ? 38  DG  D OP2   1 
ATOM   782  O "O5'" . DG  D 1 2  ? 10.954  -5.056  9.467   1.00 19.67 ? 38  DG  D "O5'" 1 
ATOM   783  C "C5'" . DG  D 1 2  ? 10.929  -5.906  10.614  1.00 18.77 ? 38  DG  D "C5'" 1 
ATOM   784  C "C4'" . DG  D 1 2  ? 9.558   -6.538  10.830  1.00 17.65 ? 38  DG  D "C4'" 1 
ATOM   785  O "O4'" . DG  D 1 2  ? 8.703   -5.602  11.538  1.00 17.79 ? 38  DG  D "O4'" 1 
ATOM   786  C "C3'" . DG  D 1 2  ? 8.769   -6.896  9.577   1.00 18.28 ? 38  DG  D "C3'" 1 
ATOM   787  O "O3'" . DG  D 1 2  ? 8.064   -8.109  9.746   1.00 19.47 ? 38  DG  D "O3'" 1 
ATOM   788  C "C2'" . DG  D 1 2  ? 7.738   -5.760  9.449   1.00 16.76 ? 38  DG  D "C2'" 1 
ATOM   789  C "C1'" . DG  D 1 2  ? 7.423   -5.585  10.929  1.00 16.11 ? 38  DG  D "C1'" 1 
ATOM   790  N N9    . DG  D 1 2  ? 6.791   -4.328  11.324  1.00 16.52 ? 38  DG  D N9    1 
ATOM   791  C C8    . DG  D 1 2  ? 7.104   -3.042  10.927  1.00 16.03 ? 38  DG  D C8    1 
ATOM   792  N N7    . DG  D 1 2  ? 6.349   -2.124  11.480  1.00 15.76 ? 38  DG  D N7    1 
ATOM   793  C C5    . DG  D 1 2  ? 5.494   -2.874  12.295  1.00 13.57 ? 38  DG  D C5    1 
ATOM   794  C C6    . DG  D 1 2  ? 4.453   -2.479  13.163  1.00 12.56 ? 38  DG  D C6    1 
ATOM   795  O O6    . DG  D 1 2  ? 4.061   -1.330  13.380  1.00 11.75 ? 38  DG  D O6    1 
ATOM   796  N N1    . DG  D 1 2  ? 3.799   -3.557  13.802  1.00 14.14 ? 38  DG  D N1    1 
ATOM   797  C C2    . DG  D 1 2  ? 4.150   -4.875  13.636  1.00 12.54 ? 38  DG  D C2    1 
ATOM   798  N N2    . DG  D 1 2  ? 3.450   -5.796  14.312  1.00 14.11 ? 38  DG  D N2    1 
ATOM   799  N N3    . DG  D 1 2  ? 5.132   -5.253  12.824  1.00 13.50 ? 38  DG  D N3    1 
ATOM   800  C C4    . DG  D 1 2  ? 5.749   -4.218  12.201  1.00 12.72 ? 38  DG  D C4    1 
ATOM   801  P P     . DG  D 1 3  ? 7.612   -8.954  8.458   1.00 20.13 ? 39  DG  D P     1 
ATOM   802  O OP1   . DG  D 1 3  ? 8.771   -9.843  8.197   1.00 19.97 ? 39  DG  D OP1   1 
ATOM   803  O OP2   . DG  D 1 3  ? 7.002   -8.100  7.403   1.00 17.07 ? 39  DG  D OP2   1 
ATOM   804  O "O5'" . DG  D 1 3  ? 6.395   -9.802  9.030   1.00 17.19 ? 39  DG  D "O5'" 1 
ATOM   805  C "C5'" . DG  D 1 3  ? 5.420   -9.030  9.743   1.00 18.17 ? 39  DG  D "C5'" 1 
ATOM   806  C "C4'" . DG  D 1 3  ? 4.213   -9.854  10.115  1.00 15.20 ? 39  DG  D "C4'" 1 
ATOM   807  O "O4'" . DG  D 1 3  ? 3.327   -9.040  10.915  1.00 13.71 ? 39  DG  D "O4'" 1 
ATOM   808  C "C3'" . DG  D 1 3  ? 3.403   -10.229 8.894   1.00 15.55 ? 39  DG  D "C3'" 1 
ATOM   809  O "O3'" . DG  D 1 3  ? 2.853   -11.468 9.188   1.00 17.49 ? 39  DG  D "O3'" 1 
ATOM   810  C "C2'" . DG  D 1 3  ? 2.351   -9.114  8.789   1.00 14.40 ? 39  DG  D "C2'" 1 
ATOM   811  C "C1'" . DG  D 1 3  ? 2.075   -8.889  10.270  1.00 13.76 ? 39  DG  D "C1'" 1 
ATOM   812  N N9    . DG  D 1 3  ? 1.555   -7.590  10.693  1.00 13.31 ? 39  DG  D N9    1 
ATOM   813  C C8    . DG  D 1 3  ? 0.484   -7.421  11.535  1.00 10.62 ? 39  DG  D C8    1 
ATOM   814  N N7    . DG  D 1 3  ? 0.229   -6.185  11.814  1.00 11.48 ? 39  DG  D N7    1 
ATOM   815  C C5    . DG  D 1 3  ? 1.227   -5.473  11.149  1.00 12.44 ? 39  DG  D C5    1 
ATOM   816  C C6    . DG  D 1 3  ? 1.472   -4.088  11.056  1.00 12.20 ? 39  DG  D C6    1 
ATOM   817  O O6    . DG  D 1 3  ? 0.814   -3.192  11.605  1.00 15.58 ? 39  DG  D O6    1 
ATOM   818  N N1    . DG  D 1 3  ? 2.596   -3.743  10.257  1.00 12.92 ? 39  DG  D N1    1 
ATOM   819  C C2    . DG  D 1 3  ? 3.362   -4.680  9.603   1.00 10.65 ? 39  DG  D C2    1 
ATOM   820  N N2    . DG  D 1 3  ? 4.406   -4.260  8.881   1.00 11.86 ? 39  DG  D N2    1 
ATOM   821  N N3    . DG  D 1 3  ? 3.132   -5.977  9.685   1.00 12.92 ? 39  DG  D N3    1 
ATOM   822  C C4    . DG  D 1 3  ? 2.060   -6.322  10.455  1.00 12.60 ? 39  DG  D C4    1 
ATOM   823  P P     . DG  D 1 4  ? 1.911   -12.162 8.140   1.00 19.18 ? 40  DG  D P     1 
ATOM   824  O OP1   . DG  D 1 4  ? 1.749   -13.578 8.520   1.00 19.34 ? 40  DG  D OP1   1 
ATOM   825  O OP2   . DG  D 1 4  ? 2.385   -11.740 6.798   1.00 15.41 ? 40  DG  D OP2   1 
ATOM   826  O "O5'" . DG  D 1 4  ? 0.518   -11.440 8.465   1.00 19.23 ? 40  DG  D "O5'" 1 
ATOM   827  C "C5'" . DG  D 1 4  ? -0.343  -12.019 9.462   1.00 20.31 ? 40  DG  D "C5'" 1 
ATOM   828  C "C4'" . DG  D 1 4  ? -1.684  -11.317 9.467   1.00 20.12 ? 40  DG  D "C4'" 1 
ATOM   829  O "O4'" . DG  D 1 4  ? -1.435  -9.899  9.639   1.00 20.42 ? 40  DG  D "O4'" 1 
ATOM   830  C "C3'" . DG  D 1 4  ? -2.504  -11.440 8.179   1.00 20.45 ? 40  DG  D "C3'" 1 
ATOM   831  O "O3'" . DG  D 1 4  ? -3.887  -11.485 8.533   1.00 23.94 ? 40  DG  D "O3'" 1 
ATOM   832  C "C2'" . DG  D 1 4  ? -2.156  -10.153 7.446   1.00 18.61 ? 40  DG  D "C2'" 1 
ATOM   833  C "C1'" . DG  D 1 4  ? -2.149  -9.208  8.638   1.00 19.10 ? 40  DG  D "C1'" 1 
ATOM   834  N N9    . DG  D 1 4  ? -1.540  -7.896  8.401   1.00 18.01 ? 40  DG  D N9    1 
ATOM   835  C C8    . DG  D 1 4  ? -0.510  -7.558  7.542   1.00 14.75 ? 40  DG  D C8    1 
ATOM   836  N N7    . DG  D 1 4  ? -0.210  -6.286  7.567   1.00 13.94 ? 40  DG  D N7    1 
ATOM   837  C C5    . DG  D 1 4  ? -1.098  -5.773  8.521   1.00 14.93 ? 40  DG  D C5    1 
ATOM   838  C C6    . DG  D 1 4  ? -1.268  -4.452  8.983   1.00 15.18 ? 40  DG  D C6    1 
ATOM   839  O O6    . DG  D 1 4  ? -0.629  -3.443  8.616   1.00 15.00 ? 40  DG  D O6    1 
ATOM   840  N N1    . DG  D 1 4  ? -2.281  -4.321  9.938   1.00 13.97 ? 40  DG  D N1    1 
ATOM   841  C C2    . DG  D 1 4  ? -3.054  -5.368  10.406  1.00 14.59 ? 40  DG  D C2    1 
ATOM   842  N N2    . DG  D 1 4  ? -3.974  -5.070  11.346  1.00 10.35 ? 40  DG  D N2    1 
ATOM   843  N N3    . DG  D 1 4  ? -2.896  -6.618  9.985   1.00 13.10 ? 40  DG  D N3    1 
ATOM   844  C C4    . DG  D 1 4  ? -1.921  -6.737  9.039   1.00 15.42 ? 40  DG  D C4    1 
ATOM   845  P P     . DT  D 1 5  ? -5.093  -11.834 7.532   1.00 25.89 ? 41  DT  D P     1 
ATOM   846  O OP1   . DT  D 1 5  ? -5.865  -12.880 8.264   1.00 27.30 ? 41  DT  D OP1   1 
ATOM   847  O OP2   . DT  D 1 5  ? -4.543  -12.149 6.183   1.00 26.97 ? 41  DT  D OP2   1 
ATOM   848  O "O5'" . DT  D 1 5  ? -5.938  -10.475 7.316   1.00 27.55 ? 41  DT  D "O5'" 1 
ATOM   849  C "C5'" . DT  D 1 5  ? -5.828  -9.331  8.167   1.00 25.82 ? 41  DT  D "C5'" 1 
ATOM   850  C "C4'" . DT  D 1 5  ? -5.817  -7.956  7.500   1.00 23.26 ? 41  DT  D "C4'" 1 
ATOM   851  O "O4'" . DT  D 1 5  ? -4.445  -7.585  7.253   1.00 22.17 ? 41  DT  D "O4'" 1 
ATOM   852  C "C3'" . DT  D 1 5  ? -6.475  -7.637  6.149   1.00 23.03 ? 41  DT  D "C3'" 1 
ATOM   853  O "O3'" . DT  D 1 5  ? -7.886  -7.486  6.233   1.00 22.02 ? 41  DT  D "O3'" 1 
ATOM   854  C "C2'" . DT  D 1 5  ? -5.820  -6.282  5.872   1.00 21.46 ? 41  DT  D "C2'" 1 
ATOM   855  C "C1'" . DT  D 1 5  ? -4.528  -6.297  6.680   1.00 19.06 ? 41  DT  D "C1'" 1 
ATOM   856  N N1    . DT  D 1 5  ? -3.328  -6.012  5.845   1.00 18.30 ? 41  DT  D N1    1 
ATOM   857  C C2    . DT  D 1 5  ? -2.803  -4.729  5.844   1.00 17.78 ? 41  DT  D C2    1 
ATOM   858  O O2    . DT  D 1 5  ? -3.267  -3.805  6.502   1.00 16.69 ? 41  DT  D O2    1 
ATOM   859  N N3    . DT  D 1 5  ? -1.696  -4.552  5.043   1.00 17.49 ? 41  DT  D N3    1 
ATOM   860  C C4    . DT  D 1 5  ? -1.083  -5.517  4.254   1.00 18.06 ? 41  DT  D C4    1 
ATOM   861  O O4    . DT  D 1 5  ? -0.106  -5.277  3.552   1.00 18.51 ? 41  DT  D O4    1 
ATOM   862  C C5    . DT  D 1 5  ? -1.689  -6.831  4.287   1.00 18.72 ? 41  DT  D C5    1 
ATOM   863  C C7    . DT  D 1 5  ? -1.112  -7.945  3.458   1.00 18.43 ? 41  DT  D C7    1 
ATOM   864  C C6    . DT  D 1 5  ? -2.771  -7.011  5.068   1.00 18.19 ? 41  DT  D C6    1 
ATOM   865  P P     . DT  D 1 6  ? -8.882  -6.818  5.151   1.00 23.65 ? 42  DT  D P     1 
ATOM   866  O OP1   . DT  D 1 6  ? -10.228 -6.944  5.746   1.00 23.57 ? 42  DT  D OP1   1 
ATOM   867  O OP2   . DT  D 1 6  ? -8.607  -7.377  3.820   1.00 24.60 ? 42  DT  D OP2   1 
ATOM   868  O "O5'" . DT  D 1 6  ? -8.454  -5.274  5.080   1.00 23.08 ? 42  DT  D "O5'" 1 
ATOM   869  C "C5'" . DT  D 1 6  ? -8.823  -4.367  6.102   1.00 21.27 ? 42  DT  D "C5'" 1 
ATOM   870  C "C4'" . DT  D 1 6  ? -8.571  -2.930  5.670   1.00 19.63 ? 42  DT  D "C4'" 1 
ATOM   871  O "O4'" . DT  D 1 6  ? -7.200  -2.740  5.257   1.00 17.81 ? 42  DT  D "O4'" 1 
ATOM   872  C "C3'" . DT  D 1 6  ? -9.392  -2.418  4.498   1.00 20.48 ? 42  DT  D "C3'" 1 
ATOM   873  O "O3'" . DT  D 1 6  ? -9.529  -1.035  4.680   1.00 22.84 ? 42  DT  D "O3'" 1 
ATOM   874  C "C2'" . DT  D 1 6  ? -8.480  -2.645  3.307   1.00 19.17 ? 42  DT  D "C2'" 1 
ATOM   875  C "C1'" . DT  D 1 6  ? -7.168  -2.244  3.944   1.00 18.11 ? 42  DT  D "C1'" 1 
ATOM   876  N N1    . DT  D 1 6  ? -6.001  -2.846  3.295   1.00 19.27 ? 42  DT  D N1    1 
ATOM   877  C C2    . DT  D 1 6  ? -4.886  -2.070  3.137   1.00 19.66 ? 42  DT  D C2    1 
ATOM   878  O O2    . DT  D 1 6  ? -4.822  -0.914  3.518   1.00 21.13 ? 42  DT  D O2    1 
ATOM   879  N N3    . DT  D 1 6  ? -3.845  -2.709  2.522   1.00 20.46 ? 42  DT  D N3    1 
ATOM   880  C C4    . DT  D 1 6  ? -3.828  -4.014  2.057   1.00 20.80 ? 42  DT  D C4    1 
ATOM   881  O O4    . DT  D 1 6  ? -2.837  -4.485  1.523   1.00 22.26 ? 42  DT  D O4    1 
ATOM   882  C C5    . DT  D 1 6  ? -5.034  -4.773  2.249   1.00 19.81 ? 42  DT  D C5    1 
ATOM   883  C C7    . DT  D 1 6  ? -5.141  -6.201  1.805   1.00 17.85 ? 42  DT  D C7    1 
ATOM   884  C C6    . DT  D 1 6  ? -6.050  -4.154  2.855   1.00 19.73 ? 42  DT  D C6    1 
ATOM   885  P P     . DT  D 1 7  ? -10.688 -0.441  5.579   1.00 21.69 ? 43  DT  D P     1 
ATOM   886  O OP1   . DT  D 1 7  ? -11.542 -1.593  5.951   1.00 22.10 ? 43  DT  D OP1   1 
ATOM   887  O OP2   . DT  D 1 7  ? -11.209 0.675   4.767   1.00 20.57 ? 43  DT  D OP2   1 
ATOM   888  O "O5'" . DT  D 1 7  ? -9.958  0.151   6.879   1.00 22.25 ? 43  DT  D "O5'" 1 
ATOM   889  C "C5'" . DT  D 1 7  ? -9.959  1.578   7.165   1.00 19.86 ? 43  DT  D "C5'" 1 
ATOM   890  C "C4'" . DT  D 1 7  ? -8.585  2.195   7.439   1.00 18.53 ? 43  DT  D "C4'" 1 
ATOM   891  O "O4'" . DT  D 1 7  ? -7.855  1.377   8.388   1.00 17.48 ? 43  DT  D "O4'" 1 
ATOM   892  C "C3'" . DT  D 1 7  ? -7.639  2.390   6.267   1.00 18.09 ? 43  DT  D "C3'" 1 
ATOM   893  O "O3'" . DT  D 1 7  ? -6.685  3.401   6.542   1.00 19.31 ? 43  DT  D "O3'" 1 
ATOM   894  C "C2'" . DT  D 1 7  ? -6.899  1.055   6.266   1.00 17.00 ? 43  DT  D "C2'" 1 
ATOM   895  C "C1'" . DT  D 1 7  ? -6.747  0.778   7.759   1.00 17.19 ? 43  DT  D "C1'" 1 
ATOM   896  N N1    . DT  D 1 7  ? -6.683  -0.681  8.098   1.00 19.00 ? 43  DT  D N1    1 
ATOM   897  C C2    . DT  D 1 7  ? -5.562  -1.383  7.696   1.00 19.62 ? 43  DT  D C2    1 
ATOM   898  O O2    . DT  D 1 7  ? -4.615  -0.910  7.084   1.00 20.76 ? 43  DT  D O2    1 
ATOM   899  N N3    . DT  D 1 7  ? -5.555  -2.701  8.031   1.00 20.00 ? 43  DT  D N3    1 
ATOM   900  C C4    . DT  D 1 7  ? -6.530  -3.397  8.692   1.00 17.65 ? 43  DT  D C4    1 
ATOM   901  O O4    . DT  D 1 7  ? -6.370  -4.582  8.915   1.00 17.79 ? 43  DT  D O4    1 
ATOM   902  C C5    . DT  D 1 7  ? -7.685  -2.632  9.100   1.00 18.40 ? 43  DT  D C5    1 
ATOM   903  C C7    . DT  D 1 7  ? -8.806  -3.296  9.851   1.00 18.67 ? 43  DT  D C7    1 
ATOM   904  C C6    . DT  D 1 7  ? -7.714  -1.325  8.781   1.00 18.06 ? 43  DT  D C6    1 
ATOM   905  P P     . DT  D 1 8  ? -6.528  4.800   5.779   1.00 19.86 ? 44  DT  D P     1 
ATOM   906  O OP1   . DT  D 1 8  ? -6.336  5.804   6.837   1.00 20.81 ? 44  DT  D OP1   1 
ATOM   907  O OP2   . DT  D 1 8  ? -7.507  5.015   4.699   1.00 20.32 ? 44  DT  D OP2   1 
ATOM   908  O "O5'" . DT  D 1 8  ? -5.173  4.572   4.993   1.00 19.75 ? 44  DT  D "O5'" 1 
ATOM   909  C "C5'" . DT  D 1 8  ? -3.944  4.430   5.660   1.00 20.01 ? 44  DT  D "C5'" 1 
ATOM   910  C "C4'" . DT  D 1 8  ? -2.926  3.921   4.660   1.00 19.16 ? 44  DT  D "C4'" 1 
ATOM   911  O "O4'" . DT  D 1 8  ? -3.369  2.630   4.166   1.00 17.24 ? 44  DT  D "O4'" 1 
ATOM   912  C "C3'" . DT  D 1 8  ? -2.724  4.811   3.433   1.00 17.53 ? 44  DT  D "C3'" 1 
ATOM   913  O "O3'" . DT  D 1 8  ? -1.394  4.695   3.004   1.00 16.59 ? 44  DT  D "O3'" 1 
ATOM   914  C "C2'" . DT  D 1 8  ? -3.654  4.200   2.394   1.00 14.83 ? 44  DT  D "C2'" 1 
ATOM   915  C "C1'" . DT  D 1 8  ? -3.480  2.730   2.758   1.00 16.07 ? 44  DT  D "C1'" 1 
ATOM   916  N N1    . DT  D 1 8  ? -4.612  1.933   2.247   1.00 16.81 ? 44  DT  D N1    1 
ATOM   917  C C2    . DT  D 1 8  ? -4.307  0.950   1.342   1.00 17.22 ? 44  DT  D C2    1 
ATOM   918  O O2    . DT  D 1 8  ? -3.173  0.699   0.994   1.00 17.82 ? 44  DT  D O2    1 
ATOM   919  N N3    . DT  D 1 8  ? -5.390  0.269   0.870   1.00 16.56 ? 44  DT  D N3    1 
ATOM   920  C C4    . DT  D 1 8  ? -6.714  0.467   1.213   1.00 15.66 ? 44  DT  D C4    1 
ATOM   921  O O4    . DT  D 1 8  ? -7.589  -0.231  0.732   1.00 17.01 ? 44  DT  D O4    1 
ATOM   922  C C5    . DT  D 1 8  ? -6.974  1.519   2.156   1.00 14.58 ? 44  DT  D C5    1 
ATOM   923  C C7    . DT  D 1 8  ? -8.366  1.837   2.608   1.00 12.07 ? 44  DT  D C7    1 
ATOM   924  C C6    . DT  D 1 8  ? -5.916  2.199   2.622   1.00 15.59 ? 44  DT  D C6    1 
ATOM   925  P P     . DG  D 1 9  ? -0.631  5.970   2.412   1.00 20.84 ? 45  DG  D P     1 
ATOM   926  O OP1   . DG  D 1 9  ? -1.427  6.487   1.285   1.00 18.13 ? 45  DG  D OP1   1 
ATOM   927  O OP2   . DG  D 1 9  ? 0.838   5.694   2.319   1.00 18.76 ? 45  DG  D OP2   1 
ATOM   928  O "O5'" . DG  D 1 9  ? -0.741  6.996   3.601   1.00 17.88 ? 45  DG  D "O5'" 1 
ATOM   929  C "C5'" . DG  D 1 9  ? 0.194   7.007   4.611   1.00 16.48 ? 45  DG  D "C5'" 1 
ATOM   930  C "C4'" . DG  D 1 9  ? -0.487  7.856   5.641   1.00 17.47 ? 45  DG  D "C4'" 1 
ATOM   931  O "O4'" . DG  D 1 9  ? -1.583  7.074   6.179   1.00 16.41 ? 45  DG  D "O4'" 1 
ATOM   932  C "C3'" . DG  D 1 9  ? 0.387   8.290   6.803   1.00 19.65 ? 45  DG  D "C3'" 1 
ATOM   933  O "O3'" . DG  D 1 9  ? -0.061  9.557   7.274   1.00 21.20 ? 45  DG  D "O3'" 1 
ATOM   934  C "C2'" . DG  D 1 9  ? 0.102   7.182   7.798   1.00 17.27 ? 45  DG  D "C2'" 1 
ATOM   935  C "C1'" . DG  D 1 9  ? -1.386  6.916   7.552   1.00 16.39 ? 45  DG  D "C1'" 1 
ATOM   936  N N9    . DG  D 1 9  ? -1.704  5.556   7.974   1.00 16.50 ? 45  DG  D N9    1 
ATOM   937  C C8    . DG  D 1 9  ? -2.701  5.192   8.846   1.00 14.22 ? 45  DG  D C8    1 
ATOM   938  N N7    . DG  D 1 9  ? -2.751  3.912   9.058   1.00 13.49 ? 45  DG  D N7    1 
ATOM   939  C C5    . DG  D 1 9  ? -1.699  3.410   8.276   1.00 14.16 ? 45  DG  D C5    1 
ATOM   940  C C6    . DG  D 1 9  ? -1.240  2.098   8.108   1.00 12.79 ? 45  DG  D C6    1 
ATOM   941  O O6    . DG  D 1 9  ? -1.683  1.076   8.645   1.00 14.29 ? 45  DG  D O6    1 
ATOM   942  N N1    . DG  D 1 9  ? -0.164  1.983   7.224   1.00 15.11 ? 45  DG  D N1    1 
ATOM   943  C C2    . DG  D 1 9  ? 0.428   3.043   6.592   1.00 16.92 ? 45  DG  D C2    1 
ATOM   944  N N2    . DG  D 1 9  ? 1.463   2.768   5.788   1.00 17.86 ? 45  DG  D N2    1 
ATOM   945  N N3    . DG  D 1 9  ? 0.016   4.296   6.751   1.00 16.56 ? 45  DG  D N3    1 
ATOM   946  C C4    . DG  D 1 9  ? -1.039  4.406   7.607   1.00 13.73 ? 45  DG  D C4    1 
ATOM   947  P P     . DG  D 1 10 ? 0.589   10.302  8.544   1.00 24.43 ? 46  DG  D P     1 
ATOM   948  O OP1   . DG  D 1 10 ? 0.114   11.698  8.431   1.00 24.31 ? 46  DG  D OP1   1 
ATOM   949  O OP2   . DG  D 1 10 ? 2.027   9.967   8.629   1.00 24.27 ? 46  DG  D OP2   1 
ATOM   950  O "O5'" . DG  D 1 10 ? -0.152  9.674   9.822   1.00 23.48 ? 46  DG  D "O5'" 1 
ATOM   951  C "C5'" . DG  D 1 10 ? -1.568  9.880   9.930   1.00 20.68 ? 46  DG  D "C5'" 1 
ATOM   952  C "C4'" . DG  D 1 10 ? -2.203  9.052   11.034  1.00 17.53 ? 46  DG  D "C4'" 1 
ATOM   953  O "O4'" . DG  D 1 10 ? -1.960  7.642   10.815  1.00 13.78 ? 46  DG  D "O4'" 1 
ATOM   954  C "C3'" . DG  D 1 10 ? -1.717  9.363   12.452  1.00 17.19 ? 46  DG  D "C3'" 1 
ATOM   955  O "O3'" . DG  D 1 10 ? -2.865  9.358   13.280  1.00 18.05 ? 46  DG  D "O3'" 1 
ATOM   956  C "C2'" . DG  D 1 10 ? -0.768  8.214   12.769  1.00 16.14 ? 46  DG  D "C2'" 1 
ATOM   957  C "C1'" . DG  D 1 10 ? -1.519  7.109   12.046  1.00 15.74 ? 46  DG  D "C1'" 1 
ATOM   958  N N9    . DG  D 1 10 ? -0.758  5.915   11.729  1.00 14.11 ? 46  DG  D N9    1 
ATOM   959  C C8    . DG  D 1 10 ? 0.430   5.840   11.038  1.00 13.80 ? 46  DG  D C8    1 
ATOM   960  N N7    . DG  D 1 10 ? 0.830   4.612   10.892  1.00 13.29 ? 46  DG  D N7    1 
ATOM   961  C C5    . DG  D 1 10 ? -0.170  3.865   11.497  1.00 13.45 ? 46  DG  D C5    1 
ATOM   962  C C6    . DG  D 1 10 ? -0.300  2.478   11.667  1.00 12.67 ? 46  DG  D C6    1 
ATOM   963  O O6    . DG  D 1 10 ? 0.476   1.589   11.302  1.00 17.38 ? 46  DG  D O6    1 
ATOM   964  N N1    . DG  D 1 10 ? -1.451  2.107   12.364  1.00 13.19 ? 46  DG  D N1    1 
ATOM   965  C C2    . DG  D 1 10 ? -2.401  2.985   12.849  1.00 13.19 ? 46  DG  D C2    1 
ATOM   966  N N2    . DG  D 1 10 ? -3.454  2.436   13.486  1.00 12.41 ? 46  DG  D N2    1 
ATOM   967  N N3    . DG  D 1 10 ? -2.301  4.301   12.704  1.00 12.64 ? 46  DG  D N3    1 
ATOM   968  C C4    . DG  D 1 10 ? -1.163  4.657   12.022  1.00 13.50 ? 46  DG  D C4    1 
ATOM   969  P P     . DG  D 1 11 ? -2.903  9.756   14.841  1.00 17.99 ? 47  DG  D P     1 
ATOM   970  O OP1   . DG  D 1 11 ? -4.345  9.837   15.133  1.00 21.33 ? 47  DG  D OP1   1 
ATOM   971  O OP2   . DG  D 1 11 ? -2.014  10.918  15.079  1.00 21.04 ? 47  DG  D OP2   1 
ATOM   972  O "O5'" . DG  D 1 11 ? -2.330  8.524   15.646  1.00 16.32 ? 47  DG  D "O5'" 1 
ATOM   973  C "C5'" . DG  D 1 11 ? -2.765  7.198   15.452  1.00 16.77 ? 47  DG  D "C5'" 1 
ATOM   974  C "C4'" . DG  D 1 11 ? -3.743  6.792   16.525  1.00 16.68 ? 47  DG  D "C4'" 1 
ATOM   975  O "O4'" . DG  D 1 11 ? -3.965  5.365   16.442  1.00 16.66 ? 47  DG  D "O4'" 1 
ATOM   976  C "C3'" . DG  D 1 11 ? -3.296  7.024   17.958  1.00 17.09 ? 47  DG  D "C3'" 1 
ATOM   977  O "O3'" . DG  D 1 11 ? -4.451  7.003   18.754  1.00 19.38 ? 47  DG  D "O3'" 1 
ATOM   978  C "C2'" . DG  D 1 11 ? -2.468  5.785   18.255  1.00 15.85 ? 47  DG  D "C2'" 1 
ATOM   979  C "C1'" . DG  D 1 11 ? -3.326  4.735   17.545  1.00 16.20 ? 47  DG  D "C1'" 1 
ATOM   980  N N9    . DG  D 1 11 ? -2.549  3.598   17.075  1.00 15.27 ? 47  DG  D N9    1 
ATOM   981  C C8    . DG  D 1 11 ? -2.865  2.295   17.365  1.00 16.46 ? 47  DG  D C8    1 
ATOM   982  N N7    . DG  D 1 11 ? -2.037  1.429   16.862  1.00 15.05 ? 47  DG  D N7    1 
ATOM   983  C C5    . DG  D 1 11 ? -1.104  2.220   16.214  1.00 14.90 ? 47  DG  D C5    1 
ATOM   984  C C6    . DG  D 1 11 ? 0.022   1.813   15.497  1.00 14.07 ? 47  DG  D C6    1 
ATOM   985  O O6    . DG  D 1 11 ? 0.389   0.637   15.307  1.00 13.93 ? 47  DG  D O6    1 
ATOM   986  N N1    . DG  D 1 11 ? 0.758   2.879   14.972  1.00 14.77 ? 47  DG  D N1    1 
ATOM   987  C C2    . DG  D 1 11 ? 0.425   4.215   15.137  1.00 15.51 ? 47  DG  D C2    1 
ATOM   988  N N2    . DG  D 1 11 ? 1.250   5.110   14.554  1.00 12.79 ? 47  DG  D N2    1 
ATOM   989  N N3    . DG  D 1 11 ? -0.664  4.612   15.804  1.00 14.50 ? 47  DG  D N3    1 
ATOM   990  C C4    . DG  D 1 11 ? -1.381  3.567   16.329  1.00 15.11 ? 47  DG  D C4    1 
ATOM   991  P P     . DG  D 1 12 ? -4.371  7.328   20.314  1.00 20.52 ? 48  DG  D P     1 
ATOM   992  O OP1   . DG  D 1 12 ? -5.757  7.691   20.658  1.00 16.93 ? 48  DG  D OP1   1 
ATOM   993  O OP2   . DG  D 1 12 ? -3.183  8.183   20.562  1.00 15.02 ? 48  DG  D OP2   1 
ATOM   994  O "O5'" . DG  D 1 12 ? -4.028  5.941   21.038  1.00 19.17 ? 48  DG  D "O5'" 1 
ATOM   995  C "C5'" . DG  D 1 12 ? -4.922  4.858   20.982  1.00 19.94 ? 48  DG  D "C5'" 1 
ATOM   996  C "C4'" . DG  D 1 12 ? -4.231  3.673   21.608  1.00 19.90 ? 48  DG  D "C4'" 1 
ATOM   997  O "O4'" . DG  D 1 12 ? -3.129  3.323   20.765  1.00 19.66 ? 48  DG  D "O4'" 1 
ATOM   998  C "C3'" . DG  D 1 12 ? -3.591  3.923   22.966  1.00 19.48 ? 48  DG  D "C3'" 1 
ATOM   999  O "O3'" . DG  D 1 12 ? -4.018  2.890   23.783  1.00 20.54 ? 48  DG  D "O3'" 1 
ATOM   1000 C "C2'" . DG  D 1 12 ? -2.083  3.862   22.722  1.00 20.64 ? 48  DG  D "C2'" 1 
ATOM   1001 C "C1'" . DG  D 1 12 ? -2.072  2.869   21.576  1.00 19.14 ? 48  DG  D "C1'" 1 
ATOM   1002 N N9    . DG  D 1 12 ? -0.910  2.837   20.685  1.00 18.94 ? 48  DG  D N9    1 
ATOM   1003 C C8    . DG  D 1 12 ? -0.258  3.876   20.070  1.00 17.59 ? 48  DG  D C8    1 
ATOM   1004 N N7    . DG  D 1 12 ? 0.731   3.484   19.306  1.00 18.37 ? 48  DG  D N7    1 
ATOM   1005 C C5    . DG  D 1 12 ? 0.710   2.088   19.418  1.00 18.61 ? 48  DG  D C5    1 
ATOM   1006 C C6    . DG  D 1 12 ? 1.538   1.084   18.844  1.00 18.45 ? 48  DG  D C6    1 
ATOM   1007 O O6    . DG  D 1 12 ? 2.497   1.249   18.064  1.00 19.05 ? 48  DG  D O6    1 
ATOM   1008 N N1    . DG  D 1 12 ? 1.186   -0.218  19.244  1.00 17.34 ? 48  DG  D N1    1 
ATOM   1009 C C2    . DG  D 1 12 ? 0.126   -0.518  20.092  1.00 16.99 ? 48  DG  D C2    1 
ATOM   1010 N N2    . DG  D 1 12 ? -0.120  -1.806  20.414  1.00 11.88 ? 48  DG  D N2    1 
ATOM   1011 N N3    . DG  D 1 12 ? -0.642  0.426   20.620  1.00 17.72 ? 48  DG  D N3    1 
ATOM   1012 C C4    . DG  D 1 12 ? -0.297  1.686   20.254  1.00 17.42 ? 48  DG  D C4    1 
HETATM 1013 K K     . K   E 2 .  ? -1.726  -0.993  -9.679  1.00 21.07 ? 50  K   A K     1 
HETATM 1014 K K     . K   F 2 .  ? -1.180  0.348   -12.831 1.00 18.24 ? 51  K   A K     1 
HETATM 1015 K K     . K   G 2 .  ? -0.839  1.994   -15.910 1.00 21.49 ? 52  K   A K     1 
HETATM 1016 O O39   . NC5 H 3 .  ? -0.547  0.469   -22.620 1.00 20.64 ? 57  NC5 A O39   1 
HETATM 1017 C C9    . NC5 H 3 .  ? 0.046   -0.517  -23.002 1.00 21.22 ? 57  NC5 A C9    1 
HETATM 1018 C C10   . NC5 H 3 .  ? -0.684  -1.571  -23.827 1.00 22.44 ? 57  NC5 A C10   1 
HETATM 1019 C C13   . NC5 H 3 .  ? -2.175  -1.623  -23.494 1.00 20.97 ? 57  NC5 A C13   1 
HETATM 1020 N N16   . NC5 H 3 .  ? -2.970  -2.115  -24.623 1.00 22.75 ? 57  NC5 A N16   1 
HETATM 1021 C C18   . NC5 H 3 .  ? -3.498  -3.480  -24.358 1.00 24.63 ? 57  NC5 A C18   1 
HETATM 1022 C C20   . NC5 H 3 .  ? -2.357  -4.484  -24.504 1.00 23.62 ? 57  NC5 A C20   1 
HETATM 1023 C C23   . NC5 H 3 .  ? -2.883  -5.802  -25.048 1.00 25.11 ? 57  NC5 A C23   1 
HETATM 1024 C C27   . NC5 H 3 .  ? -4.544  -3.914  -25.398 1.00 24.04 ? 57  NC5 A C27   1 
HETATM 1025 C C30   . NC5 H 3 .  ? -5.647  -2.892  -25.510 1.00 24.48 ? 57  NC5 A C30   1 
HETATM 1026 C C33   . NC5 H 3 .  ? -4.994  -1.627  -26.017 1.00 25.85 ? 57  NC5 A C33   1 
HETATM 1027 C C36   . NC5 H 3 .  ? -3.978  -1.113  -24.998 1.00 24.61 ? 57  NC5 A C36   1 
HETATM 1028 N N7    . NC5 H 3 .  ? 1.323   -0.761  -22.704 1.00 20.28 ? 57  NC5 A N7    1 
HETATM 1029 C C6    . NC5 H 3 .  ? 2.216   0.083   -21.997 1.00 19.78 ? 57  NC5 A C6    1 
HETATM 1030 C C40   . NC5 H 3 .  ? 3.548   -0.321  -21.906 1.00 18.80 ? 57  NC5 A C40   1 
HETATM 1031 C C42   . NC5 H 3 .  ? 4.499   0.468   -21.253 1.00 19.29 ? 57  NC5 A C42   1 
HETATM 1032 C C4    . NC5 H 3 .  ? 1.838   1.309   -21.439 1.00 19.08 ? 57  NC5 A C4    1 
HETATM 1033 C C3    . NC5 H 3 .  ? 2.783   2.104   -20.784 1.00 19.29 ? 57  NC5 A C3    1 
HETATM 1034 N N1    . NC5 H 3 .  ? 2.404   3.282   -20.224 1.00 19.79 ? 57  NC5 A N1    1 
HETATM 1035 C C44   . NC5 H 3 .  ? 4.115   1.676   -20.692 1.00 18.56 ? 57  NC5 A C44   1 
HETATM 1036 C C45   . NC5 H 3 .  ? 5.056   2.463   -20.041 1.00 20.52 ? 57  NC5 A C45   1 
HETATM 1037 C C2    . NC5 H 3 .  ? 4.652   3.677   -19.484 1.00 20.06 ? 57  NC5 A C2    1 
HETATM 1038 C C47   . NC5 H 3 .  ? 5.575   4.489   -18.828 1.00 20.17 ? 57  NC5 A C47   1 
HETATM 1039 C C49   . NC5 H 3 .  ? 5.168   5.706   -18.271 1.00 19.45 ? 57  NC5 A C49   1 
HETATM 1040 C C51   . NC5 H 3 .  ? 3.829   6.102   -18.341 1.00 21.27 ? 57  NC5 A C51   1 
HETATM 1041 C C85   . NC5 H 3 .  ? 2.907   5.298   -19.021 1.00 19.39 ? 57  NC5 A C85   1 
HETATM 1042 C C87   . NC5 H 3 .  ? 3.309   4.079   -19.586 1.00 21.73 ? 57  NC5 A C87   1 
HETATM 1043 N N52   . NC5 H 3 .  ? 3.478   7.369   -17.829 1.00 22.05 ? 57  NC5 A N52   1 
HETATM 1044 C C54   . NC5 H 3 .  ? 2.248   7.858   -17.683 1.00 23.86 ? 57  NC5 A C54   1 
HETATM 1045 O O84   . NC5 H 3 .  ? 1.219   7.217   -17.868 1.00 22.32 ? 57  NC5 A O84   1 
HETATM 1046 C C55   . NC5 H 3 .  ? 2.215   9.292   -17.204 1.00 25.38 ? 57  NC5 A C55   1 
HETATM 1047 C C58   . NC5 H 3 .  ? 0.792   9.844   -17.279 1.00 28.42 ? 57  NC5 A C58   1 
HETATM 1048 N N61   . NC5 H 3 .  ? 0.775   11.189  -17.860 1.00 31.22 ? 57  NC5 A N61   1 
HETATM 1049 C C63   . NC5 H 3 .  ? -0.570  11.549  -18.340 1.00 31.94 ? 57  NC5 A C63   1 
HETATM 1050 C C77   . NC5 H 3 .  ? -1.551  11.772  -17.193 1.00 32.77 ? 57  NC5 A C77   1 
HETATM 1051 C C80   . NC5 H 3 .  ? -2.797  10.929  -17.389 1.00 31.17 ? 57  NC5 A C80   1 
HETATM 1052 C C66   . NC5 H 3 .  ? -0.505  12.723  -19.313 1.00 33.16 ? 57  NC5 A C66   1 
HETATM 1053 C C69   . NC5 H 3 .  ? 0.255   13.892  -18.698 1.00 33.60 ? 57  NC5 A C69   1 
HETATM 1054 C C72   . NC5 H 3 .  ? 1.664   13.420  -18.354 1.00 33.53 ? 57  NC5 A C72   1 
HETATM 1055 C C75   . NC5 H 3 .  ? 1.630   12.265  -17.347 1.00 32.36 ? 57  NC5 A C75   1 
HETATM 1056 K K     . K   I 2 .  ? -2.414  -2.345  -6.525  1.00 20.88 ? 49  K   B K     1 
HETATM 1057 N N1    . SPM J 4 .  ? -7.230  -11.699 -7.566  1.00 27.78 ? 59  SPM B N1    1 
HETATM 1058 C C2    . SPM J 4 .  ? -8.690  -11.579 -7.540  1.00 26.59 ? 59  SPM B C2    1 
HETATM 1059 C C3    . SPM J 4 .  ? -9.125  -10.187 -7.999  1.00 28.59 ? 59  SPM B C3    1 
HETATM 1060 C C4    . SPM J 4 .  ? -10.254 -9.628  -7.124  1.00 29.84 ? 59  SPM B C4    1 
HETATM 1061 N N5    . SPM J 4 .  ? -11.481 -9.381  -7.871  1.00 29.58 ? 59  SPM B N5    1 
HETATM 1062 C C6    . SPM J 4 .  ? -12.366 -8.270  -7.510  1.00 31.06 ? 59  SPM B C6    1 
HETATM 1063 C C7    . SPM J 4 .  ? -12.524 -8.120  -5.992  1.00 31.14 ? 59  SPM B C7    1 
HETATM 1064 C C8    . SPM J 4 .  ? -13.858 -7.472  -5.631  1.00 30.99 ? 59  SPM B C8    1 
HETATM 1065 C C9    . SPM J 4 .  ? -13.620 -6.154  -4.895  1.00 31.05 ? 59  SPM B C9    1 
HETATM 1066 N N10   . SPM J 4 .  ? -14.382 -6.029  -3.665  1.00 29.05 ? 59  SPM B N10   1 
HETATM 1067 C C11   . SPM J 4 .  ? -13.738 -6.179  -2.370  1.00 29.29 ? 59  SPM B C11   1 
HETATM 1068 C C12   . SPM J 4 .  ? -14.733 -5.923  -1.245  1.00 29.25 ? 59  SPM B C12   1 
HETATM 1069 C C13   . SPM J 4 .  ? -14.111 -6.172  0.124   1.00 30.58 ? 59  SPM B C13   1 
HETATM 1070 N N14   . SPM J 4 .  ? -14.620 -5.170  1.059   1.00 31.03 ? 59  SPM B N14   1 
HETATM 1071 K K     . K   K 2 .  ? -0.415  -0.950  10.026  1.00 17.52 ? 54  K   C K     1 
HETATM 1072 K K     . K   L 2 .  ? 1.408   -0.529  12.939  1.00 11.68 ? 55  K   C K     1 
HETATM 1073 K K     . K   M 2 .  ? 3.345   -0.227  15.905  1.00 17.10 ? 56  K   C K     1 
HETATM 1074 O O39   . NCI N 5 .  ? 9.033   0.630   17.297  1.00 23.78 ? 58  NCI C O39   1 
HETATM 1075 C C9    . NCI N 5 .  ? 9.798   1.451   16.820  1.00 23.86 ? 58  NCI C C9    1 
HETATM 1076 C C10   . NCI N 5 .  ? 11.063  1.041   16.107  1.00 26.08 ? 58  NCI C C10   1 
HETATM 1077 C C13   . NCI N 5 .  ? 11.338  -0.439  16.359  1.00 28.42 ? 58  NCI C C13   1 
HETATM 1078 N N16   . NCI N 5 .  ? 12.782  -0.698  16.449  1.00 30.37 ? 58  NCI C N16   1 
HETATM 1079 C C18   . NCI N 5 .  ? 12.995  -2.140  16.234  1.00 31.40 ? 58  NCI C C18   1 
HETATM 1080 C C20   . NCI N 5 .  ? 12.131  -2.934  17.213  1.00 31.26 ? 58  NCI C C20   1 
HETATM 1081 C C23   . NCI N 5 .  ? 11.566  -4.176  16.547  1.00 30.26 ? 58  NCI C C23   1 
HETATM 1082 C C27   . NCI N 5 .  ? 14.466  -2.515  16.443  1.00 32.92 ? 58  NCI C C27   1 
HETATM 1083 C C30   . NCI N 5 .  ? 15.366  -1.684  15.536  1.00 32.99 ? 58  NCI C C30   1 
HETATM 1084 C C33   . NCI N 5 .  ? 15.128  -0.215  15.870  1.00 33.30 ? 58  NCI C C33   1 
HETATM 1085 C C36   . NCI N 5 .  ? 13.665  0.173   15.659  1.00 31.92 ? 58  NCI C C36   1 
HETATM 1086 N N7    . NCI N 5 .  ? 9.577   2.758   16.845  1.00 22.90 ? 58  NCI C N7    1 
HETATM 1087 C C6    . NCI N 5 .  ? 8.508   3.404   17.496  1.00 20.24 ? 58  NCI C C6    1 
HETATM 1088 C C40   . NCI N 5 .  ? 8.459   4.795   17.407  1.00 19.87 ? 58  NCI C C40   1 
HETATM 1089 C C42   . NCI N 5 .  ? 7.455   5.508   18.062  1.00 19.25 ? 58  NCI C C42   1 
HETATM 1090 C C4    . NCI N 5 .  ? 7.566   2.723   18.278  1.00 19.58 ? 58  NCI C C4    1 
HETATM 1091 C C3    . NCI N 5 .  ? 6.563   3.436   18.951  1.00 19.75 ? 58  NCI C C3    1 
HETATM 1092 N N1    . NCI N 5 .  ? 5.643   2.780   19.704  1.00 19.25 ? 58  NCI C N1    1 
HETATM 1093 C C44   . NCI N 5 .  ? 6.512   4.832   18.840  1.00 18.78 ? 58  NCI C C44   1 
HETATM 1094 C C45   . NCI N 5 .  ? 5.515   5.546   19.501  1.00 17.94 ? 58  NCI C C45   1 
HETATM 1095 C C2    . NCI N 5 .  ? 4.581   4.852   20.262  1.00 17.97 ? 58  NCI C C2    1 
HETATM 1096 C C47   . NCI N 5 .  ? 3.574   5.549   20.935  1.00 18.68 ? 58  NCI C C47   1 
HETATM 1097 C C49   . NCI N 5 .  ? 2.639   4.857   21.711  1.00 17.92 ? 58  NCI C C49   1 
HETATM 1098 C C51   . NCI N 5 .  ? 2.687   3.466   21.824  1.00 18.90 ? 58  NCI C C51   1 
HETATM 1099 C C85   . NCI N 5 .  ? 3.710   2.765   21.156  1.00 17.80 ? 58  NCI C C85   1 
HETATM 1100 C C87   . NCI N 5 .  ? 4.654   3.456   20.363  1.00 18.57 ? 58  NCI C C87   1 
HETATM 1101 N N52   . NCI N 5 .  ? 1.714   2.867   22.666  1.00 19.83 ? 58  NCI C N52   1 
HETATM 1102 C C54   . NCI N 5 .  ? 1.615   1.593   23.055  1.00 20.35 ? 58  NCI C C54   1 
HETATM 1103 O O84   . NCI N 5 .  ? 2.343   0.707   22.646  1.00 18.41 ? 58  NCI C O84   1 
HETATM 1104 C C55   . NCI N 5 .  ? 0.482   1.279   24.030  1.00 22.53 ? 58  NCI C C55   1 
HETATM 1105 C C58   . NCI N 5 .  ? -0.212  -0.039  23.705  1.00 22.87 ? 58  NCI C C58   1 
HETATM 1106 N N61   . NCI N 5 .  ? -0.644  -0.745  24.919  1.00 25.50 ? 58  NCI C N61   1 
HETATM 1107 C C63   . NCI N 5 .  ? -2.120  -0.912  24.986  1.00 27.07 ? 58  NCI C C63   1 
HETATM 1108 C C77   . NCI N 5 .  ? -2.881  0.410   25.018  1.00 27.67 ? 58  NCI C C77   1 
HETATM 1109 C C80   . NCI N 5 .  ? -4.215  0.257   24.299  1.00 30.34 ? 58  NCI C C80   1 
HETATM 1110 C C66   . NCI N 5 .  ? -2.510  -1.658  26.258  1.00 27.29 ? 58  NCI C C66   1 
HETATM 1111 C C69   . NCI N 5 .  ? -1.868  -3.028  26.272  1.00 26.82 ? 58  NCI C C69   1 
HETATM 1112 C C72   . NCI N 5 .  ? -0.362  -2.822  26.243  1.00 28.01 ? 58  NCI C C72   1 
HETATM 1113 C C75   . NCI N 5 .  ? 0.010   -2.059  24.973  1.00 26.44 ? 58  NCI C C75   1 
HETATM 1114 K K     . K   O 2 .  ? -2.231  -1.423  7.051   1.00 22.73 ? 53  K   D K     1 
HETATM 1115 O O     . HOH P 6 .  ? -6.930  4.384   -5.014  1.00 15.66 ? 58  HOH A O     1 
HETATM 1116 O O     . HOH P 6 .  ? 5.930   1.332   -7.258  1.00 19.16 ? 59  HOH A O     1 
HETATM 1117 O O     . HOH P 6 .  ? -7.307  6.986   -13.272 1.00 15.60 ? 60  HOH A O     1 
HETATM 1118 O O     . HOH P 6 .  ? 6.287   -2.822  -19.153 1.00 20.94 ? 61  HOH A O     1 
HETATM 1119 O O     . HOH P 6 .  ? -5.962  9.495   -14.807 1.00 27.95 ? 62  HOH A O     1 
HETATM 1120 O O     . HOH P 6 .  ? 2.507   -2.275  -24.616 1.00 40.07 ? 63  HOH A O     1 
HETATM 1121 O O     . HOH P 6 .  ? -1.231  -8.077  -16.158 1.00 15.37 ? 64  HOH A O     1 
HETATM 1122 O O     . HOH P 6 .  ? 4.703   -3.661  -24.099 1.00 16.80 ? 65  HOH A O     1 
HETATM 1123 O O     . HOH P 6 .  ? -9.060  -1.758  -14.343 1.00 25.07 ? 66  HOH A O     1 
HETATM 1124 O O     . HOH P 6 .  ? -7.292  6.568   -24.826 1.00 36.38 ? 67  HOH A O     1 
HETATM 1125 O O     . HOH P 6 .  ? 3.672   10.358  -4.126  1.00 39.57 ? 68  HOH A O     1 
HETATM 1126 O O     . HOH P 6 .  ? -2.630  11.031  -23.878 1.00 35.02 ? 69  HOH A O     1 
HETATM 1127 O O     . HOH P 6 .  ? -12.181 -2.348  -18.107 1.00 55.94 ? 70  HOH A O     1 
HETATM 1128 O O     . HOH P 6 .  ? -2.683  13.565  -14.267 1.00 33.02 ? 71  HOH A O     1 
HETATM 1129 O O     . HOH P 6 .  ? -2.891  -5.005  -19.442 1.00 26.29 ? 72  HOH A O     1 
HETATM 1130 O O     . HOH P 6 .  ? -4.065  2.769   -25.928 1.00 25.85 ? 73  HOH A O     1 
HETATM 1131 O O     . HOH P 6 .  ? -6.195  0.765   -23.171 1.00 20.48 ? 74  HOH A O     1 
HETATM 1132 O O     . HOH P 6 .  ? 7.624   -0.577  -11.748 1.00 28.38 ? 75  HOH A O     1 
HETATM 1133 O O     . HOH P 6 .  ? -12.794 1.574   -17.302 1.00 39.10 ? 76  HOH A O     1 
HETATM 1134 O O     . HOH P 6 .  ? -0.914  7.189   -27.736 1.00 37.87 ? 77  HOH A O     1 
HETATM 1135 O O     . HOH P 6 .  ? -1.333  7.035   -23.971 1.00 29.37 ? 78  HOH A O     1 
HETATM 1136 O O     . HOH P 6 .  ? 1.977   7.974   -9.972  1.00 28.02 ? 79  HOH A O     1 
HETATM 1137 O O     . HOH P 6 .  ? 0.054   8.918   -5.464  1.00 30.36 ? 80  HOH A O     1 
HETATM 1138 O O     . HOH P 6 .  ? -4.840  11.668  -14.214 1.00 32.46 ? 81  HOH A O     1 
HETATM 1139 O O     . HOH P 6 .  ? -9.137  4.541   -24.548 1.00 40.77 ? 82  HOH A O     1 
HETATM 1140 O O     . HOH P 6 .  ? -3.298  13.648  -20.727 1.00 30.54 ? 83  HOH A O     1 
HETATM 1141 O O     . HOH P 6 .  ? -5.168  -5.107  -20.704 1.00 33.08 ? 84  HOH A O     1 
HETATM 1142 O O     . HOH P 6 .  ? 7.065   0.890   -24.071 1.00 33.84 ? 85  HOH A O     1 
HETATM 1143 O O     . HOH P 6 .  ? 7.210   -2.158  -22.205 1.00 37.19 ? 86  HOH A O     1 
HETATM 1144 O O     . HOH P 6 .  ? -8.552  1.967   -25.065 1.00 31.67 ? 87  HOH A O     1 
HETATM 1145 O O     . HOH P 6 .  ? -9.867  1.592   -13.541 1.00 23.70 ? 88  HOH A O     1 
HETATM 1146 O O     . HOH P 6 .  ? -10.908 1.049   -15.977 1.00 31.71 ? 89  HOH A O     1 
HETATM 1147 O O     . HOH P 6 .  ? -14.428 0.382   -22.038 1.00 42.14 ? 90  HOH A O     1 
HETATM 1148 O O     . HOH P 6 .  ? -15.000 4.814   -22.266 1.00 31.76 ? 91  HOH A O     1 
HETATM 1149 O O     . HOH P 6 .  ? -17.697 5.156   -21.825 1.00 33.24 ? 92  HOH A O     1 
HETATM 1150 O O     . HOH P 6 .  ? -14.294 6.955   -19.801 1.00 25.05 ? 93  HOH A O     1 
HETATM 1151 O O     . HOH P 6 .  ? 12.574  12.227  -19.175 1.00 23.05 ? 94  HOH A O     1 
HETATM 1152 O O     . HOH P 6 .  ? -10.828 0.625   -24.708 1.00 35.69 ? 95  HOH A O     1 
HETATM 1153 O O     . HOH P 6 .  ? 0.371   6.415   -25.901 1.00 49.76 ? 96  HOH A O     1 
HETATM 1154 O O     . HOH P 6 .  ? 5.653   8.856   -16.309 1.00 31.58 ? 97  HOH A O     1 
HETATM 1155 O O     . HOH P 6 .  ? -6.242  -12.912 -17.636 1.00 38.33 ? 98  HOH A O     1 
HETATM 1156 O O     . HOH P 6 .  ? -5.183  11.826  -20.078 1.00 28.48 ? 99  HOH A O     1 
HETATM 1157 O O     . HOH P 6 .  ? -8.187  -5.533  -12.914 1.00 37.21 ? 100 HOH A O     1 
HETATM 1158 O O     . HOH Q 6 .  ? 4.344   -9.898  -17.706 1.00 12.61 ? 60  HOH B O     1 
HETATM 1159 O O     . HOH Q 6 .  ? -1.671  -7.089  -18.764 1.00 20.83 ? 61  HOH B O     1 
HETATM 1160 O O     . HOH Q 6 .  ? -0.348  8.593   -8.927  1.00 20.68 ? 62  HOH B O     1 
HETATM 1161 O O     . HOH Q 6 .  ? 4.855   -3.910  -21.246 1.00 17.28 ? 63  HOH B O     1 
HETATM 1162 O O     . HOH Q 6 .  ? -10.219 -2.119  -10.913 1.00 38.56 ? 64  HOH B O     1 
HETATM 1163 O O     . HOH Q 6 .  ? -2.251  -0.761  -3.749  1.00 16.50 ? 65  HOH B O     1 
HETATM 1164 O O     . HOH Q 6 .  ? -0.710  -3.184  -4.810  1.00 29.38 ? 66  HOH B O     1 
HETATM 1165 O O     . HOH Q 6 .  ? -3.300  -9.519  0.943   1.00 26.80 ? 68  HOH B O     1 
HETATM 1166 O O     . HOH Q 6 .  ? -9.030  -6.192  -9.231  1.00 32.66 ? 69  HOH B O     1 
HETATM 1167 O O     . HOH Q 6 .  ? 3.530   -7.345  -11.914 1.00 31.16 ? 70  HOH B O     1 
HETATM 1168 O O     . HOH Q 6 .  ? -14.341 -1.959  -1.803  1.00 42.91 ? 71  HOH B O     1 
HETATM 1169 O O     . HOH Q 6 .  ? 5.982   -6.418  -0.729  1.00 34.22 ? 72  HOH B O     1 
HETATM 1170 O O     . HOH Q 6 .  ? 5.108   1.185   -4.742  1.00 24.32 ? 73  HOH B O     1 
HETATM 1171 O O     . HOH Q 6 .  ? -4.972  6.341   -7.018  1.00 27.04 ? 74  HOH B O     1 
HETATM 1172 O O     . HOH Q 6 .  ? -10.835 1.955   -4.033  1.00 26.60 ? 75  HOH B O     1 
HETATM 1173 O O     . HOH Q 6 .  ? 0.744   -7.597  -14.977 1.00 26.78 ? 76  HOH B O     1 
HETATM 1174 O O     . HOH Q 6 .  ? -2.469  1.337   -2.286  1.00 26.43 ? 77  HOH B O     1 
HETATM 1175 O O     . HOH Q 6 .  ? -7.889  -7.321  -0.287  1.00 15.64 ? 78  HOH B O     1 
HETATM 1176 O O     . HOH Q 6 .  ? -6.805  -9.604  0.254   1.00 22.11 ? 79  HOH B O     1 
HETATM 1177 O O     . HOH Q 6 .  ? -9.059  3.144   -4.767  1.00 12.59 ? 80  HOH B O     1 
HETATM 1178 O O     . HOH Q 6 .  ? -2.694  -11.242 -1.058  1.00 56.62 ? 81  HOH B O     1 
HETATM 1179 O O     . HOH Q 6 .  ? -10.398 -2.432  -2.561  1.00 22.28 ? 82  HOH B O     1 
HETATM 1180 O O     . HOH Q 6 .  ? -4.262  3.744   -1.399  1.00 28.47 ? 83  HOH B O     1 
HETATM 1181 O O     . HOH Q 6 .  ? -5.729  -2.674  -21.444 1.00 21.78 ? 84  HOH B O     1 
HETATM 1182 O O     . HOH Q 6 .  ? 6.458   -2.445  -16.240 1.00 21.59 ? 85  HOH B O     1 
HETATM 1183 O O     . HOH Q 6 .  ? 3.973   -11.397 -14.118 1.00 35.11 ? 86  HOH B O     1 
HETATM 1184 O O     . HOH Q 6 .  ? -3.840  -8.967  3.485   1.00 35.53 ? 87  HOH B O     1 
HETATM 1185 O O     . HOH Q 6 .  ? 11.880  -3.802  -12.707 1.00 34.66 ? 88  HOH B O     1 
HETATM 1186 O O     . HOH Q 6 .  ? 4.014   -11.228 -11.450 1.00 27.12 ? 89  HOH B O     1 
HETATM 1187 O O     . HOH Q 6 .  ? 4.835   -8.835  -14.093 1.00 36.95 ? 90  HOH B O     1 
HETATM 1188 O O     . HOH Q 6 .  ? -11.427 2.696   -12.019 1.00 28.60 ? 91  HOH B O     1 
HETATM 1189 O O     . HOH Q 6 .  ? -10.882 -4.589  -1.744  1.00 34.75 ? 92  HOH B O     1 
HETATM 1190 O O     . HOH Q 6 .  ? -12.311 -0.889  -2.432  1.00 56.40 ? 93  HOH B O     1 
HETATM 1191 O O     . HOH R 6 .  ? -6.278  5.139   9.915   1.00 36.84 ? 73  HOH C O     1 
HETATM 1192 O O     . HOH R 6 .  ? 8.765   -1.306  23.699  1.00 24.70 ? 74  HOH C O     1 
HETATM 1193 O O     . HOH R 6 .  ? 8.918   0.735   9.373   1.00 13.53 ? 75  HOH C O     1 
HETATM 1194 O O     . HOH R 6 .  ? 7.223   -3.638  6.298   1.00 39.55 ? 76  HOH C O     1 
HETATM 1195 O O     . HOH R 6 .  ? 5.659   -5.968  20.250  1.00 37.91 ? 77  HOH C O     1 
HETATM 1196 O O     . HOH R 6 .  ? 3.498   5.767   6.622   1.00 15.30 ? 78  HOH C O     1 
HETATM 1197 O O     . HOH R 6 .  ? 4.827   8.586   22.951  1.00 39.07 ? 79  HOH C O     1 
HETATM 1198 O O     . HOH R 6 .  ? 7.638   -6.677  24.767  1.00 36.61 ? 80  HOH C O     1 
HETATM 1199 O O     . HOH R 6 .  ? 4.099   2.568   2.500   1.00 25.69 ? 81  HOH C O     1 
HETATM 1200 O O     . HOH R 6 .  ? 12.569  7.651   16.933  1.00 39.80 ? 82  HOH C O     1 
HETATM 1201 O O     . HOH R 6 .  ? 12.969  3.513   18.051  1.00 31.80 ? 83  HOH C O     1 
HETATM 1202 O O     . HOH R 6 .  ? 5.408   -8.107  24.912  1.00 39.67 ? 84  HOH C O     1 
HETATM 1203 O O     . HOH R 6 .  ? 7.548   7.123   23.159  1.00 50.20 ? 85  HOH C O     1 
HETATM 1204 O O     . HOH R 6 .  ? 1.132   7.802   18.658  1.00 16.72 ? 86  HOH C O     1 
HETATM 1205 O O     . HOH R 6 .  ? 6.119   -8.012  13.414  1.00 15.65 ? 87  HOH C O     1 
HETATM 1206 O O     . HOH R 6 .  ? -0.791  -5.295  23.396  1.00 32.02 ? 88  HOH C O     1 
HETATM 1207 O O     . HOH R 6 .  ? -3.777  -0.691  20.238  1.00 41.64 ? 89  HOH C O     1 
HETATM 1208 O O     . HOH R 6 .  ? -7.502  1.962   21.716  1.00 34.98 ? 90  HOH C O     1 
HETATM 1209 O O     . HOH R 6 .  ? -8.187  -0.899  21.236  1.00 47.47 ? 91  HOH C O     1 
HETATM 1210 O O     . HOH R 6 .  ? -8.947  -3.790  22.495  1.00 38.30 ? 92  HOH C O     1 
HETATM 1211 O O     . HOH R 6 .  ? 6.496   8.444   25.087  1.00 34.48 ? 93  HOH C O     1 
HETATM 1212 O O     . HOH R 6 .  ? 11.509  4.504   15.129  1.00 23.63 ? 94  HOH C O     1 
HETATM 1213 O O     . HOH R 6 .  ? 10.594  -6.093  25.010  1.00 46.28 ? 95  HOH C O     1 
HETATM 1214 O O     . HOH R 6 .  ? -1.440  -8.328  25.785  1.00 30.91 ? 96  HOH C O     1 
HETATM 1215 O O     . HOH R 6 .  ? 11.782  7.077   7.979   1.00 20.61 ? 97  HOH C O     1 
HETATM 1216 O O     . HOH R 6 .  ? 10.471  7.538   10.068  1.00 53.06 ? 98  HOH C O     1 
HETATM 1217 O O     . HOH R 6 .  ? 8.560   3.404   10.602  1.00 34.65 ? 99  HOH C O     1 
HETATM 1218 O O     . HOH R 6 .  ? 1.876   10.154  13.073  1.00 32.25 ? 100 HOH C O     1 
HETATM 1219 O O     . HOH R 6 .  ? 10.360  1.714   25.229  1.00 31.13 ? 101 HOH C O     1 
HETATM 1220 O O     . HOH R 6 .  ? 2.550   -6.992  24.919  1.00 52.77 ? 102 HOH C O     1 
HETATM 1221 O O     . HOH R 6 .  ? 2.477   -0.252  26.475  1.00 26.83 ? 103 HOH C O     1 
HETATM 1222 O O     . HOH R 6 .  ? 0.924   -8.632  25.431  1.00 33.40 ? 104 HOH C O     1 
HETATM 1223 O O     . HOH R 6 .  ? 1.181   4.701   24.612  1.00 30.99 ? 105 HOH C O     1 
HETATM 1224 O O     . HOH R 6 .  ? 1.388   1.113   0.972   1.00 31.07 ? 106 HOH C O     1 
HETATM 1225 O O     . HOH R 6 .  ? -6.614  1.878   16.996  1.00 28.67 ? 107 HOH C O     1 
HETATM 1226 O O     . HOH R 6 .  ? 1.584   -4.856  23.811  1.00 31.61 ? 108 HOH C O     1 
HETATM 1227 O O     . HOH S 6 .  ? -4.694  5.842   12.032  1.00 27.57 ? 88  HOH D O     1 
HETATM 1228 O O     . HOH S 6 .  ? -2.187  -1.993  0.417   1.00 22.17 ? 89  HOH D O     1 
HETATM 1229 O O     . HOH S 6 .  ? 2.420   8.480   10.978  1.00 31.64 ? 90  HOH D O     1 
HETATM 1230 O O     . HOH S 6 .  ? -1.591  9.087   0.822   1.00 35.28 ? 91  HOH D O     1 
HETATM 1231 O O     . HOH S 6 .  ? -0.850  -1.904  4.043   1.00 12.89 ? 92  HOH D O     1 
HETATM 1232 O O     . HOH S 6 .  ? 2.197   -8.872  5.481   1.00 23.72 ? 93  HOH D O     1 
HETATM 1233 O O     . HOH S 6 .  ? 3.302   -4.996  1.568   1.00 44.40 ? 94  HOH D O     1 
HETATM 1234 O O     . HOH S 6 .  ? 9.072   -2.209  8.394   1.00 27.76 ? 95  HOH D O     1 
HETATM 1235 O O     . HOH S 6 .  ? -7.251  -6.408  10.805  1.00 42.63 ? 96  HOH D O     1 
HETATM 1236 O O     . HOH S 6 .  ? 12.561  3.481   10.967  1.00 28.85 ? 97  HOH D O     1 
HETATM 1237 O O     . HOH S 6 .  ? 0.280   -10.182 5.151   1.00 18.61 ? 98  HOH D O     1 
HETATM 1238 O O     . HOH S 6 .  ? -7.944  7.277   21.151  1.00 14.40 ? 99  HOH D O     1 
HETATM 1239 O O     . HOH S 6 .  ? -11.859 0.405   2.186   1.00 36.13 ? 100 HOH D O     1 
HETATM 1240 O O     . HOH S 6 .  ? 2.075   13.392  6.778   1.00 38.88 ? 101 HOH D O     1 
HETATM 1241 O O     . HOH S 6 .  ? -7.655  -5.901  13.427  1.00 43.29 ? 102 HOH D O     1 
HETATM 1242 O O     . HOH S 6 .  ? 10.753  1.961   10.011  1.00 22.49 ? 103 HOH D O     1 
HETATM 1243 O O     . HOH S 6 .  ? -11.764 -2.107  1.936   1.00 38.51 ? 104 HOH D O     1 
HETATM 1244 O O     . HOH S 6 .  ? -10.203 -0.838  0.164   1.00 27.87 ? 105 HOH D O     1 
HETATM 1245 O O     . HOH S 6 .  ? -2.572  4.107   26.198  1.00 29.40 ? 106 HOH D O     1 
HETATM 1246 O O     . HOH S 6 .  ? -0.709  6.833   21.050  1.00 25.39 ? 107 HOH D O     1 
HETATM 1247 O O     . HOH S 6 .  ? -12.716 1.472   9.568   1.00 25.81 ? 108 HOH D O     1 
HETATM 1248 O O     . HOH S 6 .  ? -6.015  -14.809 6.369   1.00 37.63 ? 109 HOH D O     1 
HETATM 1249 O O     . HOH S 6 .  ? -9.700  -4.903  14.060  1.00 40.16 ? 110 HOH D O     1 
HETATM 1250 O O     . HOH S 6 .  ? 2.880   4.469   4.090   1.00 29.44 ? 111 HOH D O     1 
HETATM 1251 O O     . HOH S 6 .  ? 12.721  -0.054  8.215   1.00 32.01 ? 112 HOH D O     1 
HETATM 1252 O O     . HOH S 6 .  ? 5.780   -6.112  3.116   1.00 41.74 ? 113 HOH D O     1 
HETATM 1253 O O     . HOH S 6 .  ? 0.764   7.966   16.030  1.00 15.75 ? 114 HOH D O     1 
HETATM 1254 O O     . HOH S 6 .  ? -1.092  11.175  18.539  1.00 31.63 ? 115 HOH D O     1 
HETATM 1255 O O     . HOH S 6 .  ? -6.441  -9.577  11.416  1.00 33.19 ? 116 HOH D O     1 
HETATM 1256 O O     . HOH S 6 .  ? -3.544  -14.887 5.633   1.00 38.53 ? 117 HOH D O     1 
HETATM 1257 O O     . HOH S 6 .  ? -3.434  -9.015  12.413  1.00 29.81 ? 118 HOH D O     1 
HETATM 1258 O O     . HOH S 6 .  ? -7.311  -15.541 8.696   1.00 26.05 ? 119 HOH D O     1 
HETATM 1259 O O     . HOH S 6 .  ? -5.408  -7.574  12.290  1.00 50.78 ? 120 HOH D O     1 
HETATM 1260 O O     . HOH S 6 .  ? 16.694  -2.485  12.118  1.00 50.35 ? 121 HOH D O     1 
HETATM 1261 O O     . HOH S 6 .  ? -5.710  3.572   15.390  1.00 19.07 ? 122 HOH D O     1 
HETATM 1262 O O     . HOH S 6 .  ? -5.259  0.917   19.533  1.00 20.81 ? 123 HOH D O     1 
HETATM 1263 O O     . HOH S 6 .  ? -8.912  -5.874  1.492   1.00 21.03 ? 124 HOH D O     1 
HETATM 1264 O O     . HOH S 6 .  ? -10.649 -4.346  0.965   1.00 26.76 ? 125 HOH D O     1 
HETATM 1265 O O     . HOH S 6 .  ? -6.917  -9.125  3.112   1.00 28.07 ? 126 HOH D O     1 
HETATM 1266 O O     . HOH S 6 .  ? 2.907   -8.496  13.780  1.00 35.12 ? 127 HOH D O     1 
HETATM 1267 O O     . HOH S 6 .  ? 0.182   -10.474 12.985  1.00 43.36 ? 128 HOH D O     1 
HETATM 1268 O O     . HOH S 6 .  ? 5.760   -5.819  6.899   1.00 26.95 ? 129 HOH D O     1 
HETATM 1269 O O     . HOH S 6 .  ? -2.488  0.319   5.030   1.00 33.59 ? 130 HOH D O     1 
HETATM 1270 O O     . HOH S 6 .  ? 0.913   -2.841  2.612   1.00 24.05 ? 131 HOH D O     1 
HETATM 1271 O O     . HOH S 6 .  ? -2.495  13.183  7.160   1.00 37.26 ? 132 HOH D O     1 
HETATM 1272 O O     . HOH S 6 .  ? -1.574  15.047  5.683   1.00 35.26 ? 133 HOH D O     1 
HETATM 1273 O O     . HOH S 6 .  ? -2.157  10.536  20.785  1.00 41.99 ? 134 HOH D O     1 
HETATM 1274 O O     . HOH S 6 .  ? 12.364  -2.468  5.555   1.00 36.69 ? 135 HOH D O     1 
HETATM 1275 O O     . HOH S 6 .  ? 1.319   11.607  18.009  1.00 42.12 ? 136 HOH D O     1 
HETATM 1276 O O     . HOH S 6 .  ? -12.055 -9.645  5.346   1.00 33.76 ? 137 HOH D O     1 
# 
loop_
_pdbx_poly_seq_scheme.asym_id 
_pdbx_poly_seq_scheme.entity_id 
_pdbx_poly_seq_scheme.seq_id 
_pdbx_poly_seq_scheme.mon_id 
_pdbx_poly_seq_scheme.ndb_seq_num 
_pdbx_poly_seq_scheme.pdb_seq_num 
_pdbx_poly_seq_scheme.auth_seq_num 
_pdbx_poly_seq_scheme.pdb_mon_id 
_pdbx_poly_seq_scheme.auth_mon_id 
_pdbx_poly_seq_scheme.pdb_strand_id 
_pdbx_poly_seq_scheme.pdb_ins_code 
_pdbx_poly_seq_scheme.hetero 
A 1 1  DG 1  1  1  DG G A . n 
A 1 2  DG 2  2  2  DG G A . n 
A 1 3  DG 3  3  3  DG G A . n 
A 1 4  DG 4  4  4  DG G A . n 
A 1 5  DT 5  5  5  DT T A . n 
A 1 6  DT 6  6  6  DT T A . n 
A 1 7  DT 7  7  7  DT T A . n 
A 1 8  DT 8  8  8  DT T A . n 
A 1 9  DG 9  9  9  DG G A . n 
A 1 10 DG 10 10 10 DG G A . n 
A 1 11 DG 11 11 11 DG G A . n 
A 1 12 DG 12 12 12 DG G A . n 
B 1 1  DG 1  13 13 DG G B . n 
B 1 2  DG 2  14 14 DG G B . n 
B 1 3  DG 3  15 15 DG G B . n 
B 1 4  DG 4  16 16 DG G B . n 
B 1 5  DT 5  17 17 DT T B . n 
B 1 6  DT 6  18 18 DT T B . n 
B 1 7  DT 7  19 19 DT T B . n 
B 1 8  DT 8  20 20 DT T B . n 
B 1 9  DG 9  21 21 DG G B . n 
B 1 10 DG 10 22 22 DG G B . n 
B 1 11 DG 11 23 23 DG G B . n 
B 1 12 DG 12 24 24 DG G B . n 
C 1 1  DG 1  25 25 DG G C . n 
C 1 2  DG 2  26 26 DG G C . n 
C 1 3  DG 3  27 27 DG G C . n 
C 1 4  DG 4  28 28 DG G C . n 
C 1 5  DT 5  29 29 DT T C . n 
C 1 6  DT 6  30 30 DT T C . n 
C 1 7  DT 7  31 31 DT T C . n 
C 1 8  DT 8  32 32 DT T C . n 
C 1 9  DG 9  33 33 DG G C . n 
C 1 10 DG 10 34 34 DG G C . n 
C 1 11 DG 11 35 35 DG G C . n 
C 1 12 DG 12 36 36 DG G C . n 
D 1 1  DG 1  37 37 DG G D . n 
D 1 2  DG 2  38 38 DG G D . n 
D 1 3  DG 3  39 39 DG G D . n 
D 1 4  DG 4  40 40 DG G D . n 
D 1 5  DT 5  41 41 DT T D . n 
D 1 6  DT 6  42 42 DT T D . n 
D 1 7  DT 7  43 43 DT T D . n 
D 1 8  DT 8  44 44 DT T D . n 
D 1 9  DG 9  45 45 DG G D . n 
D 1 10 DG 10 46 46 DG G D . n 
D 1 11 DG 11 47 47 DG G D . n 
D 1 12 DG 12 48 48 DG G D . n 
# 
loop_
_pdbx_nonpoly_scheme.asym_id 
_pdbx_nonpoly_scheme.entity_id 
_pdbx_nonpoly_scheme.mon_id 
_pdbx_nonpoly_scheme.ndb_seq_num 
_pdbx_nonpoly_scheme.pdb_seq_num 
_pdbx_nonpoly_scheme.auth_seq_num 
_pdbx_nonpoly_scheme.pdb_mon_id 
_pdbx_nonpoly_scheme.auth_mon_id 
_pdbx_nonpoly_scheme.pdb_strand_id 
_pdbx_nonpoly_scheme.pdb_ins_code 
E 2 K   1  50  50  K   K   A . 
F 2 K   1  51  51  K   K   A . 
G 2 K   1  52  52  K   K   A . 
H 3 NC5 1  57  57  NC5 NC5 A . 
I 2 K   1  49  49  K   K   B . 
J 4 SPM 1  59  59  SPM SPM B . 
K 2 K   1  54  54  K   K   C . 
L 2 K   1  55  55  K   K   C . 
M 2 K   1  56  56  K   K   C . 
N 5 NCI 1  58  58  NCI NCI C . 
O 2 K   1  53  53  K   K   D . 
P 6 HOH 1  58  3   HOH HOH A . 
P 6 HOH 2  59  6   HOH HOH A . 
P 6 HOH 3  60  8   HOH HOH A . 
P 6 HOH 4  61  15  HOH HOH A . 
P 6 HOH 5  62  16  HOH HOH A . 
P 6 HOH 6  63  18  HOH HOH A . 
P 6 HOH 7  64  19  HOH HOH A . 
P 6 HOH 8  65  21  HOH HOH A . 
P 6 HOH 9  66  29  HOH HOH A . 
P 6 HOH 10 67  30  HOH HOH A . 
P 6 HOH 11 68  35  HOH HOH A . 
P 6 HOH 12 69  41  HOH HOH A . 
P 6 HOH 13 70  59  HOH HOH A . 
P 6 HOH 14 71  62  HOH HOH A . 
P 6 HOH 15 72  65  HOH HOH A . 
P 6 HOH 16 73  73  HOH HOH A . 
P 6 HOH 17 74  78  HOH HOH A . 
P 6 HOH 18 75  81  HOH HOH A . 
P 6 HOH 19 76  83  HOH HOH A . 
P 6 HOH 20 77  84  HOH HOH A . 
P 6 HOH 21 78  85  HOH HOH A . 
P 6 HOH 22 79  90  HOH HOH A . 
P 6 HOH 23 80  92  HOH HOH A . 
P 6 HOH 24 81  94  HOH HOH A . 
P 6 HOH 25 82  101 HOH HOH A . 
P 6 HOH 26 83  103 HOH HOH A . 
P 6 HOH 27 84  109 HOH HOH A . 
P 6 HOH 28 85  131 HOH HOH A . 
P 6 HOH 29 86  132 HOH HOH A . 
P 6 HOH 30 87  153 HOH HOH A . 
P 6 HOH 31 88  162 HOH HOH A . 
P 6 HOH 32 89  164 HOH HOH A . 
P 6 HOH 33 90  171 HOH HOH A . 
P 6 HOH 34 91  172 HOH HOH A . 
P 6 HOH 35 92  173 HOH HOH A . 
P 6 HOH 36 93  174 HOH HOH A . 
P 6 HOH 37 94  179 HOH HOH A . 
P 6 HOH 38 95  186 HOH HOH A . 
P 6 HOH 39 96  196 HOH HOH A . 
P 6 HOH 40 97  199 HOH HOH A . 
P 6 HOH 41 98  116 HOH HOH A . 
P 6 HOH 42 99  137 HOH HOH A . 
P 6 HOH 43 100 157 HOH HOH A . 
Q 6 HOH 1  60  1   HOH HOH B . 
Q 6 HOH 2  61  2   HOH HOH B . 
Q 6 HOH 3  62  4   HOH HOH B . 
Q 6 HOH 4  63  5   HOH HOH B . 
Q 6 HOH 5  64  7   HOH HOH B . 
Q 6 HOH 6  65  27  HOH HOH B . 
Q 6 HOH 7  66  32  HOH HOH B . 
Q 6 HOH 8  68  42  HOH HOH B . 
Q 6 HOH 9  69  47  HOH HOH B . 
Q 6 HOH 10 70  49  HOH HOH B . 
Q 6 HOH 11 71  53  HOH HOH B . 
Q 6 HOH 12 72  55  HOH HOH B . 
Q 6 HOH 13 73  56  HOH HOH B . 
Q 6 HOH 14 74  60  HOH HOH B . 
Q 6 HOH 15 75  61  HOH HOH B . 
Q 6 HOH 16 76  64  HOH HOH B . 
Q 6 HOH 17 77  68  HOH HOH B . 
Q 6 HOH 18 78  79  HOH HOH B . 
Q 6 HOH 19 79  80  HOH HOH B . 
Q 6 HOH 20 80  89  HOH HOH B . 
Q 6 HOH 21 81  104 HOH HOH B . 
Q 6 HOH 22 82  110 HOH HOH B . 
Q 6 HOH 23 83  111 HOH HOH B . 
Q 6 HOH 24 84  114 HOH HOH B . 
Q 6 HOH 25 85  128 HOH HOH B . 
Q 6 HOH 26 86  129 HOH HOH B . 
Q 6 HOH 27 87  144 HOH HOH B . 
Q 6 HOH 28 88  148 HOH HOH B . 
Q 6 HOH 29 89  149 HOH HOH B . 
Q 6 HOH 30 90  150 HOH HOH B . 
Q 6 HOH 31 91  163 HOH HOH B . 
Q 6 HOH 32 92  168 HOH HOH B . 
Q 6 HOH 33 93  170 HOH HOH B . 
R 6 HOH 1  73  72  HOH HOH C . 
R 6 HOH 2  74  13  HOH HOH C . 
R 6 HOH 3  75  17  HOH HOH C . 
R 6 HOH 4  76  23  HOH HOH C . 
R 6 HOH 5  77  24  HOH HOH C . 
R 6 HOH 6  78  25  HOH HOH C . 
R 6 HOH 7  79  33  HOH HOH C . 
R 6 HOH 8  80  34  HOH HOH C . 
R 6 HOH 9  81  40  HOH HOH C . 
R 6 HOH 10 82  43  HOH HOH C . 
R 6 HOH 11 83  44  HOH HOH C . 
R 6 HOH 12 84  46  HOH HOH C . 
R 6 HOH 13 85  50  HOH HOH C . 
R 6 HOH 14 86  74  HOH HOH C . 
R 6 HOH 15 87  76  HOH HOH C . 
R 6 HOH 16 88  82  HOH HOH C . 
R 6 HOH 17 89  87  HOH HOH C . 
R 6 HOH 18 90  98  HOH HOH C . 
R 6 HOH 19 91  99  HOH HOH C . 
R 6 HOH 20 92  100 HOH HOH C . 
R 6 HOH 21 93  102 HOH HOH C . 
R 6 HOH 22 94  105 HOH HOH C . 
R 6 HOH 23 95  106 HOH HOH C . 
R 6 HOH 24 96  108 HOH HOH C . 
R 6 HOH 25 97  117 HOH HOH C . 
R 6 HOH 26 98  118 HOH HOH C . 
R 6 HOH 27 99  119 HOH HOH C . 
R 6 HOH 28 100 122 HOH HOH C . 
R 6 HOH 29 101 124 HOH HOH C . 
R 6 HOH 30 102 125 HOH HOH C . 
R 6 HOH 31 103 126 HOH HOH C . 
R 6 HOH 32 104 127 HOH HOH C . 
R 6 HOH 33 105 133 HOH HOH C . 
R 6 HOH 34 106 145 HOH HOH C . 
R 6 HOH 35 107 158 HOH HOH C . 
R 6 HOH 36 108 161 HOH HOH C . 
S 6 HOH 1  88  151 HOH HOH D . 
S 6 HOH 2  89  36  HOH HOH D . 
S 6 HOH 3  90  9   HOH HOH D . 
S 6 HOH 4  91  10  HOH HOH D . 
S 6 HOH 5  92  11  HOH HOH D . 
S 6 HOH 6  93  12  HOH HOH D . 
S 6 HOH 7  94  14  HOH HOH D . 
S 6 HOH 8  95  20  HOH HOH D . 
S 6 HOH 9  96  22  HOH HOH D . 
S 6 HOH 10 97  26  HOH HOH D . 
S 6 HOH 11 98  39  HOH HOH D . 
S 6 HOH 12 99  51  HOH HOH D . 
S 6 HOH 13 100 57  HOH HOH D . 
S 6 HOH 14 101 58  HOH HOH D . 
S 6 HOH 15 102 66  HOH HOH D . 
S 6 HOH 16 103 67  HOH HOH D . 
S 6 HOH 17 104 69  HOH HOH D . 
S 6 HOH 18 105 70  HOH HOH D . 
S 6 HOH 19 106 71  HOH HOH D . 
S 6 HOH 20 107 75  HOH HOH D . 
S 6 HOH 21 108 77  HOH HOH D . 
S 6 HOH 22 109 86  HOH HOH D . 
S 6 HOH 23 110 95  HOH HOH D . 
S 6 HOH 24 111 96  HOH HOH D . 
S 6 HOH 25 112 97  HOH HOH D . 
S 6 HOH 26 113 107 HOH HOH D . 
S 6 HOH 27 114 112 HOH HOH D . 
S 6 HOH 28 115 123 HOH HOH D . 
S 6 HOH 29 116 138 HOH HOH D . 
S 6 HOH 30 117 139 HOH HOH D . 
S 6 HOH 31 118 141 HOH HOH D . 
S 6 HOH 32 119 142 HOH HOH D . 
S 6 HOH 33 120 143 HOH HOH D . 
S 6 HOH 34 121 156 HOH HOH D . 
S 6 HOH 35 122 159 HOH HOH D . 
S 6 HOH 36 123 160 HOH HOH D . 
S 6 HOH 37 124 166 HOH HOH D . 
S 6 HOH 38 125 167 HOH HOH D . 
S 6 HOH 39 126 169 HOH HOH D . 
S 6 HOH 40 127 175 HOH HOH D . 
S 6 HOH 41 128 176 HOH HOH D . 
S 6 HOH 42 129 178 HOH HOH D . 
S 6 HOH 43 130 181 HOH HOH D . 
S 6 HOH 44 131 183 HOH HOH D . 
S 6 HOH 45 132 188 HOH HOH D . 
S 6 HOH 46 133 189 HOH HOH D . 
S 6 HOH 47 134 191 HOH HOH D . 
S 6 HOH 48 135 192 HOH HOH D . 
S 6 HOH 49 136 194 HOH HOH D . 
S 6 HOH 50 137 198 HOH HOH D . 
# 
loop_
_pdbx_struct_assembly.id 
_pdbx_struct_assembly.details 
_pdbx_struct_assembly.method_details 
_pdbx_struct_assembly.oligomeric_details 
_pdbx_struct_assembly.oligomeric_count 
1 author_and_software_defined_assembly PISA dimeric 2 
2 author_and_software_defined_assembly PISA dimeric 2 
# 
loop_
_pdbx_struct_assembly_gen.assembly_id 
_pdbx_struct_assembly_gen.oper_expression 
_pdbx_struct_assembly_gen.asym_id_list 
1 1 A,B,E,F,G,H,I,J,P,Q 
2 1 C,D,K,L,M,N,O,R,S   
# 
loop_
_pdbx_struct_assembly_prop.biol_id 
_pdbx_struct_assembly_prop.type 
_pdbx_struct_assembly_prop.value 
_pdbx_struct_assembly_prop.details 
1 'ABSA (A^2)' 3280  ? 
1 MORE         -10.1 ? 
1 'SSA (A^2)'  3490  ? 
2 'ABSA (A^2)' 3300  ? 
2 MORE         -10.1 ? 
2 'SSA (A^2)'  3990  ? 
# 
_pdbx_struct_oper_list.id                   1 
_pdbx_struct_oper_list.type                 'identity operation' 
_pdbx_struct_oper_list.name                 1_555 
_pdbx_struct_oper_list.symmetry_operation   x,y,z 
_pdbx_struct_oper_list.matrix[1][1]         1.0000000000 
_pdbx_struct_oper_list.matrix[1][2]         0.0000000000 
_pdbx_struct_oper_list.matrix[1][3]         0.0000000000 
_pdbx_struct_oper_list.vector[1]            0.0000000000 
_pdbx_struct_oper_list.matrix[2][1]         0.0000000000 
_pdbx_struct_oper_list.matrix[2][2]         1.0000000000 
_pdbx_struct_oper_list.matrix[2][3]         0.0000000000 
_pdbx_struct_oper_list.vector[2]            0.0000000000 
_pdbx_struct_oper_list.matrix[3][1]         0.0000000000 
_pdbx_struct_oper_list.matrix[3][2]         0.0000000000 
_pdbx_struct_oper_list.matrix[3][3]         1.0000000000 
_pdbx_struct_oper_list.vector[3]            0.0000000000 
# 
loop_
_pdbx_struct_conn_angle.id 
_pdbx_struct_conn_angle.ptnr1_label_atom_id 
_pdbx_struct_conn_angle.ptnr1_label_alt_id 
_pdbx_struct_conn_angle.ptnr1_label_asym_id 
_pdbx_struct_conn_angle.ptnr1_label_comp_id 
_pdbx_struct_conn_angle.ptnr1_label_seq_id 
_pdbx_struct_conn_angle.ptnr1_auth_atom_id 
_pdbx_struct_conn_angle.ptnr1_auth_asym_id 
_pdbx_struct_conn_angle.ptnr1_auth_comp_id 
_pdbx_struct_conn_angle.ptnr1_auth_seq_id 
_pdbx_struct_conn_angle.ptnr1_PDB_ins_code 
_pdbx_struct_conn_angle.ptnr1_symmetry 
_pdbx_struct_conn_angle.ptnr2_label_atom_id 
_pdbx_struct_conn_angle.ptnr2_label_alt_id 
_pdbx_struct_conn_angle.ptnr2_label_asym_id 
_pdbx_struct_conn_angle.ptnr2_label_comp_id 
_pdbx_struct_conn_angle.ptnr2_label_seq_id 
_pdbx_struct_conn_angle.ptnr2_auth_atom_id 
_pdbx_struct_conn_angle.ptnr2_auth_asym_id 
_pdbx_struct_conn_angle.ptnr2_auth_comp_id 
_pdbx_struct_conn_angle.ptnr2_auth_seq_id 
_pdbx_struct_conn_angle.ptnr2_PDB_ins_code 
_pdbx_struct_conn_angle.ptnr2_symmetry 
_pdbx_struct_conn_angle.ptnr3_label_atom_id 
_pdbx_struct_conn_angle.ptnr3_label_alt_id 
_pdbx_struct_conn_angle.ptnr3_label_asym_id 
_pdbx_struct_conn_angle.ptnr3_label_comp_id 
_pdbx_struct_conn_angle.ptnr3_label_seq_id 
_pdbx_struct_conn_angle.ptnr3_auth_atom_id 
_pdbx_struct_conn_angle.ptnr3_auth_asym_id 
_pdbx_struct_conn_angle.ptnr3_auth_comp_id 
_pdbx_struct_conn_angle.ptnr3_auth_seq_id 
_pdbx_struct_conn_angle.ptnr3_PDB_ins_code 
_pdbx_struct_conn_angle.ptnr3_symmetry 
_pdbx_struct_conn_angle.value 
_pdbx_struct_conn_angle.value_esd 
1   O6 ? A DG 1  ? A DG 1  ? 1_555 K ? E K . ? A K 50 ? 1_555 O6 ? A DG  2  ? A DG  2   ? 1_555 73.6  ? 
2   O6 ? A DG 1  ? A DG 1  ? 1_555 K ? E K . ? A K 50 ? 1_555 O6 ? A DG  11 ? A DG  11  ? 1_555 167.4 ? 
3   O6 ? A DG 2  ? A DG 2  ? 1_555 K ? E K . ? A K 50 ? 1_555 O6 ? A DG  11 ? A DG  11  ? 1_555 100.5 ? 
4   O6 ? A DG 1  ? A DG 1  ? 1_555 K ? E K . ? A K 50 ? 1_555 O6 ? A DG  12 ? A DG  12  ? 1_555 105.5 ? 
5   O6 ? A DG 2  ? A DG 2  ? 1_555 K ? E K . ? A K 50 ? 1_555 O6 ? A DG  12 ? A DG  12  ? 1_555 179.0 ? 
6   O6 ? A DG 11 ? A DG 11 ? 1_555 K ? E K . ? A K 50 ? 1_555 O6 ? A DG  12 ? A DG  12  ? 1_555 80.4  ? 
7   O6 ? A DG 1  ? A DG 1  ? 1_555 K ? E K . ? A K 50 ? 1_555 O6 ? B DG  3  ? B DG  15  ? 1_555 99.9  ? 
8   O6 ? A DG 2  ? A DG 2  ? 1_555 K ? E K . ? A K 50 ? 1_555 O6 ? B DG  3  ? B DG  15  ? 1_555 63.4  ? 
9   O6 ? A DG 11 ? A DG 11 ? 1_555 K ? E K . ? A K 50 ? 1_555 O6 ? B DG  3  ? B DG  15  ? 1_555 67.6  ? 
10  O6 ? A DG 12 ? A DG 12 ? 1_555 K ? E K . ? A K 50 ? 1_555 O6 ? B DG  3  ? B DG  15  ? 1_555 116.5 ? 
11  O6 ? A DG 1  ? A DG 1  ? 1_555 K ? E K . ? A K 50 ? 1_555 O6 ? B DG  4  ? B DG  16  ? 1_555 71.9  ? 
12  O6 ? A DG 2  ? A DG 2  ? 1_555 K ? E K . ? A K 50 ? 1_555 O6 ? B DG  4  ? B DG  16  ? 1_555 115.2 ? 
13  O6 ? A DG 11 ? A DG 11 ? 1_555 K ? E K . ? A K 50 ? 1_555 O6 ? B DG  4  ? B DG  16  ? 1_555 101.7 ? 
14  O6 ? A DG 12 ? A DG 12 ? 1_555 K ? E K . ? A K 50 ? 1_555 O6 ? B DG  4  ? B DG  16  ? 1_555 64.0  ? 
15  O6 ? B DG 3  ? B DG 15 ? 1_555 K ? E K . ? A K 50 ? 1_555 O6 ? B DG  4  ? B DG  16  ? 1_555 70.8  ? 
16  O6 ? A DG 1  ? A DG 1  ? 1_555 K ? E K . ? A K 50 ? 1_555 O6 ? B DG  9  ? B DG  21  ? 1_555 76.7  ? 
17  O6 ? A DG 2  ? A DG 2  ? 1_555 K ? E K . ? A K 50 ? 1_555 O6 ? B DG  9  ? B DG  21  ? 1_555 109.8 ? 
18  O6 ? A DG 11 ? A DG 11 ? 1_555 K ? E K . ? A K 50 ? 1_555 O6 ? B DG  9  ? B DG  21  ? 1_555 115.8 ? 
19  O6 ? A DG 12 ? A DG 12 ? 1_555 K ? E K . ? A K 50 ? 1_555 O6 ? B DG  9  ? B DG  21  ? 1_555 70.3  ? 
20  O6 ? B DG 3  ? B DG 15 ? 1_555 K ? E K . ? A K 50 ? 1_555 O6 ? B DG  9  ? B DG  21  ? 1_555 173.2 ? 
21  O6 ? B DG 4  ? B DG 16 ? 1_555 K ? E K . ? A K 50 ? 1_555 O6 ? B DG  9  ? B DG  21  ? 1_555 113.2 ? 
22  O6 ? A DG 1  ? A DG 1  ? 1_555 K ? E K . ? A K 50 ? 1_555 O6 ? B DG  10 ? B DG  22  ? 1_555 115.3 ? 
23  O6 ? A DG 2  ? A DG 2  ? 1_555 K ? E K . ? A K 50 ? 1_555 O6 ? B DG  10 ? B DG  22  ? 1_555 67.0  ? 
24  O6 ? A DG 11 ? A DG 11 ? 1_555 K ? E K . ? A K 50 ? 1_555 O6 ? B DG  10 ? B DG  22  ? 1_555 70.9  ? 
25  O6 ? A DG 12 ? A DG 12 ? 1_555 K ? E K . ? A K 50 ? 1_555 O6 ? B DG  10 ? B DG  22  ? 1_555 114.0 ? 
26  O6 ? B DG 3  ? B DG 15 ? 1_555 K ? E K . ? A K 50 ? 1_555 O6 ? B DG  10 ? B DG  22  ? 1_555 105.3 ? 
27  O6 ? B DG 4  ? B DG 16 ? 1_555 K ? E K . ? A K 50 ? 1_555 O6 ? B DG  10 ? B DG  22  ? 1_555 172.6 ? 
28  O6 ? B DG 9  ? B DG 21 ? 1_555 K ? E K . ? A K 50 ? 1_555 O6 ? B DG  10 ? B DG  22  ? 1_555 71.4  ? 
29  O6 ? A DG 2  ? A DG 2  ? 1_555 K ? F K . ? A K 51 ? 1_555 O6 ? A DG  3  ? A DG  3   ? 1_555 89.8  ? 
30  O6 ? A DG 2  ? A DG 2  ? 1_555 K ? F K . ? A K 51 ? 1_555 O6 ? A DG  10 ? A DG  10  ? 1_555 137.6 ? 
31  O6 ? A DG 3  ? A DG 3  ? 1_555 K ? F K . ? A K 51 ? 1_555 O6 ? A DG  10 ? A DG  10  ? 1_555 105.9 ? 
32  O6 ? A DG 2  ? A DG 2  ? 1_555 K ? F K . ? A K 51 ? 1_555 O6 ? A DG  11 ? A DG  11  ? 1_555 105.2 ? 
33  O6 ? A DG 3  ? A DG 3  ? 1_555 K ? F K . ? A K 51 ? 1_555 O6 ? A DG  11 ? A DG  11  ? 1_555 131.3 ? 
34  O6 ? A DG 10 ? A DG 10 ? 1_555 K ? F K . ? A K 51 ? 1_555 O6 ? A DG  11 ? A DG  11  ? 1_555 93.6  ? 
35  O6 ? A DG 2  ? A DG 2  ? 1_555 K ? F K . ? A K 51 ? 1_555 O6 ? B DG  2  ? B DG  14  ? 1_555 150.6 ? 
36  O6 ? A DG 3  ? A DG 3  ? 1_555 K ? F K . ? A K 51 ? 1_555 O6 ? B DG  2  ? B DG  14  ? 1_555 69.7  ? 
37  O6 ? A DG 10 ? A DG 10 ? 1_555 K ? F K . ? A K 51 ? 1_555 O6 ? B DG  2  ? B DG  14  ? 1_555 70.4  ? 
38  O6 ? A DG 11 ? A DG 11 ? 1_555 K ? F K . ? A K 51 ? 1_555 O6 ? B DG  2  ? B DG  14  ? 1_555 76.1  ? 
39  O6 ? A DG 2  ? A DG 2  ? 1_555 K ? F K . ? A K 51 ? 1_555 O6 ? B DG  10 ? B DG  22  ? 1_555 72.6  ? 
40  O6 ? A DG 3  ? A DG 3  ? 1_555 K ? F K . ? A K 51 ? 1_555 O6 ? B DG  10 ? B DG  22  ? 1_555 154.9 ? 
41  O6 ? A DG 10 ? A DG 10 ? 1_555 K ? F K . ? A K 51 ? 1_555 O6 ? B DG  10 ? B DG  22  ? 1_555 77.9  ? 
42  O6 ? A DG 11 ? A DG 11 ? 1_555 K ? F K . ? A K 51 ? 1_555 O6 ? B DG  10 ? B DG  22  ? 1_555 71.9  ? 
43  O6 ? B DG 2  ? B DG 14 ? 1_555 K ? F K . ? A K 51 ? 1_555 O6 ? B DG  10 ? B DG  22  ? 1_555 132.9 ? 
44  O6 ? A DG 2  ? A DG 2  ? 1_555 K ? F K . ? A K 51 ? 1_555 O6 ? B DG  11 ? B DG  23  ? 1_555 80.3  ? 
45  O6 ? A DG 3  ? A DG 3  ? 1_555 K ? F K . ? A K 51 ? 1_555 O6 ? B DG  11 ? B DG  23  ? 1_555 64.3  ? 
46  O6 ? A DG 10 ? A DG 10 ? 1_555 K ? F K . ? A K 51 ? 1_555 O6 ? B DG  11 ? B DG  23  ? 1_555 72.3  ? 
47  O6 ? A DG 11 ? A DG 11 ? 1_555 K ? F K . ? A K 51 ? 1_555 O6 ? B DG  11 ? B DG  23  ? 1_555 162.5 ? 
48  O6 ? B DG 2  ? B DG 14 ? 1_555 K ? F K . ? A K 51 ? 1_555 O6 ? B DG  11 ? B DG  23  ? 1_555 107.4 ? 
49  O6 ? B DG 10 ? B DG 22 ? 1_555 K ? F K . ? A K 51 ? 1_555 O6 ? B DG  11 ? B DG  23  ? 1_555 94.6  ? 
50  O6 ? A DG 3  ? A DG 3  ? 1_555 K ? G K . ? A K 52 ? 1_555 O6 ? A DG  4  ? A DG  4   ? 1_555 68.0  ? 
51  O6 ? A DG 3  ? A DG 3  ? 1_555 K ? G K . ? A K 52 ? 1_555 O6 ? A DG  9  ? A DG  9   ? 1_555 170.9 ? 
52  O6 ? A DG 4  ? A DG 4  ? 1_555 K ? G K . ? A K 52 ? 1_555 O6 ? A DG  9  ? A DG  9   ? 1_555 119.0 ? 
53  O6 ? A DG 3  ? A DG 3  ? 1_555 K ? G K . ? A K 52 ? 1_555 O6 ? A DG  10 ? A DG  10  ? 1_555 101.3 ? 
54  O6 ? A DG 4  ? A DG 4  ? 1_555 K ? G K . ? A K 52 ? 1_555 O6 ? A DG  10 ? A DG  10  ? 1_555 164.6 ? 
55  O6 ? A DG 9  ? A DG 9  ? 1_555 K ? G K . ? A K 52 ? 1_555 O6 ? A DG  10 ? A DG  10  ? 1_555 70.6  ? 
56  O6 ? A DG 3  ? A DG 3  ? 1_555 K ? G K . ? A K 52 ? 1_555 O6 ? B DG  1  ? B DG  13  ? 1_555 109.6 ? 
57  O6 ? A DG 4  ? A DG 4  ? 1_555 K ? G K . ? A K 52 ? 1_555 O6 ? B DG  1  ? B DG  13  ? 1_555 77.7  ? 
58  O6 ? A DG 9  ? A DG 9  ? 1_555 K ? G K . ? A K 52 ? 1_555 O6 ? B DG  1  ? B DG  13  ? 1_555 78.5  ? 
59  O6 ? A DG 10 ? A DG 10 ? 1_555 K ? G K . ? A K 52 ? 1_555 O6 ? B DG  1  ? B DG  13  ? 1_555 117.2 ? 
60  O6 ? A DG 3  ? A DG 3  ? 1_555 K ? G K . ? A K 52 ? 1_555 O6 ? B DG  2  ? B DG  14  ? 1_555 73.2  ? 
61  O6 ? A DG 4  ? A DG 4  ? 1_555 K ? G K . ? A K 52 ? 1_555 O6 ? B DG  2  ? B DG  14  ? 1_555 119.4 ? 
62  O6 ? A DG 9  ? A DG 9  ? 1_555 K ? G K . ? A K 52 ? 1_555 O6 ? B DG  2  ? B DG  14  ? 1_555 105.9 ? 
63  O6 ? A DG 10 ? A DG 10 ? 1_555 K ? G K . ? A K 52 ? 1_555 O6 ? B DG  2  ? B DG  14  ? 1_555 65.0  ? 
64  O6 ? B DG 1  ? B DG 13 ? 1_555 K ? G K . ? A K 52 ? 1_555 O6 ? B DG  2  ? B DG  14  ? 1_555 73.7  ? 
65  O6 ? A DG 12 ? A DG 12 ? 1_555 K ? I K . ? B K 49 ? 1_555 O6 ? B DG  4  ? B DG  16  ? 1_555 63.5  ? 
66  O6 ? A DG 12 ? A DG 12 ? 1_555 K ? I K . ? B K 49 ? 1_555 O2 ? B DT  5  ? B DT  17  ? 1_555 133.8 ? 
67  O6 ? B DG 4  ? B DG 16 ? 1_555 K ? I K . ? B K 49 ? 1_555 O2 ? B DT  5  ? B DT  17  ? 1_555 80.6  ? 
68  O6 ? A DG 12 ? A DG 12 ? 1_555 K ? I K . ? B K 49 ? 1_555 O2 ? B DT  7  ? B DT  19  ? 1_555 150.2 ? 
69  O6 ? B DG 4  ? B DG 16 ? 1_555 K ? I K . ? B K 49 ? 1_555 O2 ? B DT  7  ? B DT  19  ? 1_555 130.5 ? 
70  O2 ? B DT 5  ? B DT 17 ? 1_555 K ? I K . ? B K 49 ? 1_555 O2 ? B DT  7  ? B DT  19  ? 1_555 75.7  ? 
71  O6 ? A DG 12 ? A DG 12 ? 1_555 K ? I K . ? B K 49 ? 1_555 O  ? Q HOH .  ? B HOH 66  ? 1_555 98.5  ? 
72  O6 ? B DG 4  ? B DG 16 ? 1_555 K ? I K . ? B K 49 ? 1_555 O  ? Q HOH .  ? B HOH 66  ? 1_555 160.3 ? 
73  O2 ? B DT 5  ? B DT 17 ? 1_555 K ? I K . ? B K 49 ? 1_555 O  ? Q HOH .  ? B HOH 66  ? 1_555 110.1 ? 
74  O2 ? B DT 7  ? B DT 19 ? 1_555 K ? I K . ? B K 49 ? 1_555 O  ? Q HOH .  ? B HOH 66  ? 1_555 69.1  ? 
75  O6 ? C DG 1  ? C DG 25 ? 1_555 K ? K K . ? C K 54 ? 1_555 O6 ? C DG  2  ? C DG  26  ? 1_555 74.2  ? 
76  O6 ? C DG 1  ? C DG 25 ? 1_555 K ? K K . ? C K 54 ? 1_555 O6 ? C DG  11 ? C DG  35  ? 1_555 167.7 ? 
77  O6 ? C DG 2  ? C DG 26 ? 1_555 K ? K K . ? C K 54 ? 1_555 O6 ? C DG  11 ? C DG  35  ? 1_555 99.7  ? 
78  O6 ? C DG 1  ? C DG 25 ? 1_555 K ? K K . ? C K 54 ? 1_555 O6 ? C DG  12 ? C DG  36  ? 1_555 110.3 ? 
79  O6 ? C DG 2  ? C DG 26 ? 1_555 K ? K K . ? C K 54 ? 1_555 O6 ? C DG  12 ? C DG  36  ? 1_555 175.5 ? 
80  O6 ? C DG 11 ? C DG 35 ? 1_555 K ? K K . ? C K 54 ? 1_555 O6 ? C DG  12 ? C DG  36  ? 1_555 75.7  ? 
81  O6 ? C DG 1  ? C DG 25 ? 1_555 K ? K K . ? C K 54 ? 1_555 O6 ? D DG  4  ? D DG  40  ? 1_555 73.7  ? 
82  O6 ? C DG 2  ? C DG 26 ? 1_555 K ? K K . ? C K 54 ? 1_555 O6 ? D DG  4  ? D DG  40  ? 1_555 117.1 ? 
83  O6 ? C DG 11 ? C DG 35 ? 1_555 K ? K K . ? C K 54 ? 1_555 O6 ? D DG  4  ? D DG  40  ? 1_555 100.6 ? 
84  O6 ? C DG 12 ? C DG 36 ? 1_555 K ? K K . ? C K 54 ? 1_555 O6 ? D DG  4  ? D DG  40  ? 1_555 64.5  ? 
85  O6 ? C DG 1  ? C DG 25 ? 1_555 K ? K K . ? C K 54 ? 1_555 O6 ? D DG  9  ? D DG  45  ? 1_555 75.2  ? 
86  O6 ? C DG 2  ? C DG 26 ? 1_555 K ? K K . ? C K 54 ? 1_555 O6 ? D DG  9  ? D DG  45  ? 1_555 111.0 ? 
87  O6 ? C DG 11 ? C DG 35 ? 1_555 K ? K K . ? C K 54 ? 1_555 O6 ? D DG  9  ? D DG  45  ? 1_555 117.0 ? 
88  O6 ? C DG 12 ? C DG 36 ? 1_555 K ? K K . ? C K 54 ? 1_555 O6 ? D DG  9  ? D DG  45  ? 1_555 71.5  ? 
89  O6 ? D DG 4  ? D DG 40 ? 1_555 K ? K K . ? C K 54 ? 1_555 O6 ? D DG  9  ? D DG  45  ? 1_555 110.9 ? 
90  O6 ? C DG 1  ? C DG 25 ? 1_555 K ? K K . ? C K 54 ? 1_555 O6 ? D DG  10 ? D DG  46  ? 1_555 119.7 ? 
91  O6 ? C DG 2  ? C DG 26 ? 1_555 K ? K K . ? C K 54 ? 1_555 O6 ? D DG  10 ? D DG  46  ? 1_555 70.5  ? 
92  O6 ? C DG 11 ? C DG 35 ? 1_555 K ? K K . ? C K 54 ? 1_555 O6 ? D DG  10 ? D DG  46  ? 1_555 66.4  ? 
93  O6 ? C DG 12 ? C DG 36 ? 1_555 K ? K K . ? C K 54 ? 1_555 O6 ? D DG  10 ? D DG  46  ? 1_555 107.1 ? 
94  O6 ? D DG 4  ? D DG 40 ? 1_555 K ? K K . ? C K 54 ? 1_555 O6 ? D DG  10 ? D DG  46  ? 1_555 166.5 ? 
95  O6 ? D DG 9  ? D DG 45 ? 1_555 K ? K K . ? C K 54 ? 1_555 O6 ? D DG  10 ? D DG  46  ? 1_555 74.1  ? 
96  O6 ? C DG 2  ? C DG 26 ? 1_555 K ? L K . ? C K 55 ? 1_555 O6 ? C DG  3  ? C DG  27  ? 1_555 88.4  ? 
97  O6 ? C DG 2  ? C DG 26 ? 1_555 K ? L K . ? C K 55 ? 1_555 O6 ? C DG  10 ? C DG  34  ? 1_555 134.9 ? 
98  O6 ? C DG 3  ? C DG 27 ? 1_555 K ? L K . ? C K 55 ? 1_555 O6 ? C DG  10 ? C DG  34  ? 1_555 110.4 ? 
99  O6 ? C DG 2  ? C DG 26 ? 1_555 K ? L K . ? C K 55 ? 1_555 O6 ? C DG  11 ? C DG  35  ? 1_555 103.8 ? 
100 O6 ? C DG 3  ? C DG 27 ? 1_555 K ? L K . ? C K 55 ? 1_555 O6 ? C DG  11 ? C DG  35  ? 1_555 133.9 ? 
101 O6 ? C DG 10 ? C DG 34 ? 1_555 K ? L K . ? C K 55 ? 1_555 O6 ? C DG  11 ? C DG  35  ? 1_555 92.1  ? 
102 O6 ? C DG 2  ? C DG 26 ? 1_555 K ? L K . ? C K 55 ? 1_555 O6 ? D DG  2  ? D DG  38  ? 1_555 154.0 ? 
103 O6 ? C DG 3  ? C DG 27 ? 1_555 K ? L K . ? C K 55 ? 1_555 O6 ? D DG  2  ? D DG  38  ? 1_555 73.7  ? 
104 O6 ? C DG 10 ? C DG 34 ? 1_555 K ? L K . ? C K 55 ? 1_555 O6 ? D DG  2  ? D DG  38  ? 1_555 70.2  ? 
105 O6 ? C DG 11 ? C DG 35 ? 1_555 K ? L K . ? C K 55 ? 1_555 O6 ? D DG  2  ? D DG  38  ? 1_555 77.3  ? 
106 O6 ? C DG 2  ? C DG 26 ? 1_555 K ? L K . ? C K 55 ? 1_555 O6 ? D DG  10 ? D DG  46  ? 1_555 74.5  ? 
107 O6 ? C DG 3  ? C DG 27 ? 1_555 K ? L K . ? C K 55 ? 1_555 O6 ? D DG  10 ? D DG  46  ? 1_555 155.2 ? 
108 O6 ? C DG 10 ? C DG 34 ? 1_555 K ? L K . ? C K 55 ? 1_555 O6 ? D DG  10 ? D DG  46  ? 1_555 72.6  ? 
109 O6 ? C DG 11 ? C DG 35 ? 1_555 K ? L K . ? C K 55 ? 1_555 O6 ? D DG  10 ? D DG  46  ? 1_555 69.0  ? 
110 O6 ? D DG 2  ? D DG 38 ? 1_555 K ? L K . ? C K 55 ? 1_555 O6 ? D DG  10 ? D DG  46  ? 1_555 127.9 ? 
111 O6 ? C DG 2  ? C DG 26 ? 1_555 K ? L K . ? C K 55 ? 1_555 O6 ? D DG  11 ? D DG  47  ? 1_555 78.9  ? 
112 O6 ? C DG 3  ? C DG 27 ? 1_555 K ? L K . ? C K 55 ? 1_555 O6 ? D DG  11 ? D DG  47  ? 1_555 65.4  ? 
113 O6 ? C DG 10 ? C DG 34 ? 1_555 K ? L K . ? C K 55 ? 1_555 O6 ? D DG  11 ? D DG  47  ? 1_555 73.3  ? 
114 O6 ? C DG 11 ? C DG 35 ? 1_555 K ? L K . ? C K 55 ? 1_555 O6 ? D DG  11 ? D DG  47  ? 1_555 160.1 ? 
115 O6 ? D DG 2  ? D DG 38 ? 1_555 K ? L K . ? C K 55 ? 1_555 O6 ? D DG  11 ? D DG  47  ? 1_555 109.1 ? 
116 O6 ? D DG 10 ? D DG 46 ? 1_555 K ? L K . ? C K 55 ? 1_555 O6 ? D DG  11 ? D DG  47  ? 1_555 93.3  ? 
117 O6 ? C DG 3  ? C DG 27 ? 1_555 K ? M K . ? C K 56 ? 1_555 O6 ? C DG  4  ? C DG  28  ? 1_555 70.1  ? 
118 O6 ? C DG 3  ? C DG 27 ? 1_555 K ? M K . ? C K 56 ? 1_555 O6 ? C DG  9  ? C DG  33  ? 1_555 169.5 ? 
119 O6 ? C DG 4  ? C DG 28 ? 1_555 K ? M K . ? C K 56 ? 1_555 O6 ? C DG  9  ? C DG  33  ? 1_555 120.0 ? 
120 O6 ? C DG 3  ? C DG 27 ? 1_555 K ? M K . ? C K 56 ? 1_555 O6 ? D DG  1  ? D DG  37  ? 1_555 106.3 ? 
121 O6 ? C DG 4  ? C DG 28 ? 1_555 K ? M K . ? C K 56 ? 1_555 O6 ? D DG  1  ? D DG  37  ? 1_555 77.1  ? 
122 O6 ? C DG 9  ? C DG 33 ? 1_555 K ? M K . ? C K 56 ? 1_555 O6 ? D DG  1  ? D DG  37  ? 1_555 80.1  ? 
123 O6 ? C DG 3  ? C DG 27 ? 1_555 K ? M K . ? C K 56 ? 1_555 O6 ? D DG  2  ? D DG  38  ? 1_555 72.1  ? 
124 O6 ? C DG 4  ? C DG 28 ? 1_555 K ? M K . ? C K 56 ? 1_555 O6 ? D DG  2  ? D DG  38  ? 1_555 117.4 ? 
125 O6 ? C DG 9  ? C DG 33 ? 1_555 K ? M K . ? C K 56 ? 1_555 O6 ? D DG  2  ? D DG  38  ? 1_555 103.4 ? 
126 O6 ? D DG 1  ? D DG 37 ? 1_555 K ? M K . ? C K 56 ? 1_555 O6 ? D DG  2  ? D DG  38  ? 1_555 68.1  ? 
127 O6 ? C DG 3  ? C DG 27 ? 1_555 K ? M K . ? C K 56 ? 1_555 O6 ? D DG  12 ? D DG  48  ? 1_555 110.5 ? 
128 O6 ? C DG 4  ? C DG 28 ? 1_555 K ? M K . ? C K 56 ? 1_555 O6 ? D DG  12 ? D DG  48  ? 1_555 72.9  ? 
129 O6 ? C DG 9  ? C DG 33 ? 1_555 K ? M K . ? C K 56 ? 1_555 O6 ? D DG  12 ? D DG  48  ? 1_555 72.1  ? 
130 O6 ? D DG 1  ? D DG 37 ? 1_555 K ? M K . ? C K 56 ? 1_555 O6 ? D DG  12 ? D DG  48  ? 1_555 119.7 ? 
131 O6 ? D DG 2  ? D DG 38 ? 1_555 K ? M K . ? C K 56 ? 1_555 O6 ? D DG  12 ? D DG  48  ? 1_555 169.1 ? 
132 O6 ? C DG 12 ? C DG 36 ? 1_555 K ? O K . ? D K 53 ? 1_555 O2 ? D DT  5  ? D DT  41  ? 1_555 124.4 ? 
133 O6 ? C DG 12 ? C DG 36 ? 1_555 K ? O K . ? D K 53 ? 1_555 O2 ? D DT  7  ? D DT  43  ? 1_555 156.2 ? 
134 O2 ? D DT 5  ? D DT 41 ? 1_555 K ? O K . ? D K 53 ? 1_555 O2 ? D DT  7  ? D DT  43  ? 1_555 79.1  ? 
135 O6 ? C DG 12 ? C DG 36 ? 1_555 K ? O K . ? D K 53 ? 1_555 O  ? S HOH .  ? D HOH 130 ? 1_555 94.8  ? 
136 O2 ? D DT 5  ? D DT 41 ? 1_555 K ? O K . ? D K 53 ? 1_555 O  ? S HOH .  ? D HOH 130 ? 1_555 112.9 ? 
137 O2 ? D DT 7  ? D DT 43 ? 1_555 K ? O K . ? D K 53 ? 1_555 O  ? S HOH .  ? D HOH 130 ? 1_555 77.3  ? 
# 
loop_
_pdbx_audit_revision_history.ordinal 
_pdbx_audit_revision_history.data_content_type 
_pdbx_audit_revision_history.major_revision 
_pdbx_audit_revision_history.minor_revision 
_pdbx_audit_revision_history.revision_date 
1 'Structure model' 1 0 2008-12-02 
2 'Structure model' 1 1 2011-07-13 
3 'Structure model' 1 2 2018-04-04 
4 'Structure model' 1 3 2023-09-06 
# 
_pdbx_audit_revision_details.ordinal             1 
_pdbx_audit_revision_details.revision_ordinal    1 
_pdbx_audit_revision_details.data_content_type   'Structure model' 
_pdbx_audit_revision_details.provider            repository 
_pdbx_audit_revision_details.type                'Initial release' 
_pdbx_audit_revision_details.description         ? 
_pdbx_audit_revision_details.details             ? 
# 
loop_
_pdbx_audit_revision_group.ordinal 
_pdbx_audit_revision_group.revision_ordinal 
_pdbx_audit_revision_group.data_content_type 
_pdbx_audit_revision_group.group 
1 2 'Structure model' 'Version format compliance' 
2 3 'Structure model' 'Data collection'           
3 4 'Structure model' 'Data collection'           
4 4 'Structure model' 'Database references'       
5 4 'Structure model' 'Derived calculations'      
6 4 'Structure model' 'Refinement description'    
# 
loop_
_pdbx_audit_revision_category.ordinal 
_pdbx_audit_revision_category.revision_ordinal 
_pdbx_audit_revision_category.data_content_type 
_pdbx_audit_revision_category.category 
1 3 'Structure model' diffrn_source                 
2 4 'Structure model' chem_comp_atom                
3 4 'Structure model' chem_comp_bond                
4 4 'Structure model' database_2                    
5 4 'Structure model' pdbx_initial_refinement_model 
6 4 'Structure model' struct_conn                   
7 4 'Structure model' struct_site                   
# 
loop_
_pdbx_audit_revision_item.ordinal 
_pdbx_audit_revision_item.revision_ordinal 
_pdbx_audit_revision_item.data_content_type 
_pdbx_audit_revision_item.item 
1  3 'Structure model' '_diffrn_source.type'                 
2  4 'Structure model' '_database_2.pdbx_DOI'                
3  4 'Structure model' '_database_2.pdbx_database_accession' 
4  4 'Structure model' '_struct_conn.pdbx_dist_value'        
5  4 'Structure model' '_struct_conn.ptnr1_auth_asym_id'     
6  4 'Structure model' '_struct_conn.ptnr1_auth_comp_id'     
7  4 'Structure model' '_struct_conn.ptnr1_auth_seq_id'      
8  4 'Structure model' '_struct_conn.ptnr1_label_asym_id'    
9  4 'Structure model' '_struct_conn.ptnr1_label_atom_id'    
10 4 'Structure model' '_struct_conn.ptnr1_label_comp_id'    
11 4 'Structure model' '_struct_conn.ptnr1_label_seq_id'     
12 4 'Structure model' '_struct_conn.ptnr2_auth_asym_id'     
13 4 'Structure model' '_struct_conn.ptnr2_auth_comp_id'     
14 4 'Structure model' '_struct_conn.ptnr2_auth_seq_id'      
15 4 'Structure model' '_struct_conn.ptnr2_label_asym_id'    
16 4 'Structure model' '_struct_conn.ptnr2_label_atom_id'    
17 4 'Structure model' '_struct_conn.ptnr2_label_comp_id'    
18 4 'Structure model' '_struct_conn.ptnr2_label_seq_id'     
19 4 'Structure model' '_struct_site.pdbx_auth_asym_id'      
20 4 'Structure model' '_struct_site.pdbx_auth_comp_id'      
21 4 'Structure model' '_struct_site.pdbx_auth_seq_id'       
# 
loop_
_software.name 
_software.classification 
_software.version 
_software.citation_id 
_software.pdbx_ordinal 
CrystalClear 'data collection' .        ? 1 
PHASER       phasing           .        ? 2 
REFMAC       refinement        5.2.0019 ? 3 
d*TREK       'data reduction'  .        ? 4 
d*TREK       'data scaling'    .        ? 5 
# 
loop_
_pdbx_validate_rmsd_angle.id 
_pdbx_validate_rmsd_angle.PDB_model_num 
_pdbx_validate_rmsd_angle.auth_atom_id_1 
_pdbx_validate_rmsd_angle.auth_asym_id_1 
_pdbx_validate_rmsd_angle.auth_comp_id_1 
_pdbx_validate_rmsd_angle.auth_seq_id_1 
_pdbx_validate_rmsd_angle.PDB_ins_code_1 
_pdbx_validate_rmsd_angle.label_alt_id_1 
_pdbx_validate_rmsd_angle.auth_atom_id_2 
_pdbx_validate_rmsd_angle.auth_asym_id_2 
_pdbx_validate_rmsd_angle.auth_comp_id_2 
_pdbx_validate_rmsd_angle.auth_seq_id_2 
_pdbx_validate_rmsd_angle.PDB_ins_code_2 
_pdbx_validate_rmsd_angle.label_alt_id_2 
_pdbx_validate_rmsd_angle.auth_atom_id_3 
_pdbx_validate_rmsd_angle.auth_asym_id_3 
_pdbx_validate_rmsd_angle.auth_comp_id_3 
_pdbx_validate_rmsd_angle.auth_seq_id_3 
_pdbx_validate_rmsd_angle.PDB_ins_code_3 
_pdbx_validate_rmsd_angle.label_alt_id_3 
_pdbx_validate_rmsd_angle.angle_value 
_pdbx_validate_rmsd_angle.angle_target_value 
_pdbx_validate_rmsd_angle.angle_deviation 
_pdbx_validate_rmsd_angle.angle_standard_deviation 
_pdbx_validate_rmsd_angle.linker_flag 
1  1 "O4'" A DG 2  ? ? "C1'" A DG 2  ? ? N9    A DG 2  ? ? 111.09 108.30 2.79  0.30 N 
2  1 "O5'" A DG 3  ? ? "C5'" A DG 3  ? ? "C4'" A DG 3  ? ? 103.23 109.40 -6.17 0.80 N 
3  1 "O4'" A DG 4  ? ? "C1'" A DG 4  ? ? N9    A DG 4  ? ? 103.61 108.00 -4.39 0.70 N 
4  1 "O4'" A DT 7  ? ? "C1'" A DT 7  ? ? N1    A DT 7  ? ? 111.35 108.30 3.05  0.30 N 
5  1 "C3'" A DT 8  ? ? "O3'" A DT 8  ? ? P     A DG 9  ? ? 127.04 119.70 7.34  1.20 Y 
6  1 "O4'" A DG 9  ? ? "C1'" A DG 9  ? ? N9    A DG 9  ? ? 113.76 108.30 5.46  0.30 N 
7  1 "O4'" A DG 11 ? ? "C1'" A DG 11 ? ? N9    A DG 11 ? ? 103.62 108.00 -4.38 0.70 N 
8  1 "O4'" B DG 16 ? ? "C1'" B DG 16 ? ? N9    B DG 16 ? ? 110.63 108.30 2.33  0.30 N 
9  1 "O4'" B DT 17 ? ? "C4'" B DT 17 ? ? "C3'" B DT 17 ? ? 101.42 104.50 -3.08 0.40 N 
10 1 "C1'" B DT 17 ? ? "O4'" B DT 17 ? ? "C4'" B DT 17 ? ? 103.87 110.10 -6.23 1.00 N 
11 1 "O4'" B DT 17 ? ? "C1'" B DT 17 ? ? N1    B DT 17 ? ? 111.52 108.30 3.22  0.30 N 
12 1 "C3'" B DT 17 ? ? "O3'" B DT 17 ? ? P     B DT 18 ? ? 128.46 119.70 8.76  1.20 Y 
13 1 "O4'" B DT 20 ? ? "C1'" B DT 20 ? ? N1    B DT 20 ? ? 115.47 108.30 7.17  0.30 N 
14 1 "C3'" B DG 22 ? ? "C2'" B DG 22 ? ? "C1'" B DG 22 ? ? 96.84  102.40 -5.56 0.80 N 
15 1 "O4'" B DG 23 ? ? "C1'" B DG 23 ? ? N9    B DG 23 ? ? 110.94 108.30 2.64  0.30 N 
16 1 N3    C DT 29 ? ? C4    C DT 29 ? ? O4    C DT 29 ? ? 124.40 119.90 4.50  0.60 N 
17 1 C5    C DT 29 ? ? C4    C DT 29 ? ? O4    C DT 29 ? ? 120.06 124.90 -4.84 0.70 N 
18 1 "O4'" C DG 33 ? ? "C1'" C DG 33 ? ? N9    C DG 33 ? ? 111.83 108.30 3.53  0.30 N 
19 1 "C3'" C DG 34 ? ? "O3'" C DG 34 ? ? P     C DG 35 ? ? 126.99 119.70 7.29  1.20 Y 
20 1 "O4'" D DG 37 ? ? "C1'" D DG 37 ? ? N9    D DG 37 ? ? 110.71 108.30 2.41  0.30 N 
21 1 "O4'" D DT 41 ? ? "C4'" D DT 41 ? ? "C3'" D DT 41 ? ? 101.70 104.50 -2.80 0.40 N 
22 1 "C5'" D DT 41 ? ? "C4'" D DT 41 ? ? "C3'" D DT 41 ? ? 124.56 115.70 8.86  1.20 N 
23 1 "O4'" D DT 41 ? ? "C1'" D DT 41 ? ? N1    D DT 41 ? ? 110.74 108.30 2.44  0.30 N 
24 1 "C3'" D DT 41 ? ? "O3'" D DT 41 ? ? P     D DT 42 ? ? 128.08 119.70 8.38  1.20 Y 
25 1 "O4'" D DT 43 ? ? "C1'" D DT 43 ? ? N1    D DT 43 ? ? 110.27 108.30 1.97  0.30 N 
26 1 "O4'" D DT 44 ? ? "C1'" D DT 44 ? ? N1    D DT 44 ? ? 111.53 108.30 3.23  0.30 N 
27 1 "O5'" D DG 45 ? ? "C5'" D DG 45 ? ? "C4'" D DG 45 ? ? 101.55 109.40 -7.85 0.80 N 
28 1 "O4'" D DG 45 ? ? "C1'" D DG 45 ? ? N9    D DG 45 ? ? 111.07 108.30 2.77  0.30 N 
# 
loop_
_chem_comp_atom.comp_id 
_chem_comp_atom.atom_id 
_chem_comp_atom.type_symbol 
_chem_comp_atom.pdbx_aromatic_flag 
_chem_comp_atom.pdbx_stereo_config 
_chem_comp_atom.pdbx_ordinal 
DG  OP3    O N N 1   
DG  P      P N N 2   
DG  OP1    O N N 3   
DG  OP2    O N N 4   
DG  "O5'"  O N N 5   
DG  "C5'"  C N N 6   
DG  "C4'"  C N R 7   
DG  "O4'"  O N N 8   
DG  "C3'"  C N S 9   
DG  "O3'"  O N N 10  
DG  "C2'"  C N N 11  
DG  "C1'"  C N R 12  
DG  N9     N Y N 13  
DG  C8     C Y N 14  
DG  N7     N Y N 15  
DG  C5     C Y N 16  
DG  C6     C N N 17  
DG  O6     O N N 18  
DG  N1     N N N 19  
DG  C2     C N N 20  
DG  N2     N N N 21  
DG  N3     N N N 22  
DG  C4     C Y N 23  
DG  HOP3   H N N 24  
DG  HOP2   H N N 25  
DG  "H5'"  H N N 26  
DG  "H5''" H N N 27  
DG  "H4'"  H N N 28  
DG  "H3'"  H N N 29  
DG  "HO3'" H N N 30  
DG  "H2'"  H N N 31  
DG  "H2''" H N N 32  
DG  "H1'"  H N N 33  
DG  H8     H N N 34  
DG  H1     H N N 35  
DG  H21    H N N 36  
DG  H22    H N N 37  
DT  OP3    O N N 38  
DT  P      P N N 39  
DT  OP1    O N N 40  
DT  OP2    O N N 41  
DT  "O5'"  O N N 42  
DT  "C5'"  C N N 43  
DT  "C4'"  C N R 44  
DT  "O4'"  O N N 45  
DT  "C3'"  C N S 46  
DT  "O3'"  O N N 47  
DT  "C2'"  C N N 48  
DT  "C1'"  C N R 49  
DT  N1     N N N 50  
DT  C2     C N N 51  
DT  O2     O N N 52  
DT  N3     N N N 53  
DT  C4     C N N 54  
DT  O4     O N N 55  
DT  C5     C N N 56  
DT  C7     C N N 57  
DT  C6     C N N 58  
DT  HOP3   H N N 59  
DT  HOP2   H N N 60  
DT  "H5'"  H N N 61  
DT  "H5''" H N N 62  
DT  "H4'"  H N N 63  
DT  "H3'"  H N N 64  
DT  "HO3'" H N N 65  
DT  "H2'"  H N N 66  
DT  "H2''" H N N 67  
DT  "H1'"  H N N 68  
DT  H3     H N N 69  
DT  H71    H N N 70  
DT  H72    H N N 71  
DT  H73    H N N 72  
DT  H6     H N N 73  
HOH O      O N N 74  
HOH H1     H N N 75  
HOH H2     H N N 76  
K   K      K N N 77  
NC5 O39    O N N 78  
NC5 C9     C N N 79  
NC5 C10    C N N 80  
NC5 C13    C N N 81  
NC5 N16    N N N 82  
NC5 C18    C N R 83  
NC5 C20    C N N 84  
NC5 C23    C N N 85  
NC5 C27    C N N 86  
NC5 C30    C N N 87  
NC5 C33    C N N 88  
NC5 C36    C N N 89  
NC5 N7     N N N 90  
NC5 C6     C Y N 91  
NC5 C40    C Y N 92  
NC5 C42    C Y N 93  
NC5 C4     C Y N 94  
NC5 C3     C Y N 95  
NC5 N1     N Y N 96  
NC5 C44    C Y N 97  
NC5 C45    C Y N 98  
NC5 C2     C Y N 99  
NC5 C47    C Y N 100 
NC5 C49    C Y N 101 
NC5 C51    C Y N 102 
NC5 C85    C Y N 103 
NC5 C87    C Y N 104 
NC5 N52    N N N 105 
NC5 C54    C N N 106 
NC5 O84    O N N 107 
NC5 C55    C N N 108 
NC5 C58    C N N 109 
NC5 N61    N N N 110 
NC5 C63    C N S 111 
NC5 C77    C N N 112 
NC5 C80    C N N 113 
NC5 C66    C N N 114 
NC5 C69    C N N 115 
NC5 C72    C N N 116 
NC5 C75    C N N 117 
NC5 H10    H N N 118 
NC5 H10A   H N N 119 
NC5 H13    H N N 120 
NC5 H13A   H N N 121 
NC5 H18    H N N 122 
NC5 H20    H N N 123 
NC5 H20A   H N N 124 
NC5 H23    H N N 125 
NC5 H23A   H N N 126 
NC5 H23B   H N N 127 
NC5 H27    H N N 128 
NC5 H27A   H N N 129 
NC5 H30    H N N 130 
NC5 H30A   H N N 131 
NC5 H33    H N N 132 
NC5 H33A   H N N 133 
NC5 H36    H N N 134 
NC5 H36A   H N N 135 
NC5 HN7    H N N 136 
NC5 H40    H N N 137 
NC5 H42    H N N 138 
NC5 H4     H N N 139 
NC5 H45    H N N 140 
NC5 H47    H N N 141 
NC5 H49    H N N 142 
NC5 H85    H N N 143 
NC5 HN52   H N N 144 
NC5 H55    H N N 145 
NC5 H55A   H N N 146 
NC5 H58    H N N 147 
NC5 H58A   H N N 148 
NC5 H63    H N N 149 
NC5 H77    H N N 150 
NC5 H77A   H N N 151 
NC5 H80    H N N 152 
NC5 H80A   H N N 153 
NC5 H80B   H N N 154 
NC5 H66    H N N 155 
NC5 H66A   H N N 156 
NC5 H69    H N N 157 
NC5 H69A   H N N 158 
NC5 H72    H N N 159 
NC5 H72A   H N N 160 
NC5 H75    H N N 161 
NC5 H75A   H N N 162 
NCI O39    O N N 163 
NCI C9     C N N 164 
NCI C10    C N N 165 
NCI C13    C N N 166 
NCI N16    N N N 167 
NCI C18    C N R 168 
NCI C20    C N N 169 
NCI C23    C N N 170 
NCI C27    C N N 171 
NCI C30    C N N 172 
NCI C33    C N N 173 
NCI C36    C N N 174 
NCI N7     N N N 175 
NCI C6     C Y N 176 
NCI C40    C Y N 177 
NCI C42    C Y N 178 
NCI C4     C Y N 179 
NCI C3     C Y N 180 
NCI N1     N Y N 181 
NCI C44    C Y N 182 
NCI C45    C Y N 183 
NCI C2     C Y N 184 
NCI C47    C Y N 185 
NCI C49    C Y N 186 
NCI C51    C Y N 187 
NCI C85    C Y N 188 
NCI C87    C Y N 189 
NCI N52    N N N 190 
NCI C54    C N N 191 
NCI O84    O N N 192 
NCI C55    C N N 193 
NCI C58    C N N 194 
NCI N61    N N N 195 
NCI C63    C N R 196 
NCI C77    C N N 197 
NCI C80    C N N 198 
NCI C66    C N N 199 
NCI C69    C N N 200 
NCI C72    C N N 201 
NCI C75    C N N 202 
NCI H10    H N N 203 
NCI H10A   H N N 204 
NCI H13    H N N 205 
NCI H13A   H N N 206 
NCI H18    H N N 207 
NCI H20    H N N 208 
NCI H20A   H N N 209 
NCI H23    H N N 210 
NCI H23A   H N N 211 
NCI H23B   H N N 212 
NCI H27    H N N 213 
NCI H27A   H N N 214 
NCI H30    H N N 215 
NCI H30A   H N N 216 
NCI H33    H N N 217 
NCI H33A   H N N 218 
NCI H36    H N N 219 
NCI H36A   H N N 220 
NCI HN7    H N N 221 
NCI H40    H N N 222 
NCI H42    H N N 223 
NCI H4     H N N 224 
NCI H45    H N N 225 
NCI H47    H N N 226 
NCI H49    H N N 227 
NCI H85    H N N 228 
NCI HN52   H N N 229 
NCI H55    H N N 230 
NCI H55A   H N N 231 
NCI H58    H N N 232 
NCI H58A   H N N 233 
NCI H63    H N N 234 
NCI H77    H N N 235 
NCI H77A   H N N 236 
NCI H80    H N N 237 
NCI H80A   H N N 238 
NCI H80B   H N N 239 
NCI H66    H N N 240 
NCI H66A   H N N 241 
NCI H69    H N N 242 
NCI H69A   H N N 243 
NCI H72    H N N 244 
NCI H72A   H N N 245 
NCI H75    H N N 246 
NCI H75A   H N N 247 
SPM N1     N N N 248 
SPM C2     C N N 249 
SPM C3     C N N 250 
SPM C4     C N N 251 
SPM N5     N N N 252 
SPM C6     C N N 253 
SPM C7     C N N 254 
SPM C8     C N N 255 
SPM C9     C N N 256 
SPM N10    N N N 257 
SPM C11    C N N 258 
SPM C12    C N N 259 
SPM C13    C N N 260 
SPM N14    N N N 261 
SPM HN11   H N N 262 
SPM HN12   H N N 263 
SPM H21    H N N 264 
SPM H22    H N N 265 
SPM H31    H N N 266 
SPM H32    H N N 267 
SPM H41    H N N 268 
SPM H42    H N N 269 
SPM HN5    H N N 270 
SPM H61    H N N 271 
SPM H62    H N N 272 
SPM H71    H N N 273 
SPM H72    H N N 274 
SPM H81    H N N 275 
SPM H82    H N N 276 
SPM H91    H N N 277 
SPM H92    H N N 278 
SPM HN0    H N N 279 
SPM H111   H N N 280 
SPM H112   H N N 281 
SPM H121   H N N 282 
SPM H122   H N N 283 
SPM H131   H N N 284 
SPM H132   H N N 285 
SPM HN41   H N N 286 
SPM HN42   H N N 287 
# 
loop_
_chem_comp_bond.comp_id 
_chem_comp_bond.atom_id_1 
_chem_comp_bond.atom_id_2 
_chem_comp_bond.value_order 
_chem_comp_bond.pdbx_aromatic_flag 
_chem_comp_bond.pdbx_stereo_config 
_chem_comp_bond.pdbx_ordinal 
DG  OP3   P      sing N N 1   
DG  OP3   HOP3   sing N N 2   
DG  P     OP1    doub N N 3   
DG  P     OP2    sing N N 4   
DG  P     "O5'"  sing N N 5   
DG  OP2   HOP2   sing N N 6   
DG  "O5'" "C5'"  sing N N 7   
DG  "C5'" "C4'"  sing N N 8   
DG  "C5'" "H5'"  sing N N 9   
DG  "C5'" "H5''" sing N N 10  
DG  "C4'" "O4'"  sing N N 11  
DG  "C4'" "C3'"  sing N N 12  
DG  "C4'" "H4'"  sing N N 13  
DG  "O4'" "C1'"  sing N N 14  
DG  "C3'" "O3'"  sing N N 15  
DG  "C3'" "C2'"  sing N N 16  
DG  "C3'" "H3'"  sing N N 17  
DG  "O3'" "HO3'" sing N N 18  
DG  "C2'" "C1'"  sing N N 19  
DG  "C2'" "H2'"  sing N N 20  
DG  "C2'" "H2''" sing N N 21  
DG  "C1'" N9     sing N N 22  
DG  "C1'" "H1'"  sing N N 23  
DG  N9    C8     sing Y N 24  
DG  N9    C4     sing Y N 25  
DG  C8    N7     doub Y N 26  
DG  C8    H8     sing N N 27  
DG  N7    C5     sing Y N 28  
DG  C5    C6     sing N N 29  
DG  C5    C4     doub Y N 30  
DG  C6    O6     doub N N 31  
DG  C6    N1     sing N N 32  
DG  N1    C2     sing N N 33  
DG  N1    H1     sing N N 34  
DG  C2    N2     sing N N 35  
DG  C2    N3     doub N N 36  
DG  N2    H21    sing N N 37  
DG  N2    H22    sing N N 38  
DG  N3    C4     sing N N 39  
DT  OP3   P      sing N N 40  
DT  OP3   HOP3   sing N N 41  
DT  P     OP1    doub N N 42  
DT  P     OP2    sing N N 43  
DT  P     "O5'"  sing N N 44  
DT  OP2   HOP2   sing N N 45  
DT  "O5'" "C5'"  sing N N 46  
DT  "C5'" "C4'"  sing N N 47  
DT  "C5'" "H5'"  sing N N 48  
DT  "C5'" "H5''" sing N N 49  
DT  "C4'" "O4'"  sing N N 50  
DT  "C4'" "C3'"  sing N N 51  
DT  "C4'" "H4'"  sing N N 52  
DT  "O4'" "C1'"  sing N N 53  
DT  "C3'" "O3'"  sing N N 54  
DT  "C3'" "C2'"  sing N N 55  
DT  "C3'" "H3'"  sing N N 56  
DT  "O3'" "HO3'" sing N N 57  
DT  "C2'" "C1'"  sing N N 58  
DT  "C2'" "H2'"  sing N N 59  
DT  "C2'" "H2''" sing N N 60  
DT  "C1'" N1     sing N N 61  
DT  "C1'" "H1'"  sing N N 62  
DT  N1    C2     sing N N 63  
DT  N1    C6     sing N N 64  
DT  C2    O2     doub N N 65  
DT  C2    N3     sing N N 66  
DT  N3    C4     sing N N 67  
DT  N3    H3     sing N N 68  
DT  C4    O4     doub N N 69  
DT  C4    C5     sing N N 70  
DT  C5    C7     sing N N 71  
DT  C5    C6     doub N N 72  
DT  C7    H71    sing N N 73  
DT  C7    H72    sing N N 74  
DT  C7    H73    sing N N 75  
DT  C6    H6     sing N N 76  
HOH O     H1     sing N N 77  
HOH O     H2     sing N N 78  
NC5 C9    O39    doub N N 79  
NC5 C10   C9     sing N N 80  
NC5 C9    N7     sing N N 81  
NC5 C13   C10    sing N N 82  
NC5 C10   H10    sing N N 83  
NC5 C10   H10A   sing N N 84  
NC5 N16   C13    sing N N 85  
NC5 C13   H13    sing N N 86  
NC5 C13   H13A   sing N N 87  
NC5 C18   N16    sing N N 88  
NC5 C36   N16    sing N N 89  
NC5 C27   C18    sing N N 90  
NC5 C18   C20    sing N N 91  
NC5 C18   H18    sing N N 92  
NC5 C23   C20    sing N N 93  
NC5 C20   H20    sing N N 94  
NC5 C20   H20A   sing N N 95  
NC5 C23   H23    sing N N 96  
NC5 C23   H23A   sing N N 97  
NC5 C23   H23B   sing N N 98  
NC5 C30   C27    sing N N 99  
NC5 C27   H27    sing N N 100 
NC5 C27   H27A   sing N N 101 
NC5 C30   C33    sing N N 102 
NC5 C30   H30    sing N N 103 
NC5 C30   H30A   sing N N 104 
NC5 C33   C36    sing N N 105 
NC5 C33   H33    sing N N 106 
NC5 C33   H33A   sing N N 107 
NC5 C36   H36    sing N N 108 
NC5 C36   H36A   sing N N 109 
NC5 N7    C6     sing N N 110 
NC5 N7    HN7    sing N N 111 
NC5 C6    C4     doub Y N 112 
NC5 C6    C40    sing Y N 113 
NC5 C40   C42    doub Y N 114 
NC5 C40   H40    sing N N 115 
NC5 C42   C44    sing Y N 116 
NC5 C42   H42    sing N N 117 
NC5 C4    C3     sing Y N 118 
NC5 C4    H4     sing N N 119 
NC5 C3    N1     doub Y N 120 
NC5 C3    C44    sing Y N 121 
NC5 N1    C87    sing Y N 122 
NC5 C44   C45    doub Y N 123 
NC5 C45   C2     sing Y N 124 
NC5 C45   H45    sing N N 125 
NC5 C87   C2     sing Y N 126 
NC5 C2    C47    doub Y N 127 
NC5 C47   C49    sing Y N 128 
NC5 C47   H47    sing N N 129 
NC5 C51   C49    doub Y N 130 
NC5 C49   H49    sing N N 131 
NC5 C85   C51    sing Y N 132 
NC5 C51   N52    sing N N 133 
NC5 C87   C85    doub Y N 134 
NC5 C85   H85    sing N N 135 
NC5 C54   N52    sing N N 136 
NC5 N52   HN52   sing N N 137 
NC5 O84   C54    doub N N 138 
NC5 C54   C55    sing N N 139 
NC5 C58   C55    sing N N 140 
NC5 C55   H55    sing N N 141 
NC5 C55   H55A   sing N N 142 
NC5 C58   N61    sing N N 143 
NC5 C58   H58    sing N N 144 
NC5 C58   H58A   sing N N 145 
NC5 C63   N61    sing N N 146 
NC5 N61   C75    sing N N 147 
NC5 C77   C63    sing N N 148 
NC5 C63   C66    sing N N 149 
NC5 C63   H63    sing N N 150 
NC5 C80   C77    sing N N 151 
NC5 C77   H77    sing N N 152 
NC5 C77   H77A   sing N N 153 
NC5 C80   H80    sing N N 154 
NC5 C80   H80A   sing N N 155 
NC5 C80   H80B   sing N N 156 
NC5 C66   C69    sing N N 157 
NC5 C66   H66    sing N N 158 
NC5 C66   H66A   sing N N 159 
NC5 C69   C72    sing N N 160 
NC5 C69   H69    sing N N 161 
NC5 C69   H69A   sing N N 162 
NC5 C75   C72    sing N N 163 
NC5 C72   H72    sing N N 164 
NC5 C72   H72A   sing N N 165 
NC5 C75   H75    sing N N 166 
NC5 C75   H75A   sing N N 167 
NCI C9    O39    doub N N 168 
NCI C10   C9     sing N N 169 
NCI C9    N7     sing N N 170 
NCI C13   C10    sing N N 171 
NCI C10   H10    sing N N 172 
NCI C10   H10A   sing N N 173 
NCI N16   C13    sing N N 174 
NCI C13   H13    sing N N 175 
NCI C13   H13A   sing N N 176 
NCI C18   N16    sing N N 177 
NCI C36   N16    sing N N 178 
NCI C27   C18    sing N N 179 
NCI C18   C20    sing N N 180 
NCI C18   H18    sing N N 181 
NCI C23   C20    sing N N 182 
NCI C20   H20    sing N N 183 
NCI C20   H20A   sing N N 184 
NCI C23   H23    sing N N 185 
NCI C23   H23A   sing N N 186 
NCI C23   H23B   sing N N 187 
NCI C30   C27    sing N N 188 
NCI C27   H27    sing N N 189 
NCI C27   H27A   sing N N 190 
NCI C30   C33    sing N N 191 
NCI C30   H30    sing N N 192 
NCI C30   H30A   sing N N 193 
NCI C33   C36    sing N N 194 
NCI C33   H33    sing N N 195 
NCI C33   H33A   sing N N 196 
NCI C36   H36    sing N N 197 
NCI C36   H36A   sing N N 198 
NCI N7    C6     sing N N 199 
NCI N7    HN7    sing N N 200 
NCI C6    C4     doub Y N 201 
NCI C6    C40    sing Y N 202 
NCI C40   C42    doub Y N 203 
NCI C40   H40    sing N N 204 
NCI C42   C44    sing Y N 205 
NCI C42   H42    sing N N 206 
NCI C4    C3     sing Y N 207 
NCI C4    H4     sing N N 208 
NCI C3    N1     doub Y N 209 
NCI C3    C44    sing Y N 210 
NCI N1    C87    sing Y N 211 
NCI C44   C45    doub Y N 212 
NCI C45   C2     sing Y N 213 
NCI C45   H45    sing N N 214 
NCI C87   C2     sing Y N 215 
NCI C2    C47    doub Y N 216 
NCI C47   C49    sing Y N 217 
NCI C47   H47    sing N N 218 
NCI C51   C49    doub Y N 219 
NCI C49   H49    sing N N 220 
NCI C85   C51    sing Y N 221 
NCI C51   N52    sing N N 222 
NCI C87   C85    doub Y N 223 
NCI C85   H85    sing N N 224 
NCI C54   N52    sing N N 225 
NCI N52   HN52   sing N N 226 
NCI O84   C54    doub N N 227 
NCI C54   C55    sing N N 228 
NCI C58   C55    sing N N 229 
NCI C55   H55    sing N N 230 
NCI C55   H55A   sing N N 231 
NCI C58   N61    sing N N 232 
NCI C58   H58    sing N N 233 
NCI C58   H58A   sing N N 234 
NCI C63   N61    sing N N 235 
NCI N61   C75    sing N N 236 
NCI C77   C63    sing N N 237 
NCI C63   C66    sing N N 238 
NCI C63   H63    sing N N 239 
NCI C80   C77    sing N N 240 
NCI C77   H77    sing N N 241 
NCI C77   H77A   sing N N 242 
NCI C80   H80    sing N N 243 
NCI C80   H80A   sing N N 244 
NCI C80   H80B   sing N N 245 
NCI C66   C69    sing N N 246 
NCI C66   H66    sing N N 247 
NCI C66   H66A   sing N N 248 
NCI C69   C72    sing N N 249 
NCI C69   H69    sing N N 250 
NCI C69   H69A   sing N N 251 
NCI C75   C72    sing N N 252 
NCI C72   H72    sing N N 253 
NCI C72   H72A   sing N N 254 
NCI C75   H75    sing N N 255 
NCI C75   H75A   sing N N 256 
SPM N1    C2     sing N N 257 
SPM N1    HN11   sing N N 258 
SPM N1    HN12   sing N N 259 
SPM C2    C3     sing N N 260 
SPM C2    H21    sing N N 261 
SPM C2    H22    sing N N 262 
SPM C3    C4     sing N N 263 
SPM C3    H31    sing N N 264 
SPM C3    H32    sing N N 265 
SPM C4    N5     sing N N 266 
SPM C4    H41    sing N N 267 
SPM C4    H42    sing N N 268 
SPM N5    C6     sing N N 269 
SPM N5    HN5    sing N N 270 
SPM C6    C7     sing N N 271 
SPM C6    H61    sing N N 272 
SPM C6    H62    sing N N 273 
SPM C7    C8     sing N N 274 
SPM C7    H71    sing N N 275 
SPM C7    H72    sing N N 276 
SPM C8    C9     sing N N 277 
SPM C8    H81    sing N N 278 
SPM C8    H82    sing N N 279 
SPM C9    N10    sing N N 280 
SPM C9    H91    sing N N 281 
SPM C9    H92    sing N N 282 
SPM N10   C11    sing N N 283 
SPM N10   HN0    sing N N 284 
SPM C11   C12    sing N N 285 
SPM C11   H111   sing N N 286 
SPM C11   H112   sing N N 287 
SPM C12   C13    sing N N 288 
SPM C12   H121   sing N N 289 
SPM C12   H122   sing N N 290 
SPM C13   N14    sing N N 291 
SPM C13   H131   sing N N 292 
SPM C13   H132   sing N N 293 
SPM N14   HN41   sing N N 294 
SPM N14   HN42   sing N N 295 
# 
_ndb_struct_conf_na.entry_id   3EUI 
_ndb_struct_conf_na.feature    'quadruple helix' 
# 
loop_
_pdbx_entity_nonpoly.entity_id 
_pdbx_entity_nonpoly.name 
_pdbx_entity_nonpoly.comp_id 
2 'POTASSIUM ION'                                                                                                K   
3 '3-[(2R)-2-ethylpiperidin-1-yl]-N-[6-({3-[(2S)-2-ethylpiperidin-1-yl]propanoyl}amino)acridin-3-yl]propanamide' NC5 
4 SPERMINE                                                                                                       SPM 
5 '3,6-Bis{3-[(2R)-(2-ethylpiperidino)]propionamido}acridine'                                                    NCI 
6 water                                                                                                          HOH 
# 
_pdbx_initial_refinement_model.id               1 
_pdbx_initial_refinement_model.entity_id_list   ? 
_pdbx_initial_refinement_model.type             'experimental model' 
_pdbx_initial_refinement_model.source_name      PDB 
_pdbx_initial_refinement_model.accession_code   1L1H 
_pdbx_initial_refinement_model.details          'PDB entry 1L1H' 
# 
